data_2MNW
#
_entry.id   2MNW
#
_entity_poly.entity_id   1
_entity_poly.type   'polypeptide(L)'
_entity_poly.pdbx_seq_one_letter_code
;GSTAIGMKETAAAKFERQHMDSPDLGTGGGSGDDDDKMLTPAFDLSQDPDFLTIAIRVSYARVSEFDVYFEGSDFKFYAK
PYFLRLTLPGRIVENGSEQGSYDADKGIFTIRLPKETPGQHFEGLNMLTALLA
;
_entity_poly.pdbx_strand_id   A
#
# COMPACT_ATOMS: atom_id res chain seq x y z
N MET A 38 -10.28 17.26 7.82
CA MET A 38 -9.76 15.90 7.49
C MET A 38 -8.55 15.57 8.35
N LEU A 39 -8.34 14.27 8.57
CA LEU A 39 -7.20 13.82 9.38
C LEU A 39 -6.37 12.80 8.61
N THR A 40 -5.05 12.98 8.62
CA THR A 40 -4.15 12.08 7.93
C THR A 40 -4.04 10.75 8.67
N PRO A 41 -4.44 9.65 8.02
CA PRO A 41 -4.38 8.31 8.61
C PRO A 41 -2.95 7.92 8.98
N ALA A 42 -2.78 7.27 10.13
CA ALA A 42 -1.47 6.85 10.58
C ALA A 42 -1.05 5.56 9.88
N PHE A 43 -1.07 5.59 8.55
CA PHE A 43 -0.69 4.43 7.75
C PHE A 43 0.73 4.00 8.07
N ASP A 44 1.06 2.77 7.72
CA ASP A 44 2.38 2.22 7.96
C ASP A 44 2.74 1.22 6.86
N LEU A 45 4.02 1.15 6.53
CA LEU A 45 4.47 0.23 5.49
C LEU A 45 5.53 -0.73 6.03
N SER A 46 5.40 -1.99 5.61
CA SER A 46 6.33 -3.04 6.03
C SER A 46 6.59 -3.98 4.86
N GLN A 47 7.86 -4.29 4.62
CA GLN A 47 8.22 -5.16 3.52
C GLN A 47 9.14 -6.29 3.92
N ASP A 48 8.89 -7.46 3.35
CA ASP A 48 9.69 -8.64 3.61
C ASP A 48 10.56 -8.97 2.40
N PRO A 49 11.62 -9.76 2.60
CA PRO A 49 12.55 -10.14 1.53
C PRO A 49 11.88 -10.82 0.33
N ASP A 50 10.59 -11.11 0.43
CA ASP A 50 9.87 -11.76 -0.67
C ASP A 50 8.50 -11.11 -0.92
N PHE A 51 8.24 -9.99 -0.27
CA PHE A 51 6.97 -9.28 -0.44
C PHE A 51 7.00 -7.88 0.18
N LEU A 52 5.98 -7.09 -0.13
CA LEU A 52 5.86 -5.74 0.39
C LEU A 52 4.43 -5.49 0.84
N THR A 53 4.20 -5.40 2.14
CA THR A 53 2.86 -5.19 2.67
C THR A 53 2.63 -3.73 3.02
N ILE A 54 1.39 -3.28 2.85
CA ILE A 54 1.01 -1.91 3.16
C ILE A 54 -0.16 -1.90 4.14
N ALA A 55 -0.29 -0.84 4.93
CA ALA A 55 -1.37 -0.74 5.90
C ALA A 55 -1.97 0.66 5.96
N ILE A 56 -3.27 0.74 5.70
CA ILE A 56 -3.98 2.02 5.74
C ILE A 56 -5.15 1.92 6.73
N ARG A 57 -5.19 2.83 7.70
CA ARG A 57 -6.26 2.82 8.68
C ARG A 57 -7.32 3.87 8.37
N VAL A 58 -8.55 3.41 8.14
CA VAL A 58 -9.64 4.32 7.82
C VAL A 58 -10.98 3.79 8.34
N SER A 59 -11.83 4.71 8.80
CA SER A 59 -13.15 4.36 9.32
C SER A 59 -14.25 5.13 8.61
N TYR A 60 -13.88 6.29 8.04
CA TYR A 60 -14.83 7.14 7.33
C TYR A 60 -15.18 6.58 5.96
N ALA A 61 -14.45 5.54 5.54
CA ALA A 61 -14.67 4.90 4.25
C ALA A 61 -16.09 5.14 3.72
N ARG A 62 -16.25 6.20 2.95
CA ARG A 62 -17.55 6.56 2.39
C ARG A 62 -17.84 5.76 1.12
N VAL A 63 -17.01 4.77 0.84
CA VAL A 63 -17.18 3.93 -0.34
C VAL A 63 -17.36 2.47 0.07
N SER A 64 -18.42 1.85 -0.44
CA SER A 64 -18.71 0.46 -0.12
C SER A 64 -17.52 -0.44 -0.50
N GLU A 65 -16.71 0.03 -1.43
CA GLU A 65 -15.54 -0.72 -1.88
C GLU A 65 -14.37 0.20 -2.18
N PHE A 66 -13.16 -0.33 -2.05
CA PHE A 66 -11.94 0.46 -2.30
C PHE A 66 -11.26 0.03 -3.59
N ASP A 67 -10.30 0.83 -4.03
CA ASP A 67 -9.56 0.56 -5.25
C ASP A 67 -8.05 0.62 -5.00
N VAL A 68 -7.34 -0.43 -5.40
CA VAL A 68 -5.89 -0.48 -5.22
C VAL A 68 -5.19 -0.68 -6.55
N TYR A 69 -4.24 0.20 -6.86
CA TYR A 69 -3.50 0.12 -8.12
C TYR A 69 -2.00 0.01 -7.87
N PHE A 70 -1.42 -1.11 -8.30
CA PHE A 70 0.01 -1.34 -8.15
C PHE A 70 0.62 -1.74 -9.48
N GLU A 71 1.57 -0.94 -9.94
CA GLU A 71 2.25 -1.21 -11.21
C GLU A 71 3.73 -0.88 -11.12
N GLY A 72 4.58 -1.87 -11.38
CA GLY A 72 6.01 -1.65 -11.32
C GLY A 72 6.49 -1.25 -9.94
N SER A 73 6.14 -0.03 -9.52
CA SER A 73 6.53 0.48 -8.22
C SER A 73 5.64 1.64 -7.80
N ASP A 74 4.43 1.66 -8.34
CA ASP A 74 3.48 2.72 -8.04
C ASP A 74 2.25 2.17 -7.31
N PHE A 75 2.12 2.50 -6.04
CA PHE A 75 0.98 2.04 -5.25
C PHE A 75 0.01 3.20 -5.02
N LYS A 76 -1.17 3.10 -5.62
CA LYS A 76 -2.18 4.13 -5.48
C LYS A 76 -3.47 3.56 -4.92
N PHE A 77 -3.97 4.19 -3.87
CA PHE A 77 -5.21 3.77 -3.23
C PHE A 77 -6.32 4.73 -3.61
N TYR A 78 -7.53 4.22 -3.81
CA TYR A 78 -8.66 5.05 -4.17
C TYR A 78 -9.90 4.68 -3.38
N ALA A 79 -10.21 5.49 -2.38
CA ALA A 79 -11.37 5.27 -1.53
C ALA A 79 -11.92 6.60 -1.04
N LYS A 80 -13.11 6.95 -1.50
CA LYS A 80 -13.71 8.22 -1.09
C LYS A 80 -12.68 9.34 -1.22
N PRO A 81 -13.03 10.58 -0.81
CA PRO A 81 -12.09 11.71 -0.89
C PRO A 81 -10.65 11.32 -0.59
N TYR A 82 -10.47 10.26 0.20
CA TYR A 82 -9.14 9.78 0.56
C TYR A 82 -8.37 9.29 -0.67
N PHE A 83 -7.23 9.92 -0.91
CA PHE A 83 -6.38 9.56 -2.04
C PHE A 83 -4.98 9.24 -1.55
N LEU A 84 -4.51 8.01 -1.78
CA LEU A 84 -3.19 7.61 -1.33
C LEU A 84 -2.26 7.27 -2.50
N ARG A 85 -1.21 8.06 -2.65
CA ARG A 85 -0.23 7.83 -3.70
C ARG A 85 1.14 7.57 -3.10
N LEU A 86 1.61 6.34 -3.21
CA LEU A 86 2.90 5.96 -2.66
C LEU A 86 3.81 5.36 -3.72
N THR A 87 5.04 5.86 -3.80
CA THR A 87 6.01 5.36 -4.76
C THR A 87 7.01 4.44 -4.09
N LEU A 88 6.89 3.14 -4.37
CA LEU A 88 7.79 2.15 -3.78
C LEU A 88 9.22 2.35 -4.25
N PRO A 89 10.20 2.10 -3.36
CA PRO A 89 11.62 2.25 -3.68
C PRO A 89 12.10 1.17 -4.64
N GLY A 90 11.41 0.05 -4.66
CA GLY A 90 11.78 -1.04 -5.55
C GLY A 90 10.71 -1.34 -6.58
N ARG A 91 10.44 -2.62 -6.80
CA ARG A 91 9.43 -3.02 -7.77
C ARG A 91 8.63 -4.22 -7.25
N ILE A 92 7.31 -4.13 -7.36
CA ILE A 92 6.44 -5.20 -6.92
C ILE A 92 5.71 -5.84 -8.11
N VAL A 93 5.86 -7.15 -8.26
CA VAL A 93 5.26 -7.86 -9.38
C VAL A 93 3.73 -7.90 -9.31
N GLU A 94 3.13 -8.22 -10.45
CA GLU A 94 1.68 -8.31 -10.57
C GLU A 94 1.28 -9.68 -11.10
N ASN A 95 0.38 -10.36 -10.41
CA ASN A 95 -0.06 -11.69 -10.82
C ASN A 95 -1.42 -12.08 -10.25
N GLY A 96 -2.11 -11.15 -9.57
CA GLY A 96 -3.41 -11.47 -9.01
C GLY A 96 -3.33 -12.39 -7.81
N SER A 97 -2.13 -12.84 -7.47
CA SER A 97 -1.94 -13.74 -6.33
C SER A 97 -1.88 -12.96 -5.03
N GLU A 98 -0.81 -12.19 -4.85
CA GLU A 98 -0.62 -11.38 -3.65
C GLU A 98 -1.25 -12.03 -2.43
N GLN A 99 -1.56 -11.20 -1.43
CA GLN A 99 -2.17 -11.70 -0.20
C GLN A 99 -2.45 -10.58 0.78
N GLY A 100 -3.71 -10.39 1.13
CA GLY A 100 -4.09 -9.35 2.07
C GLY A 100 -5.54 -9.46 2.51
N SER A 101 -5.98 -8.55 3.35
CA SER A 101 -7.35 -8.56 3.83
C SER A 101 -7.73 -7.23 4.46
N TYR A 102 -9.01 -6.88 4.35
CA TYR A 102 -9.52 -5.63 4.92
C TYR A 102 -10.50 -5.91 6.05
N ASP A 103 -10.33 -5.23 7.16
CA ASP A 103 -11.21 -5.42 8.32
C ASP A 103 -11.85 -4.11 8.76
N ALA A 104 -13.17 -4.11 8.84
CA ALA A 104 -13.91 -2.93 9.28
C ALA A 104 -13.95 -2.86 10.81
N ASP A 105 -14.01 -4.02 11.43
CA ASP A 105 -14.06 -4.12 12.88
C ASP A 105 -12.92 -3.35 13.53
N LYS A 106 -11.69 -3.61 13.08
CA LYS A 106 -10.53 -2.93 13.63
C LYS A 106 -10.17 -1.69 12.81
N GLY A 107 -10.80 -1.55 11.65
CA GLY A 107 -10.53 -0.40 10.80
C GLY A 107 -9.10 -0.37 10.32
N ILE A 108 -8.70 -1.40 9.56
CA ILE A 108 -7.35 -1.49 9.03
C ILE A 108 -7.30 -2.34 7.77
N PHE A 109 -6.71 -1.78 6.72
CA PHE A 109 -6.58 -2.49 5.45
C PHE A 109 -5.12 -2.84 5.18
N THR A 110 -4.82 -4.13 5.15
CA THR A 110 -3.46 -4.59 4.92
C THR A 110 -3.39 -5.50 3.70
N ILE A 111 -2.50 -5.16 2.76
CA ILE A 111 -2.34 -5.94 1.54
C ILE A 111 -0.87 -6.22 1.22
N ARG A 112 -0.52 -7.50 1.14
CA ARG A 112 0.84 -7.91 0.84
C ARG A 112 1.02 -8.11 -0.67
N LEU A 113 2.20 -7.79 -1.17
CA LEU A 113 2.47 -7.92 -2.60
C LEU A 113 3.83 -8.57 -2.85
N PRO A 114 3.93 -9.40 -3.90
CA PRO A 114 5.17 -10.09 -4.26
C PRO A 114 6.19 -9.16 -4.89
N LYS A 115 7.46 -9.56 -4.85
CA LYS A 115 8.53 -8.76 -5.42
C LYS A 115 8.88 -9.22 -6.83
N GLU A 116 9.45 -8.33 -7.61
CA GLU A 116 9.86 -8.64 -8.98
C GLU A 116 11.26 -9.22 -9.00
N THR A 117 11.95 -9.15 -7.86
CA THR A 117 13.30 -9.68 -7.74
C THR A 117 13.55 -10.21 -6.33
N PRO A 118 14.07 -11.43 -6.21
CA PRO A 118 14.37 -12.06 -4.92
C PRO A 118 15.45 -11.32 -4.13
N GLY A 119 15.26 -11.26 -2.81
CA GLY A 119 16.23 -10.58 -1.97
C GLY A 119 16.07 -9.08 -1.98
N GLN A 120 15.07 -8.60 -2.71
CA GLN A 120 14.80 -7.17 -2.82
C GLN A 120 14.10 -6.65 -1.56
N HIS A 121 14.67 -5.62 -0.95
CA HIS A 121 14.10 -5.03 0.25
C HIS A 121 13.93 -3.51 0.09
N PHE A 122 12.69 -3.06 0.23
CA PHE A 122 12.38 -1.64 0.12
C PHE A 122 12.82 -0.90 1.38
N GLU A 123 14.03 -0.37 1.37
CA GLU A 123 14.58 0.35 2.52
C GLU A 123 13.85 1.67 2.75
N GLY A 124 14.15 2.30 3.89
CA GLY A 124 13.54 3.57 4.24
C GLY A 124 12.10 3.70 3.76
N LEU A 125 11.33 2.62 3.89
CA LEU A 125 9.93 2.65 3.47
C LEU A 125 9.17 3.71 4.25
N ASN A 126 9.11 3.56 5.57
CA ASN A 126 8.41 4.53 6.42
C ASN A 126 9.29 5.74 6.71
N MET A 127 10.37 5.88 5.94
CA MET A 127 11.28 7.01 6.08
C MET A 127 11.24 7.84 4.81
N LEU A 128 11.02 7.16 3.69
CA LEU A 128 10.94 7.82 2.39
C LEU A 128 10.08 9.08 2.47
N THR A 129 9.98 9.80 1.35
CA THR A 129 9.18 11.01 1.30
C THR A 129 8.45 11.13 -0.03
N ALA A 130 7.45 12.00 -0.07
CA ALA A 130 6.66 12.20 -1.28
C ALA A 130 7.05 13.50 -1.97
N LEU A 131 7.08 13.47 -3.30
CA LEU A 131 7.42 14.66 -4.09
C LEU A 131 6.18 15.22 -4.78
N LEU A 132 6.08 16.54 -4.81
CA LEU A 132 4.94 17.19 -5.44
C LEU A 132 5.23 17.54 -6.90
N ALA A 133 4.31 17.19 -7.78
CA ALA A 133 4.47 17.46 -9.20
C ALA A 133 3.33 18.34 -9.73
N MET A 38 -12.01 14.83 9.16
CA MET A 38 -11.01 14.92 8.05
C MET A 38 -9.58 15.02 8.60
N LEU A 39 -9.07 13.89 9.09
CA LEU A 39 -7.72 13.85 9.65
C LEU A 39 -6.86 12.85 8.89
N THR A 40 -5.55 13.12 8.84
CA THR A 40 -4.62 12.25 8.15
C THR A 40 -4.43 10.93 8.89
N PRO A 41 -4.93 9.82 8.30
CA PRO A 41 -4.82 8.50 8.92
C PRO A 41 -3.38 8.13 9.26
N ALA A 42 -3.22 7.14 10.14
CA ALA A 42 -1.90 6.69 10.56
C ALA A 42 -1.47 5.45 9.80
N PHE A 43 -1.30 5.58 8.49
CA PHE A 43 -0.90 4.46 7.66
C PHE A 43 0.54 4.05 7.95
N ASP A 44 0.89 2.83 7.57
CA ASP A 44 2.24 2.31 7.79
C ASP A 44 2.62 1.33 6.69
N LEU A 45 3.90 1.25 6.38
CA LEU A 45 4.38 0.35 5.34
C LEU A 45 5.34 -0.70 5.90
N SER A 46 5.13 -1.95 5.48
CA SER A 46 5.96 -3.06 5.91
C SER A 46 6.23 -3.97 4.73
N GLN A 47 7.48 -4.37 4.54
CA GLN A 47 7.83 -5.21 3.41
C GLN A 47 8.63 -6.44 3.82
N ASP A 48 8.31 -7.56 3.19
CA ASP A 48 9.00 -8.83 3.44
C ASP A 48 10.02 -9.08 2.35
N PRO A 49 11.01 -9.95 2.61
CA PRO A 49 12.06 -10.28 1.64
C PRO A 49 11.53 -10.89 0.35
N ASP A 50 10.23 -11.19 0.33
CA ASP A 50 9.60 -11.77 -0.86
C ASP A 50 8.28 -11.07 -1.17
N PHE A 51 8.05 -9.92 -0.53
CA PHE A 51 6.83 -9.15 -0.74
C PHE A 51 6.91 -7.77 -0.10
N LEU A 52 5.90 -6.96 -0.41
CA LEU A 52 5.77 -5.61 0.12
C LEU A 52 4.33 -5.40 0.56
N THR A 53 4.10 -5.34 1.86
CA THR A 53 2.75 -5.15 2.38
C THR A 53 2.51 -3.70 2.77
N ILE A 54 1.28 -3.24 2.55
CA ILE A 54 0.91 -1.87 2.88
C ILE A 54 -0.22 -1.88 3.90
N ALA A 55 -0.31 -0.82 4.70
CA ALA A 55 -1.35 -0.75 5.73
C ALA A 55 -2.07 0.60 5.72
N ILE A 56 -3.34 0.58 5.35
CA ILE A 56 -4.15 1.79 5.31
C ILE A 56 -5.42 1.64 6.15
N ARG A 57 -5.58 2.50 7.16
CA ARG A 57 -6.75 2.44 8.02
C ARG A 57 -7.74 3.54 7.64
N VAL A 58 -8.96 3.15 7.27
CA VAL A 58 -9.98 4.11 6.89
C VAL A 58 -11.37 3.70 7.39
N SER A 59 -12.08 4.65 7.98
CA SER A 59 -13.42 4.41 8.50
C SER A 59 -14.44 5.31 7.80
N TYR A 60 -13.99 6.51 7.43
CA TYR A 60 -14.85 7.48 6.75
C TYR A 60 -15.15 7.04 5.32
N ALA A 61 -14.46 5.99 4.88
CA ALA A 61 -14.65 5.47 3.52
C ALA A 61 -16.07 5.68 3.03
N ARG A 62 -16.19 6.37 1.90
CA ARG A 62 -17.50 6.64 1.32
C ARG A 62 -17.86 5.61 0.25
N VAL A 63 -17.09 4.52 0.21
CA VAL A 63 -17.31 3.46 -0.77
C VAL A 63 -17.13 2.09 -0.13
N SER A 64 -18.00 1.16 -0.47
CA SER A 64 -17.94 -0.20 0.07
C SER A 64 -16.60 -0.85 -0.27
N GLU A 65 -16.13 -0.63 -1.49
CA GLU A 65 -14.85 -1.19 -1.94
C GLU A 65 -13.87 -0.08 -2.28
N PHE A 66 -12.60 -0.29 -1.93
CA PHE A 66 -11.56 0.69 -2.21
C PHE A 66 -10.88 0.40 -3.54
N ASP A 67 -10.08 1.34 -4.01
CA ASP A 67 -9.37 1.20 -5.26
C ASP A 67 -7.86 1.12 -5.03
N VAL A 68 -7.27 -0.01 -5.36
CA VAL A 68 -5.84 -0.22 -5.18
C VAL A 68 -5.15 -0.55 -6.49
N TYR A 69 -4.19 0.28 -6.88
CA TYR A 69 -3.46 0.07 -8.13
C TYR A 69 -1.96 0.09 -7.90
N PHE A 70 -1.28 -0.94 -8.36
CA PHE A 70 0.18 -1.03 -8.22
C PHE A 70 0.82 -1.41 -9.55
N GLU A 71 1.72 -0.55 -10.01
CA GLU A 71 2.42 -0.78 -11.28
C GLU A 71 3.89 -0.43 -11.17
N GLY A 72 4.76 -1.42 -11.39
CA GLY A 72 6.19 -1.19 -11.31
C GLY A 72 6.63 -0.77 -9.92
N SER A 73 6.28 0.45 -9.53
CA SER A 73 6.63 0.98 -8.22
C SER A 73 5.71 2.14 -7.87
N ASP A 74 4.51 2.12 -8.45
CA ASP A 74 3.53 3.17 -8.21
C ASP A 74 2.29 2.60 -7.51
N PHE A 75 2.17 2.88 -6.22
CA PHE A 75 1.04 2.40 -5.44
C PHE A 75 0.07 3.54 -5.14
N LYS A 76 -1.16 3.37 -5.60
CA LYS A 76 -2.19 4.38 -5.38
C LYS A 76 -3.41 3.76 -4.71
N PHE A 77 -3.94 4.46 -3.70
CA PHE A 77 -5.10 3.99 -2.97
C PHE A 77 -6.17 5.06 -2.89
N TYR A 78 -7.30 4.83 -3.56
CA TYR A 78 -8.39 5.79 -3.55
C TYR A 78 -9.71 5.11 -3.23
N ALA A 79 -10.47 5.72 -2.33
CA ALA A 79 -11.78 5.21 -1.94
C ALA A 79 -12.85 6.10 -2.58
N LYS A 80 -12.79 7.37 -2.22
CA LYS A 80 -13.72 8.36 -2.76
C LYS A 80 -13.17 9.77 -2.50
N PRO A 81 -13.05 10.17 -1.22
CA PRO A 81 -12.53 11.48 -0.85
C PRO A 81 -11.05 11.44 -0.47
N TYR A 82 -10.52 10.23 -0.30
CA TYR A 82 -9.13 10.08 0.10
C TYR A 82 -8.24 9.56 -1.03
N PHE A 83 -7.08 10.19 -1.20
CA PHE A 83 -6.14 9.81 -2.24
C PHE A 83 -4.76 9.47 -1.64
N LEU A 84 -4.33 8.22 -1.84
CA LEU A 84 -3.03 7.76 -1.32
C LEU A 84 -2.08 7.40 -2.45
N ARG A 85 -1.04 8.20 -2.62
CA ARG A 85 -0.04 7.94 -3.65
C ARG A 85 1.33 7.66 -3.04
N LEU A 86 1.77 6.42 -3.12
CA LEU A 86 3.06 6.03 -2.55
C LEU A 86 3.96 5.38 -3.59
N THR A 87 5.21 5.85 -3.68
CA THR A 87 6.17 5.30 -4.63
C THR A 87 7.13 4.34 -3.93
N LEU A 88 7.00 3.05 -4.25
CA LEU A 88 7.85 2.03 -3.64
C LEU A 88 9.30 2.16 -4.14
N PRO A 89 10.25 2.18 -3.20
CA PRO A 89 11.68 2.31 -3.53
C PRO A 89 12.16 1.25 -4.52
N GLY A 90 11.44 0.14 -4.59
CA GLY A 90 11.81 -0.92 -5.51
C GLY A 90 10.74 -1.19 -6.55
N ARG A 91 10.43 -2.46 -6.76
CA ARG A 91 9.41 -2.85 -7.72
C ARG A 91 8.65 -4.09 -7.27
N ILE A 92 7.34 -4.10 -7.51
CA ILE A 92 6.50 -5.23 -7.12
C ILE A 92 5.86 -5.86 -8.35
N VAL A 93 6.04 -7.17 -8.51
CA VAL A 93 5.49 -7.87 -9.67
C VAL A 93 3.97 -7.73 -9.74
N GLU A 94 3.43 -7.91 -10.94
CA GLU A 94 1.99 -7.81 -11.15
C GLU A 94 1.43 -9.10 -11.71
N ASN A 95 0.38 -9.62 -11.07
CA ASN A 95 -0.24 -10.86 -11.51
C ASN A 95 -1.62 -11.03 -10.89
N GLY A 96 -1.74 -10.69 -9.61
CA GLY A 96 -3.01 -10.81 -8.93
C GLY A 96 -3.00 -11.89 -7.85
N SER A 97 -1.86 -12.54 -7.68
CA SER A 97 -1.73 -13.59 -6.67
C SER A 97 -1.23 -13.01 -5.35
N GLU A 98 -1.61 -11.76 -5.10
CA GLU A 98 -1.20 -11.07 -3.88
C GLU A 98 -2.07 -11.50 -2.70
N GLN A 99 -1.95 -10.77 -1.59
CA GLN A 99 -2.73 -11.08 -0.40
C GLN A 99 -3.37 -9.81 0.16
N GLY A 100 -4.70 -9.83 0.28
CA GLY A 100 -5.40 -8.67 0.80
C GLY A 100 -6.24 -9.01 2.02
N SER A 101 -6.16 -8.16 3.04
CA SER A 101 -6.92 -8.37 4.27
C SER A 101 -7.32 -7.05 4.90
N TYR A 102 -8.60 -6.70 4.76
CA TYR A 102 -9.12 -5.45 5.32
C TYR A 102 -10.24 -5.74 6.32
N ASP A 103 -10.22 -5.04 7.45
CA ASP A 103 -11.23 -5.22 8.48
C ASP A 103 -11.95 -3.91 8.77
N ALA A 104 -13.28 -3.98 8.83
CA ALA A 104 -14.10 -2.82 9.11
C ALA A 104 -14.11 -2.53 10.60
N ASP A 105 -14.27 -3.59 11.40
CA ASP A 105 -14.30 -3.45 12.85
C ASP A 105 -12.99 -2.85 13.36
N LYS A 106 -11.88 -3.45 12.98
CA LYS A 106 -10.56 -2.99 13.40
C LYS A 106 -10.14 -1.76 12.58
N GLY A 107 -10.69 -1.64 11.38
CA GLY A 107 -10.36 -0.53 10.52
C GLY A 107 -8.90 -0.55 10.08
N ILE A 108 -8.51 -1.60 9.37
CA ILE A 108 -7.14 -1.73 8.88
C ILE A 108 -7.08 -2.51 7.58
N PHE A 109 -6.43 -1.92 6.59
CA PHE A 109 -6.29 -2.56 5.28
C PHE A 109 -4.84 -2.97 5.03
N THR A 110 -4.57 -4.26 5.08
CA THR A 110 -3.23 -4.78 4.86
C THR A 110 -3.16 -5.63 3.61
N ILE A 111 -2.33 -5.22 2.65
CA ILE A 111 -2.20 -5.97 1.41
C ILE A 111 -0.73 -6.25 1.07
N ARG A 112 -0.40 -7.54 0.98
CA ARG A 112 0.95 -7.96 0.65
C ARG A 112 1.12 -8.02 -0.86
N LEU A 113 2.31 -7.63 -1.34
CA LEU A 113 2.57 -7.62 -2.78
C LEU A 113 3.86 -8.37 -3.11
N PRO A 114 3.82 -9.26 -4.10
CA PRO A 114 4.98 -10.05 -4.54
C PRO A 114 6.09 -9.16 -5.12
N LYS A 115 7.33 -9.63 -5.03
CA LYS A 115 8.46 -8.88 -5.54
C LYS A 115 8.85 -9.35 -6.94
N GLU A 116 9.41 -8.42 -7.72
CA GLU A 116 9.85 -8.73 -9.07
C GLU A 116 11.25 -9.34 -9.05
N THR A 117 11.91 -9.19 -7.91
CA THR A 117 13.27 -9.72 -7.73
C THR A 117 13.47 -10.17 -6.29
N PRO A 118 13.55 -11.49 -6.06
CA PRO A 118 13.74 -12.06 -4.73
C PRO A 118 14.92 -11.44 -3.99
N GLY A 119 14.82 -11.36 -2.67
CA GLY A 119 15.89 -10.79 -1.87
C GLY A 119 15.82 -9.28 -1.83
N GLN A 120 14.85 -8.70 -2.53
CA GLN A 120 14.68 -7.25 -2.56
C GLN A 120 14.00 -6.75 -1.29
N HIS A 121 14.56 -5.71 -0.69
CA HIS A 121 13.99 -5.14 0.54
C HIS A 121 13.77 -3.64 0.39
N PHE A 122 12.53 -3.20 0.53
CA PHE A 122 12.19 -1.79 0.43
C PHE A 122 12.59 -1.06 1.71
N GLU A 123 13.81 -0.55 1.73
CA GLU A 123 14.33 0.17 2.90
C GLU A 123 13.71 1.54 3.06
N GLY A 124 14.04 2.19 4.17
CA GLY A 124 13.55 3.52 4.47
C GLY A 124 12.13 3.78 3.97
N LEU A 125 11.27 2.78 4.06
CA LEU A 125 9.89 2.94 3.59
C LEU A 125 9.19 4.03 4.38
N ASN A 126 9.02 3.83 5.69
CA ASN A 126 8.37 4.81 6.54
C ASN A 126 9.37 5.85 7.01
N MET A 127 10.58 5.78 6.46
CA MET A 127 11.64 6.73 6.78
C MET A 127 11.94 7.57 5.56
N LEU A 128 11.02 7.53 4.60
CA LEU A 128 11.14 8.27 3.36
C LEU A 128 10.37 9.58 3.45
N THR A 129 10.43 10.40 2.41
CA THR A 129 9.72 11.67 2.39
C THR A 129 8.58 11.64 1.39
N ALA A 130 7.78 12.70 1.37
CA ALA A 130 6.64 12.78 0.46
C ALA A 130 7.00 13.55 -0.81
N LEU A 131 6.97 12.86 -1.94
CA LEU A 131 7.28 13.48 -3.23
C LEU A 131 6.00 13.74 -4.01
N LEU A 132 5.66 15.01 -4.19
CA LEU A 132 4.46 15.38 -4.91
C LEU A 132 4.75 15.63 -6.38
N ALA A 133 3.81 15.24 -7.25
CA ALA A 133 3.97 15.42 -8.68
C ALA A 133 4.92 14.38 -9.26
N MET A 38 -9.97 17.45 9.63
CA MET A 38 -9.88 15.99 9.92
C MET A 38 -8.43 15.57 10.17
N LEU A 39 -8.25 14.50 10.94
CA LEU A 39 -6.92 14.00 11.24
C LEU A 39 -6.56 12.81 10.36
N THR A 40 -5.60 13.03 9.44
CA THR A 40 -5.16 11.98 8.54
C THR A 40 -4.99 10.66 9.29
N PRO A 41 -5.21 9.53 8.60
CA PRO A 41 -5.07 8.21 9.21
C PRO A 41 -3.63 7.89 9.57
N ALA A 42 -3.43 6.78 10.27
CA ALA A 42 -2.09 6.37 10.68
C ALA A 42 -1.64 5.12 9.94
N PHE A 43 -1.58 5.21 8.62
CA PHE A 43 -1.18 4.08 7.80
C PHE A 43 0.26 3.66 8.13
N ASP A 44 0.61 2.43 7.78
CA ASP A 44 1.93 1.91 8.04
C ASP A 44 2.39 1.00 6.91
N LEU A 45 3.68 1.04 6.59
CA LEU A 45 4.23 0.22 5.52
C LEU A 45 5.26 -0.77 6.05
N SER A 46 5.16 -2.01 5.60
CA SER A 46 6.08 -3.07 6.01
C SER A 46 6.41 -3.92 4.79
N GLN A 47 7.69 -4.21 4.60
CA GLN A 47 8.10 -5.00 3.45
C GLN A 47 9.03 -6.15 3.84
N ASP A 48 8.81 -7.28 3.17
CA ASP A 48 9.61 -8.48 3.38
C ASP A 48 10.49 -8.71 2.16
N PRO A 49 11.57 -9.48 2.31
CA PRO A 49 12.50 -9.78 1.21
C PRO A 49 11.85 -10.53 0.06
N ASP A 50 10.57 -10.86 0.18
CA ASP A 50 9.86 -11.57 -0.89
C ASP A 50 8.48 -10.96 -1.14
N PHE A 51 8.17 -9.86 -0.46
CA PHE A 51 6.87 -9.20 -0.62
C PHE A 51 6.85 -7.80 0.00
N LEU A 52 5.81 -7.06 -0.34
CA LEU A 52 5.60 -5.71 0.18
C LEU A 52 4.15 -5.55 0.61
N THR A 53 3.90 -5.43 1.90
CA THR A 53 2.54 -5.29 2.39
C THR A 53 2.28 -3.88 2.90
N ILE A 54 1.13 -3.34 2.54
CA ILE A 54 0.74 -2.00 2.95
C ILE A 54 -0.40 -2.06 3.96
N ALA A 55 -0.48 -1.05 4.82
CA ALA A 55 -1.54 -1.01 5.84
C ALA A 55 -2.11 0.39 6.00
N ILE A 56 -3.41 0.51 5.74
CA ILE A 56 -4.09 1.80 5.87
C ILE A 56 -5.29 1.68 6.81
N ARG A 57 -5.37 2.59 7.77
CA ARG A 57 -6.47 2.58 8.73
C ARG A 57 -7.46 3.71 8.48
N VAL A 58 -8.71 3.33 8.20
CA VAL A 58 -9.76 4.31 7.92
C VAL A 58 -11.11 3.83 8.44
N SER A 59 -11.78 4.68 9.21
CA SER A 59 -13.08 4.36 9.77
C SER A 59 -14.19 5.10 9.02
N TYR A 60 -13.90 6.33 8.62
CA TYR A 60 -14.85 7.15 7.90
C TYR A 60 -15.15 6.56 6.52
N ALA A 61 -14.37 5.56 6.14
CA ALA A 61 -14.52 4.89 4.84
C ALA A 61 -15.94 5.05 4.30
N ARG A 62 -16.04 5.69 3.14
CA ARG A 62 -17.32 5.92 2.50
C ARG A 62 -17.57 4.90 1.41
N VAL A 63 -16.81 4.99 0.33
CA VAL A 63 -16.95 4.05 -0.77
C VAL A 63 -17.10 2.63 -0.25
N SER A 64 -18.16 1.96 -0.65
CA SER A 64 -18.42 0.59 -0.22
C SER A 64 -17.27 -0.33 -0.62
N GLU A 65 -16.49 0.11 -1.61
CA GLU A 65 -15.36 -0.66 -2.09
C GLU A 65 -14.15 0.25 -2.32
N PHE A 66 -12.97 -0.30 -2.13
CA PHE A 66 -11.73 0.46 -2.31
C PHE A 66 -11.05 0.08 -3.62
N ASP A 67 -10.08 0.89 -4.03
CA ASP A 67 -9.34 0.64 -5.26
C ASP A 67 -7.84 0.57 -5.00
N VAL A 68 -7.22 -0.52 -5.46
CA VAL A 68 -5.79 -0.71 -5.28
C VAL A 68 -5.10 -0.92 -6.62
N TYR A 69 -4.14 -0.05 -6.94
CA TYR A 69 -3.41 -0.14 -8.20
C TYR A 69 -1.90 -0.13 -7.96
N PHE A 70 -1.24 -1.18 -8.45
CA PHE A 70 0.21 -1.31 -8.29
C PHE A 70 0.86 -1.71 -9.61
N GLU A 71 1.85 -0.93 -10.03
CA GLU A 71 2.56 -1.22 -11.28
C GLU A 71 4.06 -0.97 -11.13
N GLY A 72 4.87 -2.01 -11.33
CA GLY A 72 6.30 -1.87 -11.23
C GLY A 72 6.75 -1.48 -9.83
N SER A 73 6.41 -0.27 -9.43
CA SER A 73 6.77 0.22 -8.10
C SER A 73 5.91 1.43 -7.72
N ASP A 74 4.72 1.49 -8.30
CA ASP A 74 3.79 2.58 -8.04
C ASP A 74 2.54 2.05 -7.36
N PHE A 75 2.42 2.28 -6.06
CA PHE A 75 1.26 1.84 -5.30
C PHE A 75 0.28 2.98 -5.10
N LYS A 76 -0.89 2.87 -5.74
CA LYS A 76 -1.91 3.91 -5.63
C LYS A 76 -3.18 3.36 -5.01
N PHE A 77 -3.54 3.91 -3.85
CA PHE A 77 -4.74 3.50 -3.13
C PHE A 77 -5.84 4.55 -3.35
N TYR A 78 -7.08 4.09 -3.47
CA TYR A 78 -8.20 4.99 -3.67
C TYR A 78 -9.41 4.59 -2.82
N ALA A 79 -9.74 5.43 -1.84
CA ALA A 79 -10.87 5.18 -0.97
C ALA A 79 -11.56 6.48 -0.61
N LYS A 80 -12.70 6.75 -1.22
CA LYS A 80 -13.42 7.99 -0.94
C LYS A 80 -12.42 9.15 -0.93
N PRO A 81 -12.77 10.33 -0.37
CA PRO A 81 -11.85 11.48 -0.35
C PRO A 81 -10.40 11.11 -0.03
N TYR A 82 -10.21 9.96 0.62
CA TYR A 82 -8.88 9.50 0.97
C TYR A 82 -8.12 9.00 -0.25
N PHE A 83 -6.96 9.59 -0.50
CA PHE A 83 -6.13 9.20 -1.63
C PHE A 83 -4.69 8.95 -1.18
N LEU A 84 -4.17 7.76 -1.49
CA LEU A 84 -2.81 7.42 -1.09
C LEU A 84 -1.95 7.04 -2.29
N ARG A 85 -0.90 7.82 -2.52
CA ARG A 85 0.03 7.56 -3.61
C ARG A 85 1.42 7.28 -3.04
N LEU A 86 1.89 6.05 -3.19
CA LEU A 86 3.19 5.67 -2.65
C LEU A 86 4.11 5.10 -3.73
N THR A 87 5.34 5.61 -3.77
CA THR A 87 6.34 5.14 -4.73
C THR A 87 7.27 4.13 -4.08
N LEU A 88 7.10 2.86 -4.46
CA LEU A 88 7.91 1.79 -3.90
C LEU A 88 9.38 1.92 -4.33
N PRO A 89 10.29 1.92 -3.35
CA PRO A 89 11.73 2.04 -3.61
C PRO A 89 12.25 0.94 -4.54
N GLY A 90 11.56 -0.19 -4.54
CA GLY A 90 11.97 -1.30 -5.38
C GLY A 90 10.95 -1.59 -6.47
N ARG A 91 10.71 -2.87 -6.74
CA ARG A 91 9.77 -3.26 -7.77
C ARG A 91 8.89 -4.43 -7.31
N ILE A 92 7.58 -4.26 -7.44
CA ILE A 92 6.64 -5.30 -7.07
C ILE A 92 5.96 -5.86 -8.31
N VAL A 93 6.06 -7.18 -8.50
CA VAL A 93 5.47 -7.82 -9.67
C VAL A 93 3.96 -7.67 -9.73
N GLU A 94 3.41 -7.81 -10.93
CA GLU A 94 1.98 -7.71 -11.14
C GLU A 94 1.43 -8.98 -11.79
N ASN A 95 0.38 -9.53 -11.21
CA ASN A 95 -0.23 -10.75 -11.74
C ASN A 95 -1.62 -10.97 -11.13
N GLY A 96 -1.76 -10.64 -9.85
CA GLY A 96 -3.04 -10.82 -9.19
C GLY A 96 -3.00 -11.91 -8.13
N SER A 97 -1.80 -12.40 -7.82
CA SER A 97 -1.65 -13.45 -6.82
C SER A 97 -1.26 -12.84 -5.47
N GLU A 98 -1.78 -11.65 -5.20
CA GLU A 98 -1.49 -10.94 -3.96
C GLU A 98 -2.45 -11.40 -2.85
N GLN A 99 -2.37 -10.72 -1.71
CA GLN A 99 -3.23 -11.04 -0.57
C GLN A 99 -3.86 -9.78 0.00
N GLY A 100 -5.19 -9.76 0.04
CA GLY A 100 -5.90 -8.61 0.57
C GLY A 100 -6.84 -8.97 1.70
N SER A 101 -6.81 -8.18 2.77
CA SER A 101 -7.66 -8.40 3.93
C SER A 101 -7.94 -7.09 4.66
N TYR A 102 -9.17 -6.60 4.55
CA TYR A 102 -9.56 -5.36 5.20
C TYR A 102 -10.47 -5.62 6.39
N ASP A 103 -10.24 -4.87 7.47
CA ASP A 103 -11.05 -5.01 8.68
C ASP A 103 -11.82 -3.72 8.95
N ALA A 104 -13.14 -3.79 8.83
CA ALA A 104 -14.00 -2.63 9.07
C ALA A 104 -14.05 -2.27 10.54
N ASP A 105 -14.41 -3.24 11.37
CA ASP A 105 -14.51 -3.02 12.81
C ASP A 105 -13.20 -2.43 13.36
N LYS A 106 -12.08 -2.99 12.92
CA LYS A 106 -10.78 -2.51 13.37
C LYS A 106 -10.32 -1.34 12.51
N GLY A 107 -10.81 -1.28 11.28
CA GLY A 107 -10.44 -0.20 10.39
C GLY A 107 -8.98 -0.28 9.95
N ILE A 108 -8.63 -1.34 9.22
CA ILE A 108 -7.27 -1.52 8.76
C ILE A 108 -7.22 -2.39 7.50
N PHE A 109 -6.71 -1.81 6.41
CA PHE A 109 -6.60 -2.55 5.15
C PHE A 109 -5.15 -2.99 4.92
N THR A 110 -4.91 -4.29 5.02
CA THR A 110 -3.58 -4.83 4.82
C THR A 110 -3.52 -5.73 3.59
N ILE A 111 -2.64 -5.38 2.64
CA ILE A 111 -2.52 -6.16 1.41
C ILE A 111 -1.06 -6.47 1.07
N ARG A 112 -0.75 -7.77 0.98
CA ARG A 112 0.60 -8.21 0.65
C ARG A 112 0.81 -8.30 -0.85
N LEU A 113 2.02 -7.97 -1.30
CA LEU A 113 2.35 -7.99 -2.72
C LEU A 113 3.69 -8.68 -2.98
N PRO A 114 3.84 -9.31 -4.16
CA PRO A 114 5.05 -10.00 -4.55
C PRO A 114 6.09 -9.09 -5.20
N LYS A 115 7.35 -9.49 -5.17
CA LYS A 115 8.42 -8.69 -5.75
C LYS A 115 8.85 -9.22 -7.11
N GLU A 116 9.44 -8.34 -7.91
CA GLU A 116 9.91 -8.71 -9.25
C GLU A 116 11.36 -9.19 -9.20
N THR A 117 11.97 -9.08 -8.03
CA THR A 117 13.36 -9.50 -7.85
C THR A 117 13.64 -9.80 -6.38
N PRO A 118 13.43 -11.05 -5.96
CA PRO A 118 13.65 -11.48 -4.58
C PRO A 118 14.94 -10.94 -3.99
N GLY A 119 14.97 -10.81 -2.67
CA GLY A 119 16.15 -10.31 -1.98
C GLY A 119 16.17 -8.80 -1.90
N GLN A 120 15.28 -8.15 -2.62
CA GLN A 120 15.21 -6.69 -2.61
C GLN A 120 14.43 -6.20 -1.39
N HIS A 121 14.94 -5.15 -0.75
CA HIS A 121 14.30 -4.59 0.43
C HIS A 121 14.05 -3.10 0.25
N PHE A 122 12.78 -2.70 0.26
CA PHE A 122 12.41 -1.31 0.09
C PHE A 122 12.76 -0.52 1.35
N GLU A 123 13.94 0.09 1.35
CA GLU A 123 14.41 0.86 2.49
C GLU A 123 13.71 2.22 2.61
N GLY A 124 14.02 2.91 3.69
CA GLY A 124 13.47 4.24 3.95
C GLY A 124 12.03 4.42 3.50
N LEU A 125 11.21 3.38 3.62
CA LEU A 125 9.82 3.48 3.21
C LEU A 125 9.11 4.60 3.99
N ASN A 126 9.02 4.42 5.32
CA ASN A 126 8.39 5.40 6.18
C ASN A 126 9.41 6.43 6.66
N MET A 127 10.60 6.37 6.07
CA MET A 127 11.67 7.31 6.40
C MET A 127 12.04 8.11 5.15
N LEU A 128 11.13 8.10 4.19
CA LEU A 128 11.32 8.80 2.93
C LEU A 128 10.76 10.22 3.01
N THR A 129 10.89 10.98 1.93
CA THR A 129 10.37 12.35 1.89
C THR A 129 9.62 12.60 0.60
N ALA A 130 8.99 13.76 0.49
CA ALA A 130 8.24 14.10 -0.72
C ALA A 130 9.12 14.84 -1.72
N LEU A 131 9.03 14.43 -2.98
CA LEU A 131 9.82 15.06 -4.04
C LEU A 131 8.93 15.58 -5.15
N LEU A 132 9.08 16.86 -5.48
CA LEU A 132 8.27 17.48 -6.52
C LEU A 132 9.05 17.52 -7.84
N ALA A 133 8.56 16.75 -8.81
CA ALA A 133 9.20 16.70 -10.12
C ALA A 133 8.16 16.66 -11.23
N MET A 38 -11.65 13.70 7.57
CA MET A 38 -11.68 14.55 8.78
C MET A 38 -10.35 14.55 9.51
N LEU A 39 -9.83 13.36 9.78
CA LEU A 39 -8.55 13.23 10.47
C LEU A 39 -7.57 12.40 9.65
N THR A 40 -6.32 12.86 9.61
CA THR A 40 -5.28 12.17 8.87
C THR A 40 -5.16 10.71 9.28
N PRO A 41 -5.15 9.79 8.30
CA PRO A 41 -5.03 8.36 8.55
C PRO A 41 -3.63 7.96 8.99
N ALA A 42 -3.54 7.11 10.00
CA ALA A 42 -2.24 6.66 10.52
C ALA A 42 -1.81 5.36 9.86
N PHE A 43 -1.71 5.38 8.53
CA PHE A 43 -1.29 4.19 7.79
C PHE A 43 0.19 3.92 7.99
N ASP A 44 0.65 2.76 7.54
CA ASP A 44 2.05 2.39 7.66
C ASP A 44 2.43 1.34 6.63
N LEU A 45 3.73 1.15 6.41
CA LEU A 45 4.21 0.18 5.44
C LEU A 45 5.25 -0.76 6.03
N SER A 46 5.17 -2.03 5.64
CA SER A 46 6.09 -3.06 6.09
C SER A 46 6.44 -3.97 4.92
N GLN A 47 7.72 -4.26 4.75
CA GLN A 47 8.15 -5.09 3.63
C GLN A 47 9.07 -6.23 4.05
N ASP A 48 8.91 -7.36 3.37
CA ASP A 48 9.71 -8.55 3.62
C ASP A 48 10.64 -8.81 2.44
N PRO A 49 11.70 -9.60 2.65
CA PRO A 49 12.67 -9.94 1.60
C PRO A 49 12.09 -10.72 0.43
N ASP A 50 10.79 -11.02 0.49
CA ASP A 50 10.13 -11.75 -0.59
C ASP A 50 8.76 -11.13 -0.92
N PHE A 51 8.47 -10.00 -0.30
CA PHE A 51 7.19 -9.30 -0.53
C PHE A 51 7.19 -7.91 0.07
N LEU A 52 6.17 -7.15 -0.28
CA LEU A 52 5.97 -5.80 0.23
C LEU A 52 4.51 -5.65 0.65
N THR A 53 4.27 -5.36 1.93
CA THR A 53 2.91 -5.22 2.41
C THR A 53 2.60 -3.77 2.78
N ILE A 54 1.33 -3.40 2.63
CA ILE A 54 0.89 -2.06 2.95
C ILE A 54 -0.26 -2.10 3.94
N ALA A 55 -0.40 -1.05 4.77
CA ALA A 55 -1.46 -1.00 5.77
C ALA A 55 -2.08 0.39 5.88
N ILE A 56 -3.39 0.47 5.67
CA ILE A 56 -4.12 1.73 5.76
C ILE A 56 -5.28 1.63 6.74
N ARG A 57 -5.40 2.60 7.65
CA ARG A 57 -6.47 2.60 8.62
C ARG A 57 -7.49 3.71 8.31
N VAL A 58 -8.73 3.31 8.05
CA VAL A 58 -9.78 4.28 7.72
C VAL A 58 -11.14 3.85 8.27
N SER A 59 -11.86 4.80 8.84
CA SER A 59 -13.19 4.54 9.38
C SER A 59 -14.24 5.29 8.57
N TYR A 60 -13.88 6.49 8.11
CA TYR A 60 -14.76 7.32 7.31
C TYR A 60 -15.08 6.65 5.96
N ALA A 61 -14.35 5.58 5.67
CA ALA A 61 -14.52 4.83 4.42
C ALA A 61 -15.89 5.05 3.81
N ARG A 62 -16.02 6.11 3.01
CA ARG A 62 -17.28 6.42 2.35
C ARG A 62 -17.62 5.37 1.29
N VAL A 63 -16.87 5.39 0.19
CA VAL A 63 -17.09 4.45 -0.89
C VAL A 63 -17.13 3.02 -0.37
N SER A 64 -18.08 2.23 -0.88
CA SER A 64 -18.23 0.84 -0.47
C SER A 64 -16.99 0.02 -0.80
N GLU A 65 -16.43 0.26 -1.98
CA GLU A 65 -15.23 -0.45 -2.42
C GLU A 65 -14.09 0.51 -2.70
N PHE A 66 -12.87 0.11 -2.36
CA PHE A 66 -11.70 0.95 -2.58
C PHE A 66 -10.98 0.56 -3.86
N ASP A 67 -10.10 1.43 -4.33
CA ASP A 67 -9.34 1.18 -5.55
C ASP A 67 -7.86 1.00 -5.24
N VAL A 68 -7.34 -0.19 -5.55
CA VAL A 68 -5.94 -0.49 -5.31
C VAL A 68 -5.22 -0.84 -6.60
N TYR A 69 -4.28 0.01 -7.00
CA TYR A 69 -3.52 -0.21 -8.23
C TYR A 69 -2.02 -0.17 -7.96
N PHE A 70 -1.33 -1.25 -8.35
CA PHE A 70 0.11 -1.32 -8.15
C PHE A 70 0.82 -1.59 -9.48
N GLU A 71 1.64 -0.63 -9.91
CA GLU A 71 2.38 -0.75 -11.16
C GLU A 71 3.82 -0.26 -11.01
N GLY A 72 4.77 -1.14 -11.29
CA GLY A 72 6.16 -0.78 -11.18
C GLY A 72 6.48 0.04 -9.95
N SER A 73 6.22 -0.53 -8.78
CA SER A 73 6.49 0.14 -7.51
C SER A 73 5.62 1.38 -7.36
N ASP A 74 4.50 1.41 -8.07
CA ASP A 74 3.57 2.54 -7.99
C ASP A 74 2.28 2.10 -7.31
N PHE A 75 2.12 2.49 -6.06
CA PHE A 75 0.93 2.12 -5.29
C PHE A 75 -0.07 3.28 -5.21
N LYS A 76 -1.22 3.11 -5.85
CA LYS A 76 -2.26 4.14 -5.84
C LYS A 76 -3.53 3.63 -5.17
N PHE A 77 -3.83 4.21 -4.01
CA PHE A 77 -5.02 3.83 -3.25
C PHE A 77 -6.08 4.93 -3.31
N TYR A 78 -7.18 4.66 -4.01
CA TYR A 78 -8.25 5.64 -4.13
C TYR A 78 -9.51 5.17 -3.42
N ALA A 79 -9.80 5.79 -2.28
CA ALA A 79 -10.98 5.45 -1.50
C ALA A 79 -11.65 6.74 -1.03
N LYS A 80 -12.89 6.96 -1.45
CA LYS A 80 -13.60 8.18 -1.07
C LYS A 80 -12.65 9.37 -1.23
N PRO A 81 -13.03 10.56 -0.73
CA PRO A 81 -12.18 11.75 -0.84
C PRO A 81 -10.71 11.49 -0.45
N TYR A 82 -10.46 10.36 0.21
CA TYR A 82 -9.11 9.99 0.63
C TYR A 82 -8.31 9.39 -0.52
N PHE A 83 -7.14 9.97 -0.77
CA PHE A 83 -6.27 9.49 -1.84
C PHE A 83 -4.87 9.22 -1.29
N LEU A 84 -4.39 7.99 -1.46
CA LEU A 84 -3.08 7.62 -0.97
C LEU A 84 -2.15 7.21 -2.11
N ARG A 85 -1.16 8.05 -2.38
CA ARG A 85 -0.19 7.79 -3.45
C ARG A 85 1.18 7.53 -2.84
N LEU A 86 1.64 6.29 -2.93
CA LEU A 86 2.93 5.92 -2.36
C LEU A 86 3.82 5.23 -3.39
N THR A 87 5.06 5.70 -3.49
CA THR A 87 6.03 5.13 -4.42
C THR A 87 7.05 4.28 -3.67
N LEU A 88 7.03 2.97 -3.94
CA LEU A 88 7.93 2.05 -3.28
C LEU A 88 9.31 2.04 -3.94
N PRO A 89 10.37 1.81 -3.13
CA PRO A 89 11.75 1.77 -3.63
C PRO A 89 11.98 0.59 -4.57
N GLY A 90 11.09 -0.38 -4.53
CA GLY A 90 11.20 -1.54 -5.40
C GLY A 90 9.88 -1.96 -5.99
N ARG A 91 9.86 -2.26 -7.28
CA ARG A 91 8.63 -2.64 -7.97
C ARG A 91 8.07 -3.95 -7.43
N ILE A 92 6.81 -4.21 -7.75
CA ILE A 92 6.13 -5.42 -7.31
C ILE A 92 5.59 -6.18 -8.53
N VAL A 93 5.88 -7.47 -8.61
CA VAL A 93 5.43 -8.28 -9.75
C VAL A 93 3.92 -8.19 -9.94
N GLU A 94 3.49 -8.33 -11.18
CA GLU A 94 2.08 -8.25 -11.51
C GLU A 94 1.52 -9.62 -11.88
N ASN A 95 0.52 -10.06 -11.12
CA ASN A 95 -0.12 -11.35 -11.37
C ASN A 95 -1.55 -11.36 -10.86
N GLY A 96 -1.76 -10.75 -9.69
CA GLY A 96 -3.09 -10.69 -9.12
C GLY A 96 -3.22 -11.53 -7.86
N SER A 97 -2.32 -12.50 -7.70
CA SER A 97 -2.35 -13.37 -6.53
C SER A 97 -2.22 -12.56 -5.25
N GLU A 98 -1.07 -11.92 -5.08
CA GLU A 98 -0.81 -11.09 -3.90
C GLU A 98 -1.61 -11.57 -2.69
N GLN A 99 -2.04 -10.64 -1.85
CA GLN A 99 -2.82 -10.97 -0.67
C GLN A 99 -3.42 -9.72 -0.05
N GLY A 100 -4.62 -9.86 0.52
CA GLY A 100 -5.29 -8.72 1.13
C GLY A 100 -6.26 -9.11 2.22
N SER A 101 -6.36 -8.26 3.25
CA SER A 101 -7.27 -8.52 4.36
C SER A 101 -7.88 -7.22 4.86
N TYR A 102 -9.18 -7.06 4.62
CA TYR A 102 -9.89 -5.86 5.04
C TYR A 102 -10.57 -6.05 6.39
N ASP A 103 -10.06 -5.36 7.41
CA ASP A 103 -10.62 -5.45 8.75
C ASP A 103 -11.38 -4.18 9.11
N ALA A 104 -12.69 -4.30 9.25
CA ALA A 104 -13.54 -3.17 9.60
C ALA A 104 -13.51 -2.91 11.10
N ASP A 105 -13.55 -4.00 11.88
CA ASP A 105 -13.53 -3.90 13.32
C ASP A 105 -12.29 -3.14 13.79
N LYS A 106 -11.12 -3.59 13.32
CA LYS A 106 -9.86 -2.96 13.68
C LYS A 106 -9.60 -1.72 12.84
N GLY A 107 -10.27 -1.63 11.69
CA GLY A 107 -10.09 -0.50 10.82
C GLY A 107 -8.69 -0.45 10.24
N ILE A 108 -8.34 -1.46 9.47
CA ILE A 108 -7.01 -1.54 8.86
C ILE A 108 -7.01 -2.46 7.64
N PHE A 109 -6.48 -1.95 6.54
CA PHE A 109 -6.39 -2.71 5.30
C PHE A 109 -4.95 -3.16 5.03
N THR A 110 -4.71 -4.45 5.16
CA THR A 110 -3.37 -5.01 4.95
C THR A 110 -3.34 -5.89 3.71
N ILE A 111 -2.50 -5.52 2.73
CA ILE A 111 -2.37 -6.28 1.50
C ILE A 111 -0.90 -6.57 1.17
N ARG A 112 -0.56 -7.85 1.09
CA ARG A 112 0.80 -8.28 0.76
C ARG A 112 1.00 -8.34 -0.75
N LEU A 113 2.21 -8.02 -1.19
CA LEU A 113 2.53 -8.02 -2.61
C LEU A 113 3.88 -8.69 -2.90
N PRO A 114 3.93 -9.59 -3.91
CA PRO A 114 5.17 -10.28 -4.29
C PRO A 114 6.13 -9.35 -5.04
N LYS A 115 7.43 -9.59 -4.90
CA LYS A 115 8.43 -8.76 -5.56
C LYS A 115 8.79 -9.27 -6.95
N GLU A 116 9.29 -8.36 -7.78
CA GLU A 116 9.70 -8.69 -9.14
C GLU A 116 11.17 -9.09 -9.16
N THR A 117 11.90 -8.69 -8.14
CA THR A 117 13.32 -9.00 -8.02
C THR A 117 13.63 -9.54 -6.62
N PRO A 118 13.54 -10.87 -6.44
CA PRO A 118 13.80 -11.52 -5.17
C PRO A 118 15.03 -10.95 -4.47
N GLY A 119 14.95 -10.82 -3.15
CA GLY A 119 16.06 -10.31 -2.38
C GLY A 119 16.02 -8.80 -2.21
N GLN A 120 15.05 -8.15 -2.86
CA GLN A 120 14.92 -6.70 -2.77
C GLN A 120 14.22 -6.31 -1.48
N HIS A 121 14.79 -5.37 -0.75
CA HIS A 121 14.22 -4.92 0.51
C HIS A 121 14.03 -3.40 0.52
N PHE A 122 12.80 -2.97 0.77
CA PHE A 122 12.49 -1.56 0.82
C PHE A 122 12.71 -1.02 2.24
N GLU A 123 13.89 -0.49 2.49
CA GLU A 123 14.25 0.01 3.81
C GLU A 123 13.34 1.15 4.29
N GLY A 124 12.78 0.96 5.49
CA GLY A 124 11.92 1.96 6.09
C GLY A 124 11.08 2.74 5.11
N LEU A 125 10.27 2.04 4.32
CA LEU A 125 9.41 2.71 3.35
C LEU A 125 8.66 3.87 3.99
N ASN A 126 8.52 3.83 5.32
CA ASN A 126 7.82 4.88 6.05
C ASN A 126 8.72 6.09 6.29
N MET A 127 9.83 6.16 5.58
CA MET A 127 10.76 7.27 5.71
C MET A 127 10.75 8.13 4.45
N LEU A 128 10.49 7.49 3.32
CA LEU A 128 10.42 8.20 2.04
C LEU A 128 9.68 9.52 2.18
N THR A 129 9.92 10.45 1.26
CA THR A 129 9.26 11.75 1.29
C THR A 129 9.08 12.29 -0.12
N ALA A 130 8.08 13.15 -0.30
CA ALA A 130 7.82 13.75 -1.61
C ALA A 130 8.80 14.86 -1.90
N LEU A 131 9.68 14.64 -2.88
CA LEU A 131 10.69 15.63 -3.24
C LEU A 131 10.62 15.97 -4.73
N LEU A 132 10.15 17.17 -5.04
CA LEU A 132 10.05 17.61 -6.43
C LEU A 132 11.25 18.45 -6.83
N ALA A 133 12.11 17.89 -7.68
CA ALA A 133 13.29 18.60 -8.13
C ALA A 133 14.16 19.04 -6.95
N MET A 38 -11.28 16.71 8.16
CA MET A 38 -10.54 15.49 7.74
C MET A 38 -9.15 15.45 8.36
N LEU A 39 -8.80 14.29 8.93
CA LEU A 39 -7.50 14.11 9.55
C LEU A 39 -6.65 13.11 8.79
N THR A 40 -5.35 13.38 8.69
CA THR A 40 -4.43 12.50 7.99
C THR A 40 -4.34 11.15 8.67
N PRO A 41 -4.68 10.06 7.95
CA PRO A 41 -4.64 8.70 8.49
C PRO A 41 -3.23 8.29 8.93
N ALA A 42 -3.18 7.37 9.90
CA ALA A 42 -1.91 6.89 10.42
C ALA A 42 -1.51 5.58 9.74
N PHE A 43 -1.16 5.68 8.46
CA PHE A 43 -0.75 4.51 7.68
C PHE A 43 0.67 4.08 8.01
N ASP A 44 0.99 2.84 7.70
CA ASP A 44 2.32 2.29 7.93
C ASP A 44 2.69 1.27 6.85
N LEU A 45 3.96 1.24 6.49
CA LEU A 45 4.41 0.31 5.45
C LEU A 45 5.40 -0.70 6.00
N SER A 46 5.25 -1.95 5.58
CA SER A 46 6.12 -3.04 6.01
C SER A 46 6.39 -3.96 4.83
N GLN A 47 7.64 -4.34 4.64
CA GLN A 47 7.99 -5.20 3.51
C GLN A 47 8.81 -6.41 3.94
N ASP A 48 8.55 -7.53 3.28
CA ASP A 48 9.25 -8.78 3.54
C ASP A 48 10.21 -9.08 2.40
N PRO A 49 11.20 -9.96 2.65
CA PRO A 49 12.21 -10.33 1.65
C PRO A 49 11.62 -11.05 0.44
N ASP A 50 10.31 -11.28 0.45
CA ASP A 50 9.64 -11.95 -0.67
C ASP A 50 8.33 -11.25 -1.02
N PHE A 51 8.12 -10.07 -0.43
CA PHE A 51 6.90 -9.29 -0.67
C PHE A 51 6.97 -7.90 -0.04
N LEU A 52 5.96 -7.10 -0.34
CA LEU A 52 5.84 -5.75 0.21
C LEU A 52 4.39 -5.54 0.63
N THR A 53 4.16 -5.33 1.93
CA THR A 53 2.80 -5.14 2.41
C THR A 53 2.57 -3.69 2.80
N ILE A 54 1.32 -3.25 2.68
CA ILE A 54 0.95 -1.88 3.03
C ILE A 54 -0.19 -1.88 4.04
N ALA A 55 -0.26 -0.84 4.86
CA ALA A 55 -1.30 -0.75 5.88
C ALA A 55 -1.93 0.64 5.90
N ILE A 56 -3.21 0.71 5.55
CA ILE A 56 -3.93 1.96 5.53
C ILE A 56 -5.13 1.93 6.48
N ARG A 57 -5.20 2.90 7.38
CA ARG A 57 -6.29 2.99 8.34
C ARG A 57 -7.50 3.70 7.74
N VAL A 58 -8.63 3.00 7.71
CA VAL A 58 -9.86 3.56 7.16
C VAL A 58 -11.08 2.97 7.86
N SER A 59 -12.15 3.76 7.95
CA SER A 59 -13.38 3.31 8.59
C SER A 59 -14.61 3.78 7.85
N TYR A 60 -14.73 5.10 7.67
CA TYR A 60 -15.87 5.68 6.98
C TYR A 60 -16.00 5.12 5.57
N ALA A 61 -14.92 5.17 4.81
CA ALA A 61 -14.92 4.67 3.43
C ALA A 61 -16.24 4.97 2.74
N ARG A 62 -16.25 6.03 1.93
CA ARG A 62 -17.46 6.42 1.22
C ARG A 62 -17.71 5.52 -0.01
N VAL A 63 -16.89 4.48 -0.14
CA VAL A 63 -17.04 3.55 -1.26
C VAL A 63 -17.11 2.12 -0.76
N SER A 64 -18.06 1.35 -1.30
CA SER A 64 -18.23 -0.04 -0.90
C SER A 64 -16.94 -0.83 -1.13
N GLU A 65 -16.28 -0.58 -2.26
CA GLU A 65 -15.04 -1.26 -2.58
C GLU A 65 -13.93 -0.23 -2.83
N PHE A 66 -12.74 -0.54 -2.34
CA PHE A 66 -11.60 0.36 -2.50
C PHE A 66 -10.91 0.15 -3.85
N ASP A 67 -10.19 1.16 -4.30
CA ASP A 67 -9.47 1.09 -5.57
C ASP A 67 -7.97 1.01 -5.33
N VAL A 68 -7.38 -0.15 -5.64
CA VAL A 68 -5.95 -0.34 -5.46
C VAL A 68 -5.25 -0.62 -6.79
N TYR A 69 -4.34 0.27 -7.16
CA TYR A 69 -3.59 0.12 -8.40
C TYR A 69 -2.10 -0.04 -8.11
N PHE A 70 -1.56 -1.22 -8.38
CA PHE A 70 -0.15 -1.47 -8.14
C PHE A 70 0.56 -1.83 -9.45
N GLU A 71 1.46 -0.96 -9.87
CA GLU A 71 2.21 -1.17 -11.11
C GLU A 71 3.69 -0.83 -10.95
N GLY A 72 4.52 -1.87 -10.88
CA GLY A 72 5.96 -1.67 -10.75
C GLY A 72 6.33 -0.46 -9.90
N SER A 73 6.44 -0.67 -8.59
CA SER A 73 6.83 0.39 -7.66
C SER A 73 5.77 1.48 -7.53
N ASP A 74 4.67 1.35 -8.26
CA ASP A 74 3.60 2.34 -8.20
C ASP A 74 2.38 1.79 -7.48
N PHE A 75 1.99 2.43 -6.39
CA PHE A 75 0.83 1.98 -5.62
C PHE A 75 -0.14 3.12 -5.34
N LYS A 76 -1.38 2.97 -5.79
CA LYS A 76 -2.40 3.98 -5.61
C LYS A 76 -3.62 3.40 -4.89
N PHE A 77 -4.05 4.06 -3.82
CA PHE A 77 -5.20 3.61 -3.04
C PHE A 77 -6.27 4.70 -2.98
N TYR A 78 -7.40 4.47 -3.64
CA TYR A 78 -8.49 5.44 -3.65
C TYR A 78 -9.73 4.90 -2.96
N ALA A 79 -10.22 5.64 -1.97
CA ALA A 79 -11.41 5.22 -1.23
C ALA A 79 -12.40 6.38 -1.14
N LYS A 80 -12.38 7.25 -2.16
CA LYS A 80 -13.26 8.42 -2.25
C LYS A 80 -12.59 9.67 -1.64
N PRO A 81 -12.75 9.96 -0.32
CA PRO A 81 -12.11 11.13 0.28
C PRO A 81 -10.67 10.84 0.65
N TYR A 82 -10.34 9.57 0.71
CA TYR A 82 -9.00 9.16 1.08
C TYR A 82 -8.23 8.65 -0.14
N PHE A 83 -7.14 9.33 -0.47
CA PHE A 83 -6.31 8.95 -1.61
C PHE A 83 -4.86 8.75 -1.18
N LEU A 84 -4.35 7.54 -1.38
CA LEU A 84 -2.97 7.22 -0.99
C LEU A 84 -2.11 6.89 -2.21
N ARG A 85 -1.16 7.77 -2.49
CA ARG A 85 -0.25 7.57 -3.62
C ARG A 85 1.17 7.43 -3.11
N LEU A 86 1.73 6.23 -3.22
CA LEU A 86 3.08 5.97 -2.74
C LEU A 86 3.92 5.25 -3.79
N THR A 87 5.17 5.68 -3.93
CA THR A 87 6.09 5.07 -4.88
C THR A 87 7.11 4.20 -4.14
N LEU A 88 7.03 2.89 -4.34
CA LEU A 88 7.95 1.97 -3.69
C LEU A 88 9.37 2.13 -4.23
N PRO A 89 10.37 2.06 -3.34
CA PRO A 89 11.78 2.21 -3.73
C PRO A 89 12.27 1.06 -4.62
N GLY A 90 11.49 -0.02 -4.65
CA GLY A 90 11.86 -1.17 -5.46
C GLY A 90 10.84 -1.46 -6.54
N ARG A 91 10.48 -2.73 -6.67
CA ARG A 91 9.50 -3.14 -7.68
C ARG A 91 8.68 -4.33 -7.22
N ILE A 92 7.40 -4.33 -7.57
CA ILE A 92 6.51 -5.42 -7.21
C ILE A 92 5.96 -6.07 -8.48
N VAL A 93 6.13 -7.38 -8.59
CA VAL A 93 5.67 -8.11 -9.77
C VAL A 93 4.19 -7.85 -10.07
N GLU A 94 3.88 -7.76 -11.35
CA GLU A 94 2.51 -7.52 -11.79
C GLU A 94 1.88 -8.80 -12.32
N ASN A 95 0.77 -9.21 -11.71
CA ASN A 95 0.07 -10.42 -12.13
C ASN A 95 -1.31 -10.50 -11.51
N GLY A 96 -1.40 -10.16 -10.23
CA GLY A 96 -2.67 -10.19 -9.54
C GLY A 96 -2.73 -11.29 -8.49
N SER A 97 -1.57 -11.82 -8.11
CA SER A 97 -1.50 -12.88 -7.11
C SER A 97 -1.16 -12.30 -5.74
N GLU A 98 -1.55 -11.05 -5.52
CA GLU A 98 -1.29 -10.37 -4.26
C GLU A 98 -2.18 -10.94 -3.15
N GLN A 99 -2.22 -10.23 -2.02
CA GLN A 99 -3.03 -10.65 -0.88
C GLN A 99 -3.73 -9.46 -0.25
N GLY A 100 -5.04 -9.58 -0.04
CA GLY A 100 -5.80 -8.50 0.55
C GLY A 100 -6.70 -8.96 1.68
N SER A 101 -6.72 -8.19 2.76
CA SER A 101 -7.55 -8.53 3.91
C SER A 101 -7.89 -7.28 4.72
N TYR A 102 -9.17 -6.96 4.79
CA TYR A 102 -9.63 -5.78 5.52
C TYR A 102 -10.30 -6.20 6.83
N ASP A 103 -9.79 -5.69 7.94
CA ASP A 103 -10.32 -6.01 9.25
C ASP A 103 -11.08 -4.83 9.85
N ALA A 104 -12.36 -5.03 10.13
CA ALA A 104 -13.19 -3.99 10.72
C ALA A 104 -12.89 -3.84 12.21
N ASP A 105 -12.54 -4.95 12.85
CA ASP A 105 -12.24 -4.94 14.27
C ASP A 105 -11.19 -3.88 14.59
N LYS A 106 -10.05 -3.96 13.90
CA LYS A 106 -8.97 -3.00 14.10
C LYS A 106 -9.11 -1.83 13.15
N GLY A 107 -10.04 -1.94 12.21
CA GLY A 107 -10.26 -0.87 11.25
C GLY A 107 -9.00 -0.53 10.48
N ILE A 108 -8.37 -1.55 9.88
CA ILE A 108 -7.16 -1.35 9.11
C ILE A 108 -7.11 -2.31 7.94
N PHE A 109 -6.56 -1.88 6.82
CA PHE A 109 -6.46 -2.72 5.62
C PHE A 109 -5.01 -3.08 5.33
N THR A 110 -4.74 -4.38 5.25
CA THR A 110 -3.40 -4.87 4.96
C THR A 110 -3.38 -5.65 3.65
N ILE A 111 -2.42 -5.32 2.78
CA ILE A 111 -2.31 -6.00 1.49
C ILE A 111 -0.86 -6.28 1.13
N ARG A 112 -0.52 -7.56 0.99
CA ARG A 112 0.84 -7.97 0.64
C ARG A 112 1.00 -8.04 -0.88
N LEU A 113 2.19 -7.74 -1.35
CA LEU A 113 2.47 -7.75 -2.79
C LEU A 113 3.79 -8.43 -3.11
N PRO A 114 3.78 -9.37 -4.08
CA PRO A 114 4.99 -10.09 -4.49
C PRO A 114 6.01 -9.17 -5.16
N LYS A 115 7.28 -9.43 -4.93
CA LYS A 115 8.35 -8.62 -5.51
C LYS A 115 8.77 -9.14 -6.88
N GLU A 116 9.34 -8.25 -7.69
CA GLU A 116 9.80 -8.62 -9.02
C GLU A 116 11.23 -9.15 -8.96
N THR A 117 11.90 -8.86 -7.85
CA THR A 117 13.27 -9.31 -7.64
C THR A 117 13.45 -9.84 -6.22
N PRO A 118 13.82 -11.13 -6.09
CA PRO A 118 14.01 -11.76 -4.79
C PRO A 118 15.20 -11.18 -4.02
N GLY A 119 15.05 -11.09 -2.71
CA GLY A 119 16.12 -10.56 -1.87
C GLY A 119 16.12 -9.04 -1.82
N GLN A 120 15.13 -8.42 -2.48
CA GLN A 120 15.02 -6.97 -2.50
C GLN A 120 14.35 -6.46 -1.23
N HIS A 121 14.96 -5.50 -0.58
CA HIS A 121 14.42 -4.94 0.65
C HIS A 121 14.25 -3.42 0.53
N PHE A 122 13.02 -2.95 0.71
CA PHE A 122 12.73 -1.53 0.62
C PHE A 122 13.03 -0.85 1.96
N GLU A 123 14.26 -0.38 2.12
CA GLU A 123 14.69 0.27 3.36
C GLU A 123 13.95 1.59 3.60
N GLY A 124 14.00 2.05 4.85
CA GLY A 124 13.36 3.29 5.22
C GLY A 124 12.07 3.56 4.47
N LEU A 125 11.18 2.58 4.45
CA LEU A 125 9.90 2.73 3.76
C LEU A 125 9.09 3.87 4.37
N ASN A 126 8.75 3.75 5.65
CA ASN A 126 7.99 4.79 6.34
C ASN A 126 8.91 5.88 6.87
N MET A 127 10.15 5.86 6.41
CA MET A 127 11.15 6.85 6.80
C MET A 127 11.51 7.70 5.60
N LEU A 128 11.40 7.11 4.41
CA LEU A 128 11.69 7.78 3.17
C LEU A 128 11.06 9.17 3.15
N THR A 129 11.28 9.93 2.07
CA THR A 129 10.72 11.26 1.95
C THR A 129 9.77 11.36 0.75
N ALA A 130 9.32 12.56 0.45
CA ALA A 130 8.41 12.78 -0.67
C ALA A 130 9.15 13.37 -1.87
N LEU A 131 8.74 12.99 -3.07
CA LEU A 131 9.36 13.47 -4.30
C LEU A 131 8.34 14.19 -5.17
N LEU A 132 8.48 15.50 -5.30
CA LEU A 132 7.56 16.29 -6.11
C LEU A 132 8.08 16.42 -7.54
N ALA A 133 7.33 15.87 -8.48
CA ALA A 133 7.71 15.93 -9.89
C ALA A 133 8.76 14.87 -10.21
N MET A 38 -11.07 16.18 12.63
CA MET A 38 -10.60 15.25 11.56
C MET A 38 -9.09 15.05 11.64
N LEU A 39 -8.68 13.83 11.96
CA LEU A 39 -7.26 13.50 12.07
C LEU A 39 -6.83 12.57 10.93
N THR A 40 -5.61 12.78 10.44
CA THR A 40 -5.09 11.97 9.35
C THR A 40 -4.86 10.52 9.80
N PRO A 41 -5.21 9.56 8.95
CA PRO A 41 -5.04 8.13 9.25
C PRO A 41 -3.62 7.78 9.65
N ALA A 42 -3.47 6.78 10.51
CA ALA A 42 -2.16 6.36 10.97
C ALA A 42 -1.71 5.09 10.26
N PHE A 43 -1.55 5.17 8.95
CA PHE A 43 -1.12 4.04 8.14
C PHE A 43 0.35 3.72 8.36
N ASP A 44 0.77 2.54 7.94
CA ASP A 44 2.15 2.11 8.09
C ASP A 44 2.54 1.15 6.97
N LEU A 45 3.82 1.21 6.58
CA LEU A 45 4.31 0.35 5.50
C LEU A 45 5.36 -0.64 6.02
N SER A 46 5.23 -1.88 5.57
CA SER A 46 6.16 -2.95 5.95
C SER A 46 6.43 -3.83 4.75
N GLN A 47 7.69 -4.15 4.50
CA GLN A 47 8.04 -4.97 3.35
C GLN A 47 8.98 -6.12 3.72
N ASP A 48 8.78 -7.24 3.03
CA ASP A 48 9.59 -8.43 3.22
C ASP A 48 10.48 -8.65 2.00
N PRO A 49 11.55 -9.44 2.15
CA PRO A 49 12.49 -9.74 1.07
C PRO A 49 11.87 -10.56 -0.07
N ASP A 50 10.59 -10.89 0.06
CA ASP A 50 9.88 -11.64 -0.97
C ASP A 50 8.51 -11.03 -1.25
N PHE A 51 8.24 -9.88 -0.62
CA PHE A 51 6.96 -9.18 -0.80
C PHE A 51 7.00 -7.81 -0.14
N LEU A 52 5.94 -7.03 -0.40
CA LEU A 52 5.79 -5.69 0.18
C LEU A 52 4.35 -5.51 0.62
N THR A 53 4.12 -5.44 1.92
CA THR A 53 2.77 -5.27 2.43
C THR A 53 2.54 -3.86 2.92
N ILE A 54 1.29 -3.41 2.78
CA ILE A 54 0.92 -2.07 3.20
C ILE A 54 -0.22 -2.13 4.20
N ALA A 55 -0.34 -1.10 5.04
CA ALA A 55 -1.40 -1.05 6.04
C ALA A 55 -2.02 0.34 6.10
N ILE A 56 -3.28 0.44 5.68
CA ILE A 56 -4.00 1.69 5.70
C ILE A 56 -5.24 1.60 6.58
N ARG A 57 -5.36 2.53 7.52
CA ARG A 57 -6.49 2.56 8.42
C ARG A 57 -7.50 3.61 7.99
N VAL A 58 -8.71 3.17 7.69
CA VAL A 58 -9.77 4.07 7.25
C VAL A 58 -11.13 3.65 7.77
N SER A 59 -11.85 4.60 8.36
CA SER A 59 -13.17 4.34 8.91
C SER A 59 -14.22 5.16 8.18
N TYR A 60 -13.82 6.36 7.76
CA TYR A 60 -14.72 7.27 7.04
C TYR A 60 -15.07 6.69 5.67
N ALA A 61 -14.37 5.63 5.28
CA ALA A 61 -14.58 4.96 3.99
C ALA A 61 -15.99 5.21 3.46
N ARG A 62 -16.09 6.02 2.42
CA ARG A 62 -17.38 6.35 1.82
C ARG A 62 -17.60 5.55 0.54
N VAL A 63 -16.74 4.56 0.31
CA VAL A 63 -16.84 3.72 -0.88
C VAL A 63 -17.00 2.25 -0.50
N SER A 64 -18.00 1.61 -1.09
CA SER A 64 -18.27 0.20 -0.84
C SER A 64 -17.04 -0.64 -1.14
N GLU A 65 -16.36 -0.31 -2.22
CA GLU A 65 -15.16 -1.03 -2.63
C GLU A 65 -13.99 -0.06 -2.80
N PHE A 66 -12.80 -0.50 -2.42
CA PHE A 66 -11.61 0.34 -2.54
C PHE A 66 -10.88 0.06 -3.85
N ASP A 67 -10.06 1.01 -4.27
CA ASP A 67 -9.30 0.87 -5.50
C ASP A 67 -7.81 0.78 -5.21
N VAL A 68 -7.24 -0.40 -5.47
CA VAL A 68 -5.82 -0.61 -5.24
C VAL A 68 -5.08 -0.81 -6.55
N TYR A 69 -4.19 0.13 -6.88
CA TYR A 69 -3.42 0.06 -8.10
C TYR A 69 -1.92 0.00 -7.82
N PHE A 70 -1.31 -1.14 -8.15
CA PHE A 70 0.12 -1.32 -7.95
C PHE A 70 0.81 -1.58 -9.29
N GLU A 71 1.62 -0.62 -9.71
CA GLU A 71 2.33 -0.74 -10.98
C GLU A 71 3.79 -0.27 -10.86
N GLY A 72 4.71 -1.22 -11.00
CA GLY A 72 6.12 -0.90 -10.92
C GLY A 72 6.44 0.17 -9.89
N SER A 73 6.45 -0.22 -8.62
CA SER A 73 6.77 0.71 -7.54
C SER A 73 5.70 1.79 -7.38
N ASP A 74 4.63 1.71 -8.16
CA ASP A 74 3.56 2.69 -8.08
C ASP A 74 2.37 2.13 -7.31
N PHE A 75 2.22 2.58 -6.06
CA PHE A 75 1.11 2.11 -5.23
C PHE A 75 0.10 3.22 -4.99
N LYS A 76 -1.12 3.01 -5.48
CA LYS A 76 -2.19 3.98 -5.30
C LYS A 76 -3.37 3.35 -4.57
N PHE A 77 -3.87 4.03 -3.56
CA PHE A 77 -4.99 3.52 -2.77
C PHE A 77 -6.12 4.54 -2.65
N TYR A 78 -7.25 4.26 -3.29
CA TYR A 78 -8.40 5.16 -3.24
C TYR A 78 -9.57 4.52 -2.54
N ALA A 79 -10.02 5.13 -1.45
CA ALA A 79 -11.16 4.61 -0.69
C ALA A 79 -12.12 5.73 -0.34
N LYS A 80 -12.15 6.75 -1.22
CA LYS A 80 -12.99 7.95 -1.08
C LYS A 80 -12.07 9.19 -1.10
N PRO A 81 -12.53 10.39 -0.68
CA PRO A 81 -11.68 11.58 -0.69
C PRO A 81 -10.23 11.27 -0.33
N TYR A 82 -10.03 10.21 0.45
CA TYR A 82 -8.70 9.80 0.87
C TYR A 82 -7.94 9.17 -0.30
N PHE A 83 -6.77 9.71 -0.60
CA PHE A 83 -5.94 9.18 -1.69
C PHE A 83 -4.53 8.89 -1.20
N LEU A 84 -4.09 7.64 -1.40
CA LEU A 84 -2.76 7.24 -0.97
C LEU A 84 -1.87 6.91 -2.18
N ARG A 85 -0.90 7.77 -2.44
CA ARG A 85 0.02 7.58 -3.55
C ARG A 85 1.45 7.48 -3.03
N LEU A 86 2.05 6.30 -3.16
CA LEU A 86 3.41 6.09 -2.69
C LEU A 86 4.27 5.38 -3.73
N THR A 87 5.49 5.86 -3.90
CA THR A 87 6.42 5.28 -4.85
C THR A 87 7.45 4.41 -4.14
N LEU A 88 7.36 3.10 -4.37
CA LEU A 88 8.28 2.16 -3.75
C LEU A 88 9.68 2.27 -4.33
N PRO A 89 10.71 2.06 -3.50
CA PRO A 89 12.11 2.15 -3.93
C PRO A 89 12.47 1.10 -4.98
N GLY A 90 11.66 0.05 -5.07
CA GLY A 90 11.91 -0.99 -6.03
C GLY A 90 10.75 -1.23 -6.97
N ARG A 91 10.32 -2.49 -7.07
CA ARG A 91 9.22 -2.85 -7.94
C ARG A 91 8.48 -4.09 -7.41
N ILE A 92 7.17 -4.12 -7.60
CA ILE A 92 6.36 -5.24 -7.15
C ILE A 92 5.72 -5.95 -8.35
N VAL A 93 5.96 -7.26 -8.45
CA VAL A 93 5.43 -8.03 -9.56
C VAL A 93 3.91 -7.90 -9.67
N GLU A 94 3.41 -8.04 -10.88
CA GLU A 94 1.98 -7.93 -11.13
C GLU A 94 1.43 -9.20 -11.77
N ASN A 95 0.32 -9.70 -11.21
CA ASN A 95 -0.31 -10.91 -11.70
C ASN A 95 -1.70 -11.08 -11.09
N GLY A 96 -1.81 -10.72 -9.82
CA GLY A 96 -3.08 -10.83 -9.13
C GLY A 96 -3.05 -11.89 -8.04
N SER A 97 -1.86 -12.39 -7.74
CA SER A 97 -1.70 -13.40 -6.71
C SER A 97 -1.27 -12.78 -5.39
N GLU A 98 -1.70 -11.54 -5.15
CA GLU A 98 -1.36 -10.85 -3.92
C GLU A 98 -2.24 -11.32 -2.77
N GLN A 99 -2.18 -10.61 -1.66
CA GLN A 99 -2.98 -10.96 -0.48
C GLN A 99 -3.65 -9.73 0.11
N GLY A 100 -4.91 -9.87 0.50
CA GLY A 100 -5.63 -8.75 1.07
C GLY A 100 -6.42 -9.13 2.31
N SER A 101 -6.31 -8.29 3.34
CA SER A 101 -7.02 -8.52 4.59
C SER A 101 -7.48 -7.19 5.18
N TYR A 102 -8.78 -6.91 5.08
CA TYR A 102 -9.32 -5.66 5.58
C TYR A 102 -10.38 -5.91 6.66
N ASP A 103 -10.35 -5.08 7.70
CA ASP A 103 -11.29 -5.19 8.81
C ASP A 103 -12.09 -3.89 8.94
N ALA A 104 -13.41 -4.02 8.99
CA ALA A 104 -14.28 -2.86 9.11
C ALA A 104 -14.39 -2.36 10.56
N ASP A 105 -14.71 -3.27 11.46
CA ASP A 105 -14.86 -2.92 12.87
C ASP A 105 -13.60 -2.22 13.41
N LYS A 106 -12.43 -2.69 12.97
CA LYS A 106 -11.17 -2.12 13.41
C LYS A 106 -10.66 -1.08 12.41
N GLY A 107 -11.15 -1.16 11.18
CA GLY A 107 -10.72 -0.23 10.16
C GLY A 107 -9.25 -0.37 9.83
N ILE A 108 -8.86 -1.53 9.32
CA ILE A 108 -7.47 -1.79 8.97
C ILE A 108 -7.38 -2.68 7.74
N PHE A 109 -6.76 -2.15 6.68
CA PHE A 109 -6.59 -2.89 5.44
C PHE A 109 -5.13 -3.20 5.17
N THR A 110 -4.79 -4.48 5.17
CA THR A 110 -3.41 -4.91 4.93
C THR A 110 -3.34 -5.80 3.68
N ILE A 111 -2.42 -5.48 2.78
CA ILE A 111 -2.28 -6.24 1.55
C ILE A 111 -0.82 -6.48 1.17
N ARG A 112 -0.46 -7.76 1.06
CA ARG A 112 0.91 -8.14 0.69
C ARG A 112 1.04 -8.18 -0.83
N LEU A 113 2.21 -7.79 -1.32
CA LEU A 113 2.45 -7.77 -2.77
C LEU A 113 3.80 -8.39 -3.10
N PRO A 114 3.81 -9.40 -3.99
CA PRO A 114 5.03 -10.08 -4.40
C PRO A 114 6.00 -9.13 -5.11
N LYS A 115 7.29 -9.42 -5.02
CA LYS A 115 8.31 -8.59 -5.64
C LYS A 115 8.72 -9.17 -6.99
N GLU A 116 9.26 -8.33 -7.85
CA GLU A 116 9.70 -8.75 -9.18
C GLU A 116 11.12 -9.33 -9.10
N THR A 117 11.73 -9.24 -7.92
CA THR A 117 13.07 -9.75 -7.72
C THR A 117 13.29 -10.18 -6.27
N PRO A 118 13.55 -11.47 -6.04
CA PRO A 118 13.77 -12.01 -4.70
C PRO A 118 14.85 -11.25 -3.95
N GLY A 119 14.66 -11.10 -2.64
CA GLY A 119 15.63 -10.38 -1.83
C GLY A 119 15.51 -8.87 -1.93
N GLN A 120 14.54 -8.41 -2.71
CA GLN A 120 14.32 -6.98 -2.88
C GLN A 120 13.83 -6.35 -1.59
N HIS A 121 14.57 -5.37 -1.09
CA HIS A 121 14.22 -4.70 0.16
C HIS A 121 13.97 -3.20 -0.04
N PHE A 122 12.72 -2.78 0.13
CA PHE A 122 12.36 -1.38 -0.02
C PHE A 122 12.77 -0.59 1.22
N GLU A 123 14.00 -0.05 1.19
CA GLU A 123 14.52 0.70 2.32
C GLU A 123 13.83 2.06 2.46
N GLY A 124 14.13 2.73 3.57
CA GLY A 124 13.56 4.04 3.85
C GLY A 124 12.12 4.19 3.40
N LEU A 125 11.31 3.16 3.61
CA LEU A 125 9.91 3.21 3.19
C LEU A 125 9.18 4.34 3.91
N ASN A 126 9.09 4.25 5.24
CA ASN A 126 8.42 5.28 6.02
C ASN A 126 9.37 6.43 6.34
N MET A 127 10.52 6.44 5.68
CA MET A 127 11.50 7.49 5.86
C MET A 127 11.54 8.36 4.61
N LEU A 128 11.28 7.72 3.49
CA LEU A 128 11.26 8.39 2.19
C LEU A 128 10.41 9.66 2.26
N THR A 129 10.40 10.41 1.17
CA THR A 129 9.63 11.64 1.11
C THR A 129 8.60 11.58 -0.02
N ALA A 130 7.72 12.58 -0.06
CA ALA A 130 6.69 12.63 -1.09
C ALA A 130 7.13 13.55 -2.24
N LEU A 131 7.01 13.05 -3.46
CA LEU A 131 7.39 13.81 -4.64
C LEU A 131 6.20 13.97 -5.59
N LEU A 132 5.89 15.22 -5.93
CA LEU A 132 4.80 15.52 -6.84
C LEU A 132 5.32 15.79 -8.25
N ALA A 133 4.63 15.24 -9.24
CA ALA A 133 5.04 15.43 -10.63
C ALA A 133 6.36 14.72 -10.92
N MET A 38 -9.80 18.03 7.15
CA MET A 38 -9.07 16.90 6.53
C MET A 38 -7.93 16.43 7.43
N LEU A 39 -7.91 15.13 7.71
CA LEU A 39 -6.87 14.56 8.55
C LEU A 39 -6.32 13.29 7.94
N THR A 40 -5.00 13.17 7.94
CA THR A 40 -4.33 12.01 7.36
C THR A 40 -4.29 10.85 8.36
N PRO A 41 -4.51 9.62 7.87
CA PRO A 41 -4.49 8.42 8.72
C PRO A 41 -3.06 8.04 9.12
N ALA A 42 -2.93 7.28 10.20
CA ALA A 42 -1.62 6.86 10.67
C ALA A 42 -1.22 5.53 10.05
N PHE A 43 -1.16 5.51 8.72
CA PHE A 43 -0.78 4.31 7.99
C PHE A 43 0.70 3.97 8.22
N ASP A 44 1.08 2.75 7.88
CA ASP A 44 2.47 2.31 8.05
C ASP A 44 2.82 1.28 6.98
N LEU A 45 4.12 1.15 6.69
CA LEU A 45 4.56 0.20 5.68
C LEU A 45 5.52 -0.84 6.25
N SER A 46 5.33 -2.08 5.80
CA SER A 46 6.15 -3.20 6.22
C SER A 46 6.40 -4.09 5.01
N GLN A 47 7.65 -4.47 4.79
CA GLN A 47 7.98 -5.28 3.63
C GLN A 47 8.83 -6.49 3.99
N ASP A 48 8.58 -7.59 3.26
CA ASP A 48 9.31 -8.83 3.44
C ASP A 48 10.22 -9.07 2.24
N PRO A 49 11.24 -9.93 2.41
CA PRO A 49 12.20 -10.24 1.35
C PRO A 49 11.58 -10.91 0.12
N ASP A 50 10.28 -11.15 0.14
CA ASP A 50 9.59 -11.75 -0.99
C ASP A 50 8.26 -11.06 -1.26
N PHE A 51 8.02 -9.94 -0.57
CA PHE A 51 6.78 -9.17 -0.73
C PHE A 51 6.85 -7.83 0.01
N LEU A 52 5.82 -7.01 -0.23
CA LEU A 52 5.70 -5.71 0.40
C LEU A 52 4.26 -5.55 0.89
N THR A 53 4.06 -5.39 2.19
CA THR A 53 2.72 -5.25 2.73
C THR A 53 2.50 -3.82 3.18
N ILE A 54 1.27 -3.35 3.03
CA ILE A 54 0.91 -2.00 3.43
C ILE A 54 -0.16 -2.02 4.50
N ALA A 55 -0.20 -0.96 5.31
CA ALA A 55 -1.17 -0.87 6.39
C ALA A 55 -1.85 0.50 6.42
N ILE A 56 -3.13 0.52 6.07
CA ILE A 56 -3.90 1.76 6.07
C ILE A 56 -5.17 1.61 6.91
N ARG A 57 -5.33 2.46 7.91
CA ARG A 57 -6.50 2.41 8.78
C ARG A 57 -7.46 3.55 8.44
N VAL A 58 -8.68 3.20 8.06
CA VAL A 58 -9.69 4.19 7.71
C VAL A 58 -11.07 3.79 8.23
N SER A 59 -11.79 4.74 8.83
CA SER A 59 -13.12 4.49 9.36
C SER A 59 -14.18 5.21 8.53
N TYR A 60 -13.85 6.42 8.11
CA TYR A 60 -14.77 7.22 7.30
C TYR A 60 -15.06 6.55 5.97
N ALA A 61 -14.29 5.50 5.65
CA ALA A 61 -14.44 4.76 4.39
C ALA A 61 -15.82 4.94 3.77
N ARG A 62 -15.96 5.97 2.94
CA ARG A 62 -17.22 6.24 2.28
C ARG A 62 -17.51 5.19 1.22
N VAL A 63 -16.82 5.27 0.09
CA VAL A 63 -17.01 4.31 -0.99
C VAL A 63 -17.17 2.90 -0.43
N SER A 64 -18.22 2.22 -0.86
CA SER A 64 -18.49 0.86 -0.41
C SER A 64 -17.32 -0.06 -0.76
N GLU A 65 -16.62 0.29 -1.83
CA GLU A 65 -15.48 -0.49 -2.28
C GLU A 65 -14.28 0.42 -2.56
N PHE A 66 -13.08 -0.07 -2.27
CA PHE A 66 -11.87 0.70 -2.50
C PHE A 66 -11.17 0.25 -3.78
N ASP A 67 -10.26 1.09 -4.27
CA ASP A 67 -9.52 0.78 -5.48
C ASP A 67 -8.03 0.68 -5.19
N VAL A 68 -7.46 -0.50 -5.44
CA VAL A 68 -6.03 -0.72 -5.22
C VAL A 68 -5.36 -1.15 -6.51
N TYR A 69 -4.35 -0.38 -6.94
CA TYR A 69 -3.63 -0.68 -8.17
C TYR A 69 -2.13 -0.55 -7.97
N PHE A 70 -1.39 -1.55 -8.40
CA PHE A 70 0.07 -1.54 -8.26
C PHE A 70 0.75 -1.80 -9.60
N GLU A 71 1.59 -0.87 -10.02
CA GLU A 71 2.31 -1.00 -11.28
C GLU A 71 3.76 -0.56 -11.15
N GLY A 72 4.67 -1.53 -11.21
CA GLY A 72 6.08 -1.23 -11.10
C GLY A 72 6.39 -0.16 -10.06
N SER A 73 6.33 -0.55 -8.79
CA SER A 73 6.63 0.37 -7.69
C SER A 73 5.59 1.48 -7.59
N ASP A 74 4.54 1.41 -8.39
CA ASP A 74 3.49 2.43 -8.35
C ASP A 74 2.25 1.90 -7.63
N PHE A 75 2.08 2.35 -6.39
CA PHE A 75 0.94 1.90 -5.58
C PHE A 75 -0.11 3.01 -5.46
N LYS A 76 -1.27 2.78 -6.06
CA LYS A 76 -2.36 3.75 -6.01
C LYS A 76 -3.55 3.21 -5.22
N PHE A 77 -3.85 3.86 -4.09
CA PHE A 77 -4.97 3.45 -3.26
C PHE A 77 -6.05 4.51 -3.26
N TYR A 78 -7.18 4.22 -3.91
CA TYR A 78 -8.28 5.18 -3.99
C TYR A 78 -9.48 4.75 -3.17
N ALA A 79 -9.67 5.42 -2.04
CA ALA A 79 -10.80 5.13 -1.15
C ALA A 79 -11.45 6.44 -0.73
N LYS A 80 -12.69 6.66 -1.17
CA LYS A 80 -13.40 7.88 -0.85
C LYS A 80 -12.46 9.08 -1.01
N PRO A 81 -12.86 10.28 -0.56
CA PRO A 81 -12.01 11.47 -0.68
C PRO A 81 -10.54 11.20 -0.34
N TYR A 82 -10.29 10.13 0.41
CA TYR A 82 -8.93 9.76 0.81
C TYR A 82 -8.15 9.22 -0.38
N PHE A 83 -7.03 9.88 -0.68
CA PHE A 83 -6.17 9.48 -1.79
C PHE A 83 -4.78 9.10 -1.28
N LEU A 84 -4.38 7.86 -1.50
CA LEU A 84 -3.08 7.38 -1.04
C LEU A 84 -2.20 6.90 -2.20
N ARG A 85 -1.16 7.67 -2.51
CA ARG A 85 -0.23 7.32 -3.57
C ARG A 85 1.17 7.14 -2.99
N LEU A 86 1.69 5.92 -3.08
CA LEU A 86 3.01 5.63 -2.54
C LEU A 86 3.95 5.06 -3.61
N THR A 87 5.13 5.67 -3.72
CA THR A 87 6.13 5.23 -4.68
C THR A 87 7.14 4.31 -4.02
N LEU A 88 7.04 3.02 -4.31
CA LEU A 88 7.93 2.02 -3.73
C LEU A 88 9.36 2.16 -4.30
N PRO A 89 10.36 2.25 -3.41
CA PRO A 89 11.76 2.38 -3.80
C PRO A 89 12.21 1.25 -4.72
N GLY A 90 11.48 0.15 -4.69
CA GLY A 90 11.81 -0.99 -5.53
C GLY A 90 10.78 -1.24 -6.60
N ARG A 91 10.46 -2.51 -6.84
CA ARG A 91 9.48 -2.89 -7.85
C ARG A 91 8.65 -4.08 -7.39
N ILE A 92 7.34 -4.02 -7.64
CA ILE A 92 6.44 -5.09 -7.26
C ILE A 92 5.77 -5.70 -8.48
N VAL A 93 5.87 -7.02 -8.62
CA VAL A 93 5.27 -7.71 -9.75
C VAL A 93 3.78 -7.47 -9.84
N GLU A 94 3.23 -7.63 -11.04
CA GLU A 94 1.81 -7.42 -11.27
C GLU A 94 1.18 -8.67 -11.87
N ASN A 95 0.02 -9.07 -11.32
CA ASN A 95 -0.70 -10.24 -11.81
C ASN A 95 -2.13 -10.26 -11.28
N GLY A 96 -2.30 -9.83 -10.04
CA GLY A 96 -3.61 -9.81 -9.42
C GLY A 96 -3.74 -10.82 -8.30
N SER A 97 -2.77 -11.72 -8.21
CA SER A 97 -2.76 -12.74 -7.17
C SER A 97 -2.54 -12.10 -5.80
N GLU A 98 -1.32 -11.62 -5.59
CA GLU A 98 -0.95 -10.95 -4.35
C GLU A 98 -1.74 -11.51 -3.16
N GLN A 99 -1.94 -10.66 -2.14
CA GLN A 99 -2.68 -11.06 -0.95
C GLN A 99 -3.25 -9.84 -0.24
N GLY A 100 -4.32 -10.04 0.53
CA GLY A 100 -4.92 -8.92 1.23
C GLY A 100 -5.93 -9.36 2.28
N SER A 101 -6.22 -8.45 3.20
CA SER A 101 -7.18 -8.71 4.28
C SER A 101 -7.69 -7.39 4.87
N TYR A 102 -8.99 -7.18 4.81
CA TYR A 102 -9.60 -5.96 5.33
C TYR A 102 -10.58 -6.25 6.46
N ASP A 103 -10.45 -5.52 7.57
CA ASP A 103 -11.33 -5.68 8.72
C ASP A 103 -12.10 -4.39 8.99
N ALA A 104 -13.42 -4.52 9.07
CA ALA A 104 -14.27 -3.35 9.32
C ALA A 104 -14.29 -2.98 10.80
N ASP A 105 -14.47 -3.97 11.66
CA ASP A 105 -14.51 -3.73 13.10
C ASP A 105 -13.23 -3.07 13.59
N LYS A 106 -12.08 -3.63 13.21
CA LYS A 106 -10.79 -3.09 13.63
C LYS A 106 -10.43 -1.85 12.83
N GLY A 107 -11.07 -1.68 11.68
CA GLY A 107 -10.79 -0.52 10.84
C GLY A 107 -9.35 -0.50 10.36
N ILE A 108 -8.98 -1.51 9.58
CA ILE A 108 -7.62 -1.61 9.06
C ILE A 108 -7.54 -2.48 7.82
N PHE A 109 -6.92 -1.96 6.77
CA PHE A 109 -6.77 -2.70 5.52
C PHE A 109 -5.30 -3.05 5.28
N THR A 110 -4.98 -4.33 5.38
CA THR A 110 -3.62 -4.79 5.18
C THR A 110 -3.51 -5.56 3.86
N ILE A 111 -2.54 -5.17 3.04
CA ILE A 111 -2.34 -5.83 1.76
C ILE A 111 -0.92 -6.37 1.62
N ARG A 112 -0.73 -7.28 0.67
CA ARG A 112 0.57 -7.87 0.41
C ARG A 112 0.82 -7.86 -1.09
N LEU A 113 2.05 -7.57 -1.49
CA LEU A 113 2.38 -7.52 -2.90
C LEU A 113 3.70 -8.21 -3.19
N PRO A 114 3.72 -9.14 -4.15
CA PRO A 114 4.93 -9.89 -4.53
C PRO A 114 6.00 -8.98 -5.14
N LYS A 115 7.26 -9.36 -4.99
CA LYS A 115 8.35 -8.58 -5.55
C LYS A 115 8.82 -9.18 -6.86
N GLU A 116 9.39 -8.35 -7.71
CA GLU A 116 9.88 -8.80 -9.03
C GLU A 116 11.27 -9.40 -8.91
N THR A 117 11.87 -9.29 -7.72
CA THR A 117 13.21 -9.83 -7.50
C THR A 117 13.45 -10.11 -6.01
N PRO A 118 13.48 -11.39 -5.64
CA PRO A 118 13.71 -11.81 -4.25
C PRO A 118 15.00 -11.21 -3.68
N GLY A 119 15.02 -10.98 -2.37
CA GLY A 119 16.19 -10.42 -1.74
C GLY A 119 16.19 -8.90 -1.73
N GLN A 120 15.21 -8.30 -2.41
CA GLN A 120 15.11 -6.84 -2.47
C GLN A 120 14.46 -6.29 -1.22
N HIS A 121 15.03 -5.21 -0.68
CA HIS A 121 14.50 -4.58 0.52
C HIS A 121 14.22 -3.09 0.28
N PHE A 122 12.96 -2.71 0.44
CA PHE A 122 12.55 -1.32 0.24
C PHE A 122 12.94 -0.47 1.45
N GLU A 123 14.13 0.10 1.42
CA GLU A 123 14.62 0.92 2.51
C GLU A 123 13.88 2.27 2.60
N GLY A 124 14.17 3.00 3.66
CA GLY A 124 13.57 4.31 3.86
C GLY A 124 12.12 4.41 3.39
N LEU A 125 11.34 3.36 3.63
CA LEU A 125 9.94 3.36 3.21
C LEU A 125 9.17 4.49 3.90
N ASN A 126 9.09 4.43 5.24
CA ASN A 126 8.37 5.44 5.99
C ASN A 126 9.20 6.71 6.19
N MET A 127 10.29 6.82 5.44
CA MET A 127 11.15 8.00 5.50
C MET A 127 11.11 8.73 4.17
N LEU A 128 10.93 7.97 3.10
CA LEU A 128 10.85 8.52 1.76
C LEU A 128 9.81 9.65 1.72
N THR A 129 9.69 10.31 0.58
CA THR A 129 8.73 11.41 0.45
C THR A 129 7.90 11.28 -0.82
N ALA A 130 6.87 12.12 -0.92
CA ALA A 130 5.99 12.11 -2.08
C ALA A 130 6.37 13.22 -3.06
N LEU A 131 6.27 12.92 -4.35
CA LEU A 131 6.60 13.89 -5.39
C LEU A 131 5.35 14.63 -5.84
N LEU A 132 5.27 15.92 -5.52
CA LEU A 132 4.13 16.73 -5.91
C LEU A 132 4.44 17.55 -7.15
N ALA A 133 3.69 17.30 -8.22
CA ALA A 133 3.89 18.01 -9.48
C ALA A 133 5.24 17.66 -10.09
N MET A 38 -11.60 15.62 6.96
CA MET A 38 -10.57 15.37 5.93
C MET A 38 -9.18 15.26 6.54
N LEU A 39 -8.92 14.15 7.21
CA LEU A 39 -7.62 13.94 7.85
C LEU A 39 -6.89 12.77 7.21
N THR A 40 -5.56 12.83 7.18
CA THR A 40 -4.75 11.78 6.59
C THR A 40 -4.63 10.58 7.52
N PRO A 41 -5.13 9.42 7.08
CA PRO A 41 -5.08 8.19 7.86
C PRO A 41 -3.67 7.85 8.33
N ALA A 42 -3.57 7.22 9.50
CA ALA A 42 -2.28 6.83 10.03
C ALA A 42 -1.79 5.54 9.40
N PHE A 43 -1.66 5.56 8.08
CA PHE A 43 -1.20 4.39 7.33
C PHE A 43 0.20 3.99 7.72
N ASP A 44 0.60 2.78 7.33
CA ASP A 44 1.92 2.26 7.64
C ASP A 44 2.38 1.31 6.53
N LEU A 45 3.69 1.30 6.27
CA LEU A 45 4.25 0.44 5.25
C LEU A 45 5.22 -0.58 5.85
N SER A 46 5.11 -1.82 5.40
CA SER A 46 5.96 -2.90 5.88
C SER A 46 6.35 -3.81 4.72
N GLN A 47 7.63 -4.13 4.62
CA GLN A 47 8.10 -4.96 3.53
C GLN A 47 8.98 -6.11 4.03
N ASP A 48 8.80 -7.28 3.41
CA ASP A 48 9.56 -8.47 3.74
C ASP A 48 10.49 -8.81 2.59
N PRO A 49 11.53 -9.62 2.87
CA PRO A 49 12.51 -10.03 1.85
C PRO A 49 11.91 -10.82 0.69
N ASP A 50 10.61 -11.08 0.74
CA ASP A 50 9.94 -11.81 -0.33
C ASP A 50 8.61 -11.17 -0.71
N PHE A 51 8.30 -10.04 -0.09
CA PHE A 51 7.04 -9.33 -0.38
C PHE A 51 7.02 -7.92 0.21
N LEU A 52 6.01 -7.16 -0.18
CA LEU A 52 5.81 -5.79 0.30
C LEU A 52 4.35 -5.59 0.65
N THR A 53 4.04 -5.38 1.92
CA THR A 53 2.67 -5.18 2.35
C THR A 53 2.42 -3.74 2.75
N ILE A 54 1.26 -3.22 2.37
CA ILE A 54 0.89 -1.85 2.69
C ILE A 54 -0.28 -1.84 3.68
N ALA A 55 -0.36 -0.79 4.48
CA ALA A 55 -1.42 -0.67 5.48
C ALA A 55 -2.10 0.70 5.44
N ILE A 56 -3.39 0.70 5.15
CA ILE A 56 -4.16 1.93 5.10
C ILE A 56 -5.38 1.86 6.01
N ARG A 57 -5.54 2.86 6.86
CA ARG A 57 -6.67 2.89 7.80
C ARG A 57 -7.81 3.73 7.25
N VAL A 58 -8.96 3.09 7.04
CA VAL A 58 -10.14 3.78 6.52
C VAL A 58 -11.20 3.95 7.60
N SER A 59 -11.04 4.98 8.43
CA SER A 59 -11.98 5.24 9.51
C SER A 59 -13.42 5.26 8.99
N TYR A 60 -13.86 6.43 8.54
CA TYR A 60 -15.22 6.58 8.02
C TYR A 60 -15.62 5.36 7.22
N ALA A 61 -14.80 4.98 6.25
CA ALA A 61 -15.08 3.82 5.41
C ALA A 61 -16.35 4.04 4.61
N ARG A 62 -16.48 5.23 4.02
CA ARG A 62 -17.66 5.59 3.24
C ARG A 62 -17.85 4.63 2.06
N VAL A 63 -17.13 4.86 0.97
CA VAL A 63 -17.24 4.01 -0.20
C VAL A 63 -17.29 2.54 0.18
N SER A 64 -18.18 1.79 -0.46
CA SER A 64 -18.33 0.37 -0.18
C SER A 64 -17.05 -0.40 -0.46
N GLU A 65 -16.39 -0.05 -1.57
CA GLU A 65 -15.14 -0.72 -1.95
C GLU A 65 -14.07 0.30 -2.29
N PHE A 66 -12.82 -0.05 -2.01
CA PHE A 66 -11.70 0.84 -2.28
C PHE A 66 -11.00 0.44 -3.57
N ASP A 67 -10.13 1.31 -4.07
CA ASP A 67 -9.39 1.05 -5.30
C ASP A 67 -7.90 0.92 -5.02
N VAL A 68 -7.32 -0.20 -5.45
CA VAL A 68 -5.89 -0.44 -5.24
C VAL A 68 -5.19 -0.72 -6.56
N TYR A 69 -4.26 0.17 -6.92
CA TYR A 69 -3.50 0.01 -8.17
C TYR A 69 -2.00 0.04 -7.90
N PHE A 70 -1.30 -1.00 -8.33
CA PHE A 70 0.14 -1.08 -8.15
C PHE A 70 0.83 -1.46 -9.45
N GLU A 71 1.74 -0.61 -9.91
CA GLU A 71 2.47 -0.86 -11.15
C GLU A 71 3.95 -0.50 -11.01
N GLY A 72 4.82 -1.49 -11.19
CA GLY A 72 6.24 -1.24 -11.09
C GLY A 72 6.65 -0.79 -9.71
N SER A 73 6.39 0.47 -9.39
CA SER A 73 6.74 1.01 -8.09
C SER A 73 5.80 2.15 -7.71
N ASP A 74 4.59 2.11 -8.23
CA ASP A 74 3.59 3.14 -7.96
C ASP A 74 2.35 2.55 -7.31
N PHE A 75 2.15 2.86 -6.03
CA PHE A 75 0.99 2.37 -5.30
C PHE A 75 -0.07 3.46 -5.18
N LYS A 76 -1.20 3.24 -5.86
CA LYS A 76 -2.29 4.21 -5.84
C LYS A 76 -3.51 3.62 -5.14
N PHE A 77 -3.97 4.30 -4.10
CA PHE A 77 -5.15 3.84 -3.34
C PHE A 77 -6.22 4.93 -3.31
N TYR A 78 -7.36 4.66 -3.94
CA TYR A 78 -8.45 5.61 -3.98
C TYR A 78 -9.70 5.07 -3.30
N ALA A 79 -9.97 5.55 -2.10
CA ALA A 79 -11.14 5.15 -1.34
C ALA A 79 -11.76 6.36 -0.68
N LYS A 80 -13.04 6.63 -0.98
CA LYS A 80 -13.72 7.79 -0.42
C LYS A 80 -12.78 9.00 -0.43
N PRO A 81 -13.16 10.13 0.21
CA PRO A 81 -12.31 11.32 0.22
C PRO A 81 -10.84 10.98 0.50
N TYR A 82 -10.62 9.81 1.06
CA TYR A 82 -9.27 9.34 1.37
C TYR A 82 -8.52 8.92 0.12
N PHE A 83 -7.47 9.64 -0.22
CA PHE A 83 -6.66 9.33 -1.39
C PHE A 83 -5.21 9.09 -0.95
N LEU A 84 -4.68 7.92 -1.27
CA LEU A 84 -3.31 7.58 -0.90
C LEU A 84 -2.44 7.28 -2.11
N ARG A 85 -1.49 8.18 -2.38
CA ARG A 85 -0.57 8.02 -3.49
C ARG A 85 0.86 7.92 -2.97
N LEU A 86 1.47 6.76 -3.15
CA LEU A 86 2.83 6.54 -2.67
C LEU A 86 3.68 5.78 -3.69
N THR A 87 4.94 6.17 -3.80
CA THR A 87 5.87 5.52 -4.71
C THR A 87 6.77 4.54 -3.97
N LEU A 88 6.63 3.26 -4.30
CA LEU A 88 7.43 2.22 -3.65
C LEU A 88 8.87 2.20 -4.17
N PRO A 89 9.84 2.07 -3.25
CA PRO A 89 11.25 2.03 -3.59
C PRO A 89 11.68 0.65 -4.09
N GLY A 90 11.43 0.39 -5.36
CA GLY A 90 11.79 -0.90 -5.94
C GLY A 90 10.76 -1.36 -6.96
N ARG A 91 10.55 -2.67 -7.04
CA ARG A 91 9.59 -3.21 -7.98
C ARG A 91 8.84 -4.41 -7.41
N ILE A 92 7.54 -4.46 -7.65
CA ILE A 92 6.70 -5.55 -7.17
C ILE A 92 6.07 -6.30 -8.34
N VAL A 93 6.26 -7.62 -8.36
CA VAL A 93 5.74 -8.45 -9.44
C VAL A 93 4.23 -8.27 -9.62
N GLU A 94 3.78 -8.42 -10.86
CA GLU A 94 2.36 -8.29 -11.18
C GLU A 94 1.84 -9.55 -11.84
N ASN A 95 0.70 -10.05 -11.36
CA ASN A 95 0.11 -11.26 -11.90
C ASN A 95 -1.30 -11.46 -11.35
N GLY A 96 -1.49 -11.12 -10.08
CA GLY A 96 -2.79 -11.26 -9.46
C GLY A 96 -2.80 -12.32 -8.36
N SER A 97 -1.61 -12.83 -8.02
CA SER A 97 -1.50 -13.84 -6.98
C SER A 97 -1.09 -13.22 -5.65
N GLU A 98 -1.45 -11.95 -5.46
CA GLU A 98 -1.11 -11.25 -4.22
C GLU A 98 -2.07 -11.64 -3.10
N GLN A 99 -2.05 -10.89 -2.01
CA GLN A 99 -2.92 -11.18 -0.88
C GLN A 99 -3.52 -9.91 -0.31
N GLY A 100 -4.85 -9.87 -0.23
CA GLY A 100 -5.53 -8.69 0.30
C GLY A 100 -6.45 -9.04 1.45
N SER A 101 -6.46 -8.20 2.48
CA SER A 101 -7.31 -8.44 3.64
C SER A 101 -7.57 -7.16 4.42
N TYR A 102 -8.78 -6.64 4.31
CA TYR A 102 -9.16 -5.42 5.02
C TYR A 102 -10.16 -5.74 6.14
N ASP A 103 -10.07 -5.00 7.23
CA ASP A 103 -10.95 -5.20 8.37
C ASP A 103 -11.72 -3.93 8.72
N ALA A 104 -13.05 -4.05 8.78
CA ALA A 104 -13.90 -2.91 9.10
C ALA A 104 -14.00 -2.70 10.61
N ASP A 105 -14.09 -3.79 11.35
CA ASP A 105 -14.22 -3.75 12.81
C ASP A 105 -13.12 -2.90 13.45
N LYS A 106 -11.88 -3.14 13.07
CA LYS A 106 -10.75 -2.40 13.62
C LYS A 106 -10.34 -1.25 12.71
N GLY A 107 -10.75 -1.32 11.45
CA GLY A 107 -10.41 -0.27 10.50
C GLY A 107 -8.95 -0.31 10.07
N ILE A 108 -8.55 -1.39 9.42
CA ILE A 108 -7.18 -1.53 8.96
C ILE A 108 -7.09 -2.47 7.75
N PHE A 109 -6.60 -1.95 6.64
CA PHE A 109 -6.47 -2.74 5.42
C PHE A 109 -5.00 -3.02 5.09
N THR A 110 -4.68 -4.30 4.94
CA THR A 110 -3.31 -4.71 4.64
C THR A 110 -3.28 -5.63 3.42
N ILE A 111 -2.44 -5.28 2.44
CA ILE A 111 -2.33 -6.07 1.22
C ILE A 111 -0.88 -6.42 0.92
N ARG A 112 -0.59 -7.72 0.87
CA ARG A 112 0.75 -8.21 0.59
C ARG A 112 1.01 -8.23 -0.91
N LEU A 113 2.22 -7.87 -1.31
CA LEU A 113 2.59 -7.83 -2.72
C LEU A 113 3.95 -8.46 -2.98
N PRO A 114 3.98 -9.55 -3.76
CA PRO A 114 5.24 -10.25 -4.10
C PRO A 114 6.22 -9.36 -4.84
N LYS A 115 7.50 -9.67 -4.73
CA LYS A 115 8.54 -8.88 -5.40
C LYS A 115 8.90 -9.48 -6.76
N GLU A 116 9.39 -8.64 -7.65
CA GLU A 116 9.80 -9.07 -8.98
C GLU A 116 11.20 -9.66 -8.94
N THR A 117 11.89 -9.42 -7.82
CA THR A 117 13.24 -9.93 -7.63
C THR A 117 13.46 -10.36 -6.19
N PRO A 118 13.73 -11.67 -5.97
CA PRO A 118 13.96 -12.22 -4.63
C PRO A 118 15.13 -11.54 -3.93
N GLY A 119 14.99 -11.34 -2.62
CA GLY A 119 16.05 -10.70 -1.86
C GLY A 119 15.90 -9.19 -1.85
N GLN A 120 14.91 -8.70 -2.60
CA GLN A 120 14.66 -7.27 -2.67
C GLN A 120 13.89 -6.77 -1.45
N HIS A 121 14.44 -5.76 -0.79
CA HIS A 121 13.81 -5.19 0.39
C HIS A 121 13.69 -3.68 0.25
N PHE A 122 12.46 -3.17 0.41
CA PHE A 122 12.22 -1.74 0.30
C PHE A 122 12.60 -1.02 1.58
N GLU A 123 13.85 -0.58 1.65
CA GLU A 123 14.36 0.12 2.83
C GLU A 123 13.83 1.55 2.92
N GLY A 124 14.15 2.19 4.03
CA GLY A 124 13.74 3.57 4.26
C GLY A 124 12.33 3.88 3.76
N LEU A 125 11.43 2.91 3.87
CA LEU A 125 10.05 3.12 3.43
C LEU A 125 9.42 4.30 4.19
N ASN A 126 9.33 4.17 5.51
CA ASN A 126 8.74 5.21 6.35
C ASN A 126 9.61 6.47 6.43
N MET A 127 10.66 6.53 5.61
CA MET A 127 11.52 7.71 5.56
C MET A 127 11.07 8.56 4.39
N LEU A 128 10.47 7.88 3.41
CA LEU A 128 9.96 8.53 2.21
C LEU A 128 8.70 9.34 2.53
N THR A 129 8.71 10.62 2.17
CA THR A 129 7.55 11.48 2.42
C THR A 129 7.44 12.57 1.35
N ALA A 130 6.22 13.06 1.15
CA ALA A 130 5.97 14.12 0.17
C ALA A 130 5.96 15.48 0.84
N LEU A 131 6.93 16.33 0.48
CA LEU A 131 7.01 17.67 1.05
C LEU A 131 7.05 18.74 -0.05
N LEU A 132 5.97 19.49 -0.20
CA LEU A 132 5.91 20.52 -1.21
C LEU A 132 6.37 21.87 -0.66
N ALA A 133 7.48 22.38 -1.16
CA ALA A 133 8.03 23.65 -0.71
C ALA A 133 8.80 23.49 0.60
N MET A 38 -11.29 15.73 5.08
CA MET A 38 -10.29 14.68 4.75
C MET A 38 -9.00 14.88 5.53
N LEU A 39 -8.68 13.91 6.39
CA LEU A 39 -7.47 13.98 7.21
C LEU A 39 -6.50 12.87 6.82
N THR A 40 -5.23 13.06 7.17
CA THR A 40 -4.20 12.07 6.87
C THR A 40 -4.23 10.92 7.87
N PRO A 41 -4.62 9.72 7.41
CA PRO A 41 -4.70 8.53 8.25
C PRO A 41 -3.32 8.03 8.66
N ALA A 42 -3.22 7.48 9.86
CA ALA A 42 -1.94 6.98 10.37
C ALA A 42 -1.58 5.65 9.73
N PHE A 43 -1.32 5.68 8.42
CA PHE A 43 -0.94 4.48 7.68
C PHE A 43 0.50 4.07 7.98
N ASP A 44 0.83 2.84 7.64
CA ASP A 44 2.19 2.33 7.86
C ASP A 44 2.58 1.35 6.76
N LEU A 45 3.85 1.37 6.36
CA LEU A 45 4.34 0.48 5.32
C LEU A 45 5.34 -0.53 5.87
N SER A 46 5.16 -1.78 5.48
CA SER A 46 6.04 -2.86 5.91
C SER A 46 6.27 -3.83 4.77
N GLN A 47 7.52 -4.24 4.58
CA GLN A 47 7.85 -5.15 3.50
C GLN A 47 8.69 -6.32 3.97
N ASP A 48 8.40 -7.49 3.40
CA ASP A 48 9.11 -8.71 3.72
C ASP A 48 10.07 -9.06 2.59
N PRO A 49 11.07 -9.92 2.85
CA PRO A 49 12.06 -10.32 1.85
C PRO A 49 11.45 -11.08 0.67
N ASP A 50 10.14 -11.30 0.70
CA ASP A 50 9.44 -11.99 -0.38
C ASP A 50 8.14 -11.28 -0.73
N PHE A 51 7.94 -10.09 -0.18
CA PHE A 51 6.73 -9.33 -0.43
C PHE A 51 6.81 -7.91 0.13
N LEU A 52 5.81 -7.12 -0.21
CA LEU A 52 5.70 -5.75 0.25
C LEU A 52 4.26 -5.52 0.70
N THR A 53 4.04 -5.38 2.01
CA THR A 53 2.69 -5.19 2.51
C THR A 53 2.46 -3.73 2.91
N ILE A 54 1.23 -3.29 2.72
CA ILE A 54 0.86 -1.93 3.07
C ILE A 54 -0.29 -1.93 4.06
N ALA A 55 -0.37 -0.89 4.88
CA ALA A 55 -1.43 -0.79 5.88
C ALA A 55 -2.01 0.61 5.93
N ILE A 56 -3.31 0.72 5.68
CA ILE A 56 -3.99 2.01 5.69
C ILE A 56 -5.16 2.00 6.67
N ARG A 57 -5.17 2.97 7.57
CA ARG A 57 -6.24 3.07 8.56
C ARG A 57 -7.49 3.65 7.92
N VAL A 58 -8.56 2.87 7.91
CA VAL A 58 -9.83 3.30 7.32
C VAL A 58 -11.01 2.78 8.12
N SER A 59 -11.92 3.69 8.46
CA SER A 59 -13.11 3.32 9.22
C SER A 59 -14.38 3.68 8.46
N TYR A 60 -14.53 4.96 8.13
CA TYR A 60 -15.70 5.43 7.39
C TYR A 60 -15.85 4.69 6.08
N ALA A 61 -14.78 4.68 5.28
CA ALA A 61 -14.80 4.01 3.98
C ALA A 61 -16.14 4.22 3.28
N ARG A 62 -16.18 5.19 2.39
CA ARG A 62 -17.41 5.49 1.64
C ARG A 62 -17.76 4.35 0.69
N VAL A 63 -16.96 4.20 -0.35
CA VAL A 63 -17.19 3.15 -1.35
C VAL A 63 -17.15 1.77 -0.68
N SER A 64 -18.09 0.91 -1.05
CA SER A 64 -18.16 -0.43 -0.49
C SER A 64 -16.84 -1.17 -0.71
N GLU A 65 -16.26 -0.99 -1.89
CA GLU A 65 -15.00 -1.63 -2.24
C GLU A 65 -13.94 -0.57 -2.55
N PHE A 66 -12.72 -0.80 -2.08
CA PHE A 66 -11.63 0.14 -2.30
C PHE A 66 -10.92 -0.16 -3.62
N ASP A 67 -10.10 0.79 -4.06
CA ASP A 67 -9.37 0.64 -5.30
C ASP A 67 -7.85 0.67 -5.05
N VAL A 68 -7.19 -0.44 -5.34
CA VAL A 68 -5.76 -0.54 -5.14
C VAL A 68 -5.03 -0.72 -6.47
N TYR A 69 -4.21 0.26 -6.83
CA TYR A 69 -3.46 0.21 -8.08
C TYR A 69 -1.97 0.05 -7.83
N PHE A 70 -1.41 -1.08 -8.23
CA PHE A 70 0.00 -1.35 -8.05
C PHE A 70 0.66 -1.72 -9.38
N GLU A 71 1.58 -0.89 -9.84
CA GLU A 71 2.27 -1.14 -11.10
C GLU A 71 3.76 -0.86 -10.99
N GLY A 72 4.57 -1.89 -11.19
CA GLY A 72 6.00 -1.74 -11.13
C GLY A 72 6.49 -1.25 -9.79
N SER A 73 6.29 0.04 -9.52
CA SER A 73 6.72 0.63 -8.25
C SER A 73 5.79 1.76 -7.83
N ASP A 74 4.54 1.69 -8.28
CA ASP A 74 3.56 2.70 -7.95
C ASP A 74 2.39 2.10 -7.17
N PHE A 75 2.03 2.74 -6.05
CA PHE A 75 0.94 2.25 -5.22
C PHE A 75 -0.10 3.34 -4.99
N LYS A 76 -1.30 3.13 -5.53
CA LYS A 76 -2.39 4.09 -5.39
C LYS A 76 -3.60 3.44 -4.72
N PHE A 77 -4.08 4.07 -3.66
CA PHE A 77 -5.24 3.53 -2.92
C PHE A 77 -6.36 4.56 -2.87
N TYR A 78 -7.45 4.28 -3.57
CA TYR A 78 -8.60 5.19 -3.61
C TYR A 78 -9.79 4.60 -2.87
N ALA A 79 -10.20 5.25 -1.79
CA ALA A 79 -11.34 4.81 -1.00
C ALA A 79 -12.34 5.94 -0.82
N LYS A 80 -12.32 6.87 -1.78
CA LYS A 80 -13.18 8.05 -1.81
C LYS A 80 -12.46 9.26 -1.19
N PRO A 81 -12.52 9.50 0.13
CA PRO A 81 -11.82 10.64 0.75
C PRO A 81 -10.37 10.31 1.03
N TYR A 82 -10.07 9.01 1.03
CA TYR A 82 -8.73 8.54 1.32
C TYR A 82 -7.94 8.28 0.03
N PHE A 83 -7.01 9.18 -0.28
CA PHE A 83 -6.17 9.05 -1.46
C PHE A 83 -4.73 8.77 -1.06
N LEU A 84 -4.25 7.55 -1.35
CA LEU A 84 -2.89 7.17 -0.98
C LEU A 84 -2.03 6.87 -2.20
N ARG A 85 -1.08 7.74 -2.48
CA ARG A 85 -0.17 7.56 -3.61
C ARG A 85 1.26 7.45 -3.11
N LEU A 86 1.84 6.25 -3.23
CA LEU A 86 3.20 6.03 -2.77
C LEU A 86 4.04 5.33 -3.83
N THR A 87 5.28 5.79 -4.00
CA THR A 87 6.20 5.21 -4.96
C THR A 87 7.22 4.34 -4.24
N LEU A 88 7.15 3.03 -4.49
CA LEU A 88 8.05 2.08 -3.85
C LEU A 88 9.48 2.21 -4.36
N PRO A 89 10.47 2.17 -3.45
CA PRO A 89 11.89 2.29 -3.78
C PRO A 89 12.37 1.23 -4.76
N GLY A 90 11.60 0.14 -4.89
CA GLY A 90 12.00 -0.92 -5.80
C GLY A 90 10.91 -1.26 -6.79
N ARG A 91 10.56 -2.55 -6.88
CA ARG A 91 9.53 -2.99 -7.81
C ARG A 91 8.74 -4.17 -7.26
N ILE A 92 7.45 -4.19 -7.54
CA ILE A 92 6.58 -5.27 -7.09
C ILE A 92 5.96 -5.95 -8.30
N VAL A 93 6.11 -7.27 -8.39
CA VAL A 93 5.58 -8.01 -9.52
C VAL A 93 4.11 -7.72 -9.77
N GLU A 94 3.73 -7.64 -11.05
CA GLU A 94 2.36 -7.36 -11.44
C GLU A 94 1.77 -8.57 -12.15
N ASN A 95 0.59 -8.98 -11.71
CA ASN A 95 -0.10 -10.13 -12.30
C ASN A 95 -1.47 -10.32 -11.66
N GLY A 96 -1.55 -10.02 -10.36
CA GLY A 96 -2.81 -10.16 -9.65
C GLY A 96 -2.79 -11.34 -8.70
N SER A 97 -1.60 -11.84 -8.38
CA SER A 97 -1.45 -12.96 -7.48
C SER A 97 -1.12 -12.50 -6.06
N GLU A 98 -1.44 -11.24 -5.77
CA GLU A 98 -1.17 -10.66 -4.47
C GLU A 98 -2.14 -11.20 -3.43
N GLN A 99 -2.12 -10.62 -2.24
CA GLN A 99 -2.99 -11.03 -1.15
C GLN A 99 -3.51 -9.84 -0.38
N GLY A 100 -4.79 -9.89 -0.02
CA GLY A 100 -5.40 -8.79 0.72
C GLY A 100 -6.18 -9.28 1.93
N SER A 101 -6.20 -8.48 2.98
CA SER A 101 -6.91 -8.84 4.20
C SER A 101 -7.24 -7.60 5.02
N TYR A 102 -8.53 -7.27 5.09
CA TYR A 102 -8.98 -6.11 5.85
C TYR A 102 -9.78 -6.56 7.07
N ASP A 103 -9.39 -6.07 8.25
CA ASP A 103 -10.06 -6.43 9.48
C ASP A 103 -10.95 -5.27 9.96
N ALA A 104 -12.27 -5.49 9.91
CA ALA A 104 -13.22 -4.48 10.33
C ALA A 104 -13.08 -4.20 11.82
N ASP A 105 -13.07 -5.27 12.62
CA ASP A 105 -12.96 -5.14 14.06
C ASP A 105 -11.77 -4.26 14.43
N LYS A 106 -10.61 -4.55 13.84
CA LYS A 106 -9.41 -3.76 14.10
C LYS A 106 -9.46 -2.45 13.32
N GLY A 107 -10.18 -2.46 12.20
CA GLY A 107 -10.32 -1.27 11.38
C GLY A 107 -9.05 -0.91 10.64
N ILE A 108 -8.44 -1.89 9.98
CA ILE A 108 -7.22 -1.65 9.22
C ILE A 108 -7.18 -2.50 7.96
N PHE A 109 -6.58 -1.97 6.90
CA PHE A 109 -6.47 -2.67 5.63
C PHE A 109 -5.04 -3.11 5.35
N THR A 110 -4.83 -4.42 5.33
CA THR A 110 -3.50 -4.98 5.06
C THR A 110 -3.48 -5.74 3.75
N ILE A 111 -2.55 -5.41 2.87
CA ILE A 111 -2.45 -6.06 1.58
C ILE A 111 -1.00 -6.33 1.17
N ARG A 112 -0.67 -7.61 0.99
CA ARG A 112 0.69 -8.01 0.61
C ARG A 112 0.86 -8.01 -0.90
N LEU A 113 2.07 -7.71 -1.35
CA LEU A 113 2.38 -7.67 -2.77
C LEU A 113 3.69 -8.37 -3.07
N PRO A 114 3.66 -9.39 -3.95
CA PRO A 114 4.87 -10.14 -4.33
C PRO A 114 5.92 -9.24 -4.99
N LYS A 115 7.20 -9.57 -4.77
CA LYS A 115 8.28 -8.79 -5.35
C LYS A 115 8.69 -9.33 -6.72
N GLU A 116 9.28 -8.47 -7.53
CA GLU A 116 9.73 -8.85 -8.87
C GLU A 116 11.17 -9.34 -8.84
N THR A 117 11.87 -9.02 -7.75
CA THR A 117 13.26 -9.43 -7.59
C THR A 117 13.51 -9.96 -6.18
N PRO A 118 13.41 -11.29 -6.01
CA PRO A 118 13.62 -11.93 -4.71
C PRO A 118 14.82 -11.37 -3.97
N GLY A 119 14.70 -11.27 -2.64
CA GLY A 119 15.79 -10.76 -1.83
C GLY A 119 15.87 -9.24 -1.80
N GLN A 120 14.95 -8.59 -2.50
CA GLN A 120 14.93 -7.13 -2.54
C GLN A 120 14.19 -6.56 -1.34
N HIS A 121 14.75 -5.52 -0.72
CA HIS A 121 14.13 -4.89 0.44
C HIS A 121 14.00 -3.39 0.24
N PHE A 122 12.77 -2.88 0.35
CA PHE A 122 12.51 -1.47 0.19
C PHE A 122 12.87 -0.70 1.46
N GLU A 123 14.11 -0.23 1.51
CA GLU A 123 14.59 0.52 2.68
C GLU A 123 13.93 1.89 2.79
N GLY A 124 14.17 2.54 3.92
CA GLY A 124 13.63 3.87 4.17
C GLY A 124 12.27 4.09 3.55
N LEU A 125 11.40 3.10 3.64
CA LEU A 125 10.05 3.22 3.08
C LEU A 125 9.29 4.37 3.72
N ASN A 126 9.07 4.29 5.04
CA ASN A 126 8.35 5.33 5.76
C ASN A 126 9.25 6.53 6.08
N MET A 127 10.39 6.59 5.41
CA MET A 127 11.33 7.70 5.60
C MET A 127 11.47 8.46 4.28
N LEU A 128 11.28 7.74 3.18
CA LEU A 128 11.36 8.30 1.84
C LEU A 128 10.60 9.62 1.77
N THR A 129 10.62 10.26 0.59
CA THR A 129 9.92 11.52 0.40
C THR A 129 9.32 11.60 -1.00
N ALA A 130 8.38 12.52 -1.20
CA ALA A 130 7.73 12.68 -2.49
C ALA A 130 8.62 13.39 -3.50
N LEU A 131 8.84 12.76 -4.65
CA LEU A 131 9.67 13.34 -5.69
C LEU A 131 8.84 13.68 -6.92
N LEU A 132 9.09 14.85 -7.49
CA LEU A 132 8.35 15.31 -8.67
C LEU A 132 9.12 14.99 -9.95
N ALA A 133 8.61 14.05 -10.73
CA ALA A 133 9.25 13.66 -11.97
C ALA A 133 10.74 13.38 -11.76
N MET A 38 -10.24 15.94 5.84
CA MET A 38 -9.19 16.29 4.87
C MET A 38 -7.79 16.05 5.44
N LEU A 39 -7.68 15.04 6.30
CA LEU A 39 -6.41 14.71 6.93
C LEU A 39 -6.03 13.26 6.65
N THR A 40 -4.78 13.05 6.26
CA THR A 40 -4.30 11.70 5.97
C THR A 40 -4.29 10.83 7.22
N PRO A 41 -4.67 9.55 7.08
CA PRO A 41 -4.73 8.61 8.21
C PRO A 41 -3.34 8.15 8.65
N ALA A 42 -3.29 7.44 9.77
CA ALA A 42 -2.02 6.95 10.31
C ALA A 42 -1.63 5.62 9.67
N PHE A 43 -1.36 5.66 8.37
CA PHE A 43 -0.97 4.47 7.64
C PHE A 43 0.51 4.15 7.87
N ASP A 44 0.90 2.92 7.52
CA ASP A 44 2.28 2.49 7.69
C ASP A 44 2.67 1.45 6.65
N LEU A 45 3.96 1.37 6.34
CA LEU A 45 4.45 0.42 5.35
C LEU A 45 5.38 -0.61 5.98
N SER A 46 5.18 -1.87 5.61
CA SER A 46 5.99 -2.97 6.09
C SER A 46 6.29 -3.92 4.93
N GLN A 47 7.55 -4.28 4.76
CA GLN A 47 7.93 -5.15 3.66
C GLN A 47 8.81 -6.31 4.12
N ASP A 48 8.60 -7.46 3.47
CA ASP A 48 9.36 -8.67 3.75
C ASP A 48 10.32 -8.97 2.61
N PRO A 49 11.35 -9.79 2.88
CA PRO A 49 12.36 -10.16 1.88
C PRO A 49 11.79 -10.95 0.69
N ASP A 50 10.48 -11.22 0.71
CA ASP A 50 9.83 -11.94 -0.39
C ASP A 50 8.51 -11.28 -0.75
N PHE A 51 8.26 -10.11 -0.18
CA PHE A 51 7.02 -9.38 -0.45
C PHE A 51 7.06 -7.98 0.17
N LEU A 52 6.05 -7.20 -0.15
CA LEU A 52 5.90 -5.85 0.39
C LEU A 52 4.45 -5.64 0.78
N THR A 53 4.20 -5.42 2.06
CA THR A 53 2.84 -5.23 2.53
C THR A 53 2.58 -3.76 2.89
N ILE A 54 1.34 -3.33 2.70
CA ILE A 54 0.95 -1.96 3.02
C ILE A 54 -0.24 -1.95 3.95
N ALA A 55 -0.37 -0.90 4.76
CA ALA A 55 -1.47 -0.81 5.70
C ALA A 55 -2.11 0.58 5.67
N ILE A 56 -3.37 0.63 5.22
CA ILE A 56 -4.10 1.89 5.14
C ILE A 56 -5.28 1.89 6.11
N ARG A 57 -5.33 2.89 6.98
CA ARG A 57 -6.41 2.99 7.97
C ARG A 57 -7.61 3.73 7.38
N VAL A 58 -8.75 3.05 7.36
CA VAL A 58 -9.99 3.63 6.85
C VAL A 58 -11.17 3.19 7.68
N SER A 59 -12.02 4.14 8.07
CA SER A 59 -13.19 3.85 8.87
C SER A 59 -14.48 4.23 8.15
N TYR A 60 -14.75 5.54 8.08
CA TYR A 60 -15.95 6.03 7.42
C TYR A 60 -16.11 5.41 6.04
N ALA A 61 -15.06 5.52 5.22
CA ALA A 61 -15.07 4.97 3.87
C ALA A 61 -16.39 5.27 3.15
N ARG A 62 -16.36 6.24 2.25
CA ARG A 62 -17.55 6.62 1.49
C ARG A 62 -17.76 5.69 0.31
N VAL A 63 -16.92 4.66 0.20
CA VAL A 63 -17.03 3.70 -0.89
C VAL A 63 -17.17 2.28 -0.35
N SER A 64 -18.15 1.54 -0.87
CA SER A 64 -18.38 0.17 -0.45
C SER A 64 -17.11 -0.65 -0.64
N GLU A 65 -16.44 -0.41 -1.78
CA GLU A 65 -15.20 -1.12 -2.10
C GLU A 65 -14.13 -0.10 -2.48
N PHE A 66 -12.88 -0.38 -2.09
CA PHE A 66 -11.78 0.52 -2.39
C PHE A 66 -11.12 0.15 -3.72
N ASP A 67 -10.28 1.07 -4.21
CA ASP A 67 -9.57 0.85 -5.47
C ASP A 67 -8.07 0.84 -5.23
N VAL A 68 -7.41 -0.25 -5.60
CA VAL A 68 -5.97 -0.37 -5.42
C VAL A 68 -5.25 -0.56 -6.75
N TYR A 69 -4.41 0.41 -7.10
CA TYR A 69 -3.65 0.36 -8.35
C TYR A 69 -2.16 0.18 -8.07
N PHE A 70 -1.62 -0.96 -8.47
CA PHE A 70 -0.20 -1.25 -8.26
C PHE A 70 0.47 -1.62 -9.58
N GLU A 71 1.40 -0.79 -10.02
CA GLU A 71 2.12 -1.03 -11.27
C GLU A 71 3.62 -0.81 -11.11
N GLY A 72 4.38 -1.89 -11.20
CA GLY A 72 5.83 -1.80 -11.07
C GLY A 72 6.26 -1.28 -9.71
N SER A 73 6.00 0.01 -9.47
CA SER A 73 6.36 0.62 -8.19
C SER A 73 5.44 1.80 -7.90
N ASP A 74 4.24 1.76 -8.48
CA ASP A 74 3.25 2.81 -8.29
C ASP A 74 2.03 2.28 -7.55
N PHE A 75 1.92 2.63 -6.28
CA PHE A 75 0.80 2.20 -5.47
C PHE A 75 -0.19 3.34 -5.23
N LYS A 76 -1.41 3.16 -5.72
CA LYS A 76 -2.46 4.16 -5.58
C LYS A 76 -3.69 3.58 -4.88
N PHE A 77 -4.16 4.28 -3.86
CA PHE A 77 -5.34 3.82 -3.10
C PHE A 77 -6.38 4.93 -3.02
N TYR A 78 -7.55 4.68 -3.60
CA TYR A 78 -8.65 5.65 -3.58
C TYR A 78 -9.87 5.09 -2.87
N ALA A 79 -10.31 5.78 -1.83
CA ALA A 79 -11.48 5.37 -1.06
C ALA A 79 -12.48 6.52 -0.98
N LYS A 80 -12.47 7.36 -2.01
CA LYS A 80 -13.34 8.54 -2.11
C LYS A 80 -12.63 9.79 -1.58
N PRO A 81 -12.72 10.14 -0.28
CA PRO A 81 -12.03 11.31 0.25
C PRO A 81 -10.59 10.98 0.63
N TYR A 82 -10.31 9.69 0.75
CA TYR A 82 -8.99 9.24 1.12
C TYR A 82 -8.21 8.74 -0.10
N PHE A 83 -7.11 9.40 -0.41
CA PHE A 83 -6.27 9.01 -1.54
C PHE A 83 -4.82 8.81 -1.08
N LEU A 84 -4.31 7.60 -1.31
CA LEU A 84 -2.94 7.28 -0.90
C LEU A 84 -2.08 6.91 -2.10
N ARG A 85 -1.10 7.76 -2.38
CA ARG A 85 -0.18 7.50 -3.48
C ARG A 85 1.23 7.31 -2.92
N LEU A 86 1.73 6.08 -3.02
CA LEU A 86 3.06 5.77 -2.51
C LEU A 86 3.94 5.17 -3.59
N THR A 87 5.15 5.73 -3.74
CA THR A 87 6.10 5.24 -4.73
C THR A 87 7.12 4.33 -4.07
N LEU A 88 7.04 3.04 -4.38
CA LEU A 88 7.95 2.06 -3.81
C LEU A 88 9.37 2.22 -4.36
N PRO A 89 10.38 2.15 -3.49
CA PRO A 89 11.79 2.28 -3.86
C PRO A 89 12.26 1.19 -4.81
N GLY A 90 11.48 0.13 -4.93
CA GLY A 90 11.85 -0.96 -5.81
C GLY A 90 10.78 -1.26 -6.86
N ARG A 91 10.40 -2.53 -6.96
CA ARG A 91 9.39 -2.94 -7.92
C ARG A 91 8.60 -4.14 -7.41
N ILE A 92 7.32 -4.19 -7.75
CA ILE A 92 6.46 -5.28 -7.33
C ILE A 92 5.87 -6.01 -8.54
N VAL A 93 6.04 -7.32 -8.59
CA VAL A 93 5.53 -8.11 -9.71
C VAL A 93 4.05 -7.85 -9.95
N GLU A 94 3.65 -7.92 -11.22
CA GLU A 94 2.26 -7.69 -11.58
C GLU A 94 1.62 -8.99 -12.07
N ASN A 95 0.51 -9.37 -11.44
CA ASN A 95 -0.19 -10.59 -11.80
C ASN A 95 -1.63 -10.56 -11.29
N GLY A 96 -1.79 -10.09 -10.06
CA GLY A 96 -3.11 -10.01 -9.46
C GLY A 96 -3.29 -10.97 -8.31
N SER A 97 -2.29 -11.83 -8.09
CA SER A 97 -2.35 -12.80 -7.00
C SER A 97 -2.18 -12.09 -5.66
N GLU A 98 -0.95 -11.64 -5.39
CA GLU A 98 -0.64 -10.93 -4.16
C GLU A 98 -1.46 -11.47 -2.99
N GLN A 99 -1.64 -10.64 -1.98
CA GLN A 99 -2.40 -11.00 -0.80
C GLN A 99 -2.98 -9.77 -0.12
N GLY A 100 -3.92 -9.98 0.80
CA GLY A 100 -4.53 -8.86 1.50
C GLY A 100 -5.84 -9.22 2.17
N SER A 101 -6.16 -8.50 3.24
CA SER A 101 -7.40 -8.75 3.97
C SER A 101 -7.85 -7.49 4.69
N TYR A 102 -9.16 -7.28 4.73
CA TYR A 102 -9.72 -6.10 5.39
C TYR A 102 -10.47 -6.50 6.66
N ASP A 103 -10.06 -5.93 7.78
CA ASP A 103 -10.69 -6.22 9.06
C ASP A 103 -11.47 -5.02 9.57
N ALA A 104 -12.78 -5.19 9.77
CA ALA A 104 -13.63 -4.12 10.26
C ALA A 104 -13.39 -3.88 11.74
N ASP A 105 -13.25 -4.97 12.50
CA ASP A 105 -13.02 -4.87 13.93
C ASP A 105 -11.82 -3.96 14.21
N LYS A 106 -10.69 -4.28 13.58
CA LYS A 106 -9.49 -3.48 13.74
C LYS A 106 -9.54 -2.25 12.84
N GLY A 107 -10.44 -2.28 11.87
CA GLY A 107 -10.60 -1.17 10.96
C GLY A 107 -9.31 -0.82 10.24
N ILE A 108 -8.72 -1.80 9.58
CA ILE A 108 -7.48 -1.59 8.86
C ILE A 108 -7.43 -2.42 7.59
N PHE A 109 -6.78 -1.90 6.56
CA PHE A 109 -6.66 -2.59 5.28
C PHE A 109 -5.21 -2.99 5.02
N THR A 110 -4.95 -4.29 5.02
CA THR A 110 -3.59 -4.79 4.78
C THR A 110 -3.53 -5.59 3.49
N ILE A 111 -2.52 -5.31 2.68
CA ILE A 111 -2.37 -5.99 1.40
C ILE A 111 -0.90 -6.29 1.09
N ARG A 112 -0.57 -7.57 0.97
CA ARG A 112 0.80 -7.98 0.67
C ARG A 112 1.01 -8.10 -0.83
N LEU A 113 2.23 -7.83 -1.27
CA LEU A 113 2.56 -7.89 -2.68
C LEU A 113 3.87 -8.63 -2.92
N PRO A 114 3.97 -9.41 -4.00
CA PRO A 114 5.19 -10.15 -4.33
C PRO A 114 6.19 -9.27 -5.07
N LYS A 115 7.47 -9.55 -4.87
CA LYS A 115 8.53 -8.78 -5.52
C LYS A 115 8.89 -9.35 -6.88
N GLU A 116 9.46 -8.51 -7.74
CA GLU A 116 9.87 -8.93 -9.07
C GLU A 116 11.25 -9.57 -9.01
N THR A 117 11.97 -9.30 -7.94
CA THR A 117 13.31 -9.84 -7.75
C THR A 117 13.54 -10.18 -6.27
N PRO A 118 13.16 -11.40 -5.86
CA PRO A 118 13.32 -11.85 -4.48
C PRO A 118 14.66 -11.43 -3.88
N GLY A 119 14.68 -11.21 -2.57
CA GLY A 119 15.90 -10.80 -1.90
C GLY A 119 16.02 -9.29 -1.82
N GLN A 120 15.15 -8.59 -2.53
CA GLN A 120 15.17 -7.13 -2.52
C GLN A 120 14.43 -6.59 -1.31
N HIS A 121 15.04 -5.60 -0.65
CA HIS A 121 14.44 -5.00 0.54
C HIS A 121 14.27 -3.50 0.38
N PHE A 122 13.02 -3.04 0.43
CA PHE A 122 12.73 -1.62 0.32
C PHE A 122 13.02 -0.91 1.64
N GLU A 123 14.25 -0.45 1.79
CA GLU A 123 14.67 0.22 3.01
C GLU A 123 14.16 1.65 3.11
N GLY A 124 14.42 2.28 4.25
CA GLY A 124 14.03 3.65 4.51
C GLY A 124 12.67 4.01 3.94
N LEU A 125 11.70 3.11 4.07
CA LEU A 125 10.35 3.37 3.57
C LEU A 125 9.82 4.65 4.21
N ASN A 126 9.70 4.64 5.53
CA ASN A 126 9.21 5.81 6.26
C ASN A 126 10.37 6.75 6.59
N MET A 127 11.54 6.44 6.05
CA MET A 127 12.73 7.25 6.26
C MET A 127 13.26 7.76 4.91
N LEU A 128 12.49 7.50 3.85
CA LEU A 128 12.87 7.92 2.52
C LEU A 128 12.76 9.43 2.37
N THR A 129 13.10 9.95 1.19
CA THR A 129 13.03 11.38 0.94
C THR A 129 12.05 11.70 -0.18
N ALA A 130 11.95 12.98 -0.51
CA ALA A 130 11.06 13.43 -1.57
C ALA A 130 11.83 13.71 -2.86
N LEU A 131 11.44 13.05 -3.94
CA LEU A 131 12.10 13.24 -5.23
C LEU A 131 11.11 13.78 -6.26
N LEU A 132 11.28 15.05 -6.62
CA LEU A 132 10.40 15.68 -7.59
C LEU A 132 11.00 15.61 -8.99
N ALA A 133 10.29 14.97 -9.90
CA ALA A 133 10.75 14.83 -11.27
C ALA A 133 9.87 15.65 -12.22
N MET A 38 -9.27 18.31 6.97
CA MET A 38 -9.49 16.84 6.92
C MET A 38 -8.57 16.12 7.90
N LEU A 39 -8.75 14.81 8.03
CA LEU A 39 -7.93 14.02 8.95
C LEU A 39 -7.27 12.85 8.23
N THR A 40 -5.94 12.83 8.25
CA THR A 40 -5.19 11.75 7.63
C THR A 40 -5.09 10.54 8.56
N PRO A 41 -5.26 9.34 8.01
CA PRO A 41 -5.21 8.10 8.79
C PRO A 41 -3.78 7.72 9.15
N ALA A 42 -3.62 7.06 10.30
CA ALA A 42 -2.32 6.64 10.77
C ALA A 42 -1.85 5.38 10.06
N PHE A 43 -1.74 5.46 8.73
CA PHE A 43 -1.31 4.33 7.93
C PHE A 43 0.17 4.03 8.16
N ASP A 44 0.62 2.86 7.72
CA ASP A 44 2.01 2.47 7.89
C ASP A 44 2.43 1.50 6.80
N LEU A 45 3.74 1.45 6.54
CA LEU A 45 4.28 0.58 5.51
C LEU A 45 5.21 -0.47 6.11
N SER A 46 5.01 -1.72 5.68
CA SER A 46 5.84 -2.83 6.15
C SER A 46 6.16 -3.73 4.98
N GLN A 47 7.43 -4.09 4.82
CA GLN A 47 7.84 -4.92 3.70
C GLN A 47 8.72 -6.09 4.13
N ASP A 48 8.51 -7.22 3.47
CA ASP A 48 9.28 -8.43 3.71
C ASP A 48 10.28 -8.64 2.57
N PRO A 49 11.32 -9.46 2.82
CA PRO A 49 12.36 -9.73 1.82
C PRO A 49 11.82 -10.43 0.56
N ASP A 50 10.53 -10.77 0.57
CA ASP A 50 9.93 -11.43 -0.59
C ASP A 50 8.57 -10.81 -0.93
N PHE A 51 8.26 -9.68 -0.28
CA PHE A 51 6.99 -8.99 -0.51
C PHE A 51 6.99 -7.62 0.15
N LEU A 52 5.96 -6.84 -0.16
CA LEU A 52 5.79 -5.51 0.43
C LEU A 52 4.34 -5.34 0.82
N THR A 53 4.05 -5.28 2.11
CA THR A 53 2.69 -5.15 2.58
C THR A 53 2.39 -3.73 3.03
N ILE A 54 1.24 -3.23 2.62
CA ILE A 54 0.81 -1.88 2.99
C ILE A 54 -0.33 -1.96 3.98
N ALA A 55 -0.45 -0.94 4.83
CA ALA A 55 -1.51 -0.93 5.84
C ALA A 55 -2.19 0.44 5.93
N ILE A 56 -3.48 0.46 5.62
CA ILE A 56 -4.26 1.69 5.67
C ILE A 56 -5.42 1.56 6.65
N ARG A 57 -5.50 2.48 7.60
CA ARG A 57 -6.56 2.45 8.61
C ARG A 57 -7.63 3.48 8.31
N VAL A 58 -8.85 3.02 8.07
CA VAL A 58 -9.96 3.92 7.77
C VAL A 58 -11.31 3.31 8.12
N SER A 59 -12.11 4.05 8.88
CA SER A 59 -13.43 3.60 9.28
C SER A 59 -14.49 4.44 8.57
N TYR A 60 -14.14 5.69 8.29
CA TYR A 60 -15.03 6.61 7.59
C TYR A 60 -15.26 6.18 6.15
N ALA A 61 -14.49 5.20 5.70
CA ALA A 61 -14.59 4.67 4.34
C ALA A 61 -15.99 4.90 3.77
N ARG A 62 -16.12 5.94 2.95
CA ARG A 62 -17.40 6.30 2.36
C ARG A 62 -17.59 5.62 1.01
N VAL A 63 -16.81 4.59 0.74
CA VAL A 63 -16.91 3.86 -0.52
C VAL A 63 -17.12 2.37 -0.27
N SER A 64 -18.12 1.81 -0.94
CA SER A 64 -18.42 0.39 -0.80
C SER A 64 -17.20 -0.45 -1.14
N GLU A 65 -16.43 0.02 -2.13
CA GLU A 65 -15.23 -0.69 -2.55
C GLU A 65 -14.07 0.28 -2.74
N PHE A 66 -12.85 -0.19 -2.48
CA PHE A 66 -11.67 0.65 -2.63
C PHE A 66 -10.95 0.32 -3.93
N ASP A 67 -10.11 1.24 -4.38
CA ASP A 67 -9.36 1.05 -5.62
C ASP A 67 -7.86 0.93 -5.33
N VAL A 68 -7.29 -0.22 -5.70
CA VAL A 68 -5.87 -0.46 -5.48
C VAL A 68 -5.15 -0.68 -6.82
N TYR A 69 -4.24 0.24 -7.14
CA TYR A 69 -3.47 0.14 -8.38
C TYR A 69 -1.97 0.20 -8.10
N PHE A 70 -1.26 -0.85 -8.49
CA PHE A 70 0.18 -0.91 -8.27
C PHE A 70 0.91 -1.13 -9.59
N GLU A 71 1.77 -0.17 -9.95
CA GLU A 71 2.52 -0.24 -11.20
C GLU A 71 3.97 0.21 -10.99
N GLY A 72 4.89 -0.74 -11.15
CA GLY A 72 6.31 -0.43 -10.98
C GLY A 72 6.59 0.52 -9.83
N SER A 73 6.56 -0.02 -8.61
CA SER A 73 6.82 0.77 -7.42
C SER A 73 5.83 1.92 -7.26
N ASP A 74 4.77 1.91 -8.07
CA ASP A 74 3.76 2.95 -7.98
C ASP A 74 2.47 2.40 -7.36
N PHE A 75 2.26 2.72 -6.10
CA PHE A 75 1.08 2.23 -5.37
C PHE A 75 0.07 3.34 -5.13
N LYS A 76 -1.14 3.15 -5.63
CA LYS A 76 -2.21 4.13 -5.47
C LYS A 76 -3.40 3.51 -4.75
N PHE A 77 -3.94 4.23 -3.77
CA PHE A 77 -5.10 3.74 -3.02
C PHE A 77 -6.17 4.81 -2.96
N TYR A 78 -7.30 4.54 -3.63
CA TYR A 78 -8.40 5.50 -3.67
C TYR A 78 -9.58 5.02 -2.83
N ALA A 79 -9.77 5.66 -1.69
CA ALA A 79 -10.88 5.35 -0.79
C ALA A 79 -11.55 6.67 -0.39
N LYS A 80 -12.73 6.93 -0.94
CA LYS A 80 -13.42 8.17 -0.62
C LYS A 80 -12.42 9.32 -0.72
N PRO A 81 -12.81 10.57 -0.40
CA PRO A 81 -11.90 11.70 -0.50
C PRO A 81 -10.45 11.34 -0.18
N TYR A 82 -10.26 10.33 0.67
CA TYR A 82 -8.94 9.87 1.06
C TYR A 82 -8.18 9.25 -0.12
N PHE A 83 -6.98 9.75 -0.40
CA PHE A 83 -6.16 9.22 -1.48
C PHE A 83 -4.74 8.92 -0.97
N LEU A 84 -4.27 7.70 -1.22
CA LEU A 84 -2.94 7.30 -0.76
C LEU A 84 -2.00 6.97 -1.92
N ARG A 85 -0.99 7.81 -2.12
CA ARG A 85 0.00 7.59 -3.18
C ARG A 85 1.38 7.35 -2.57
N LEU A 86 1.89 6.14 -2.73
CA LEU A 86 3.20 5.79 -2.18
C LEU A 86 4.14 5.27 -3.27
N THR A 87 5.33 5.86 -3.34
CA THR A 87 6.32 5.46 -4.33
C THR A 87 7.35 4.51 -3.71
N LEU A 88 7.31 3.25 -4.13
CA LEU A 88 8.23 2.24 -3.62
C LEU A 88 9.60 2.37 -4.30
N PRO A 89 10.65 1.90 -3.61
CA PRO A 89 12.02 1.96 -4.13
C PRO A 89 12.37 0.77 -5.01
N GLY A 90 11.59 -0.30 -4.90
CA GLY A 90 11.84 -1.48 -5.70
C GLY A 90 10.77 -1.74 -6.74
N ARG A 91 10.43 -3.00 -6.95
CA ARG A 91 9.41 -3.37 -7.93
C ARG A 91 8.54 -4.51 -7.43
N ILE A 92 7.23 -4.35 -7.57
CA ILE A 92 6.29 -5.38 -7.16
C ILE A 92 5.62 -6.02 -8.37
N VAL A 93 5.74 -7.33 -8.50
CA VAL A 93 5.17 -8.02 -9.65
C VAL A 93 3.65 -7.87 -9.70
N GLU A 94 3.10 -8.05 -10.90
CA GLU A 94 1.67 -7.93 -11.11
C GLU A 94 1.10 -9.21 -11.72
N ASN A 95 0.00 -9.67 -11.15
CA ASN A 95 -0.65 -10.89 -11.63
C ASN A 95 -2.06 -11.03 -11.05
N GLY A 96 -2.23 -10.59 -9.81
CA GLY A 96 -3.52 -10.67 -9.17
C GLY A 96 -3.54 -11.65 -8.01
N SER A 97 -2.38 -12.26 -7.76
CA SER A 97 -2.24 -13.22 -6.68
C SER A 97 -2.10 -12.51 -5.33
N GLU A 98 -0.93 -11.90 -5.13
CA GLU A 98 -0.64 -11.16 -3.89
C GLU A 98 -1.47 -11.69 -2.72
N GLN A 99 -1.87 -10.79 -1.82
CA GLN A 99 -2.66 -11.17 -0.65
C GLN A 99 -3.34 -9.95 -0.05
N GLY A 100 -4.64 -10.06 0.24
CA GLY A 100 -5.36 -8.95 0.80
C GLY A 100 -6.24 -9.34 1.98
N SER A 101 -6.25 -8.49 3.00
CA SER A 101 -7.06 -8.74 4.19
C SER A 101 -7.49 -7.43 4.83
N TYR A 102 -8.76 -7.07 4.64
CA TYR A 102 -9.30 -5.83 5.19
C TYR A 102 -10.25 -6.12 6.35
N ASP A 103 -10.11 -5.33 7.42
CA ASP A 103 -10.95 -5.48 8.59
C ASP A 103 -11.74 -4.21 8.87
N ALA A 104 -13.07 -4.31 8.80
CA ALA A 104 -13.93 -3.16 9.04
C ALA A 104 -14.05 -2.89 10.54
N ASP A 105 -14.22 -3.95 11.31
CA ASP A 105 -14.33 -3.82 12.76
C ASP A 105 -13.15 -3.05 13.33
N LYS A 106 -11.95 -3.42 12.89
CA LYS A 106 -10.74 -2.75 13.36
C LYS A 106 -10.36 -1.60 12.44
N GLY A 107 -10.93 -1.58 11.25
CA GLY A 107 -10.64 -0.53 10.29
C GLY A 107 -9.18 -0.53 9.88
N ILE A 108 -8.76 -1.61 9.23
CA ILE A 108 -7.38 -1.75 8.79
C ILE A 108 -7.26 -2.63 7.55
N PHE A 109 -6.73 -2.06 6.47
CA PHE A 109 -6.57 -2.79 5.22
C PHE A 109 -5.11 -3.18 5.00
N THR A 110 -4.82 -4.47 5.10
CA THR A 110 -3.46 -4.97 4.91
C THR A 110 -3.37 -5.84 3.68
N ILE A 111 -2.56 -5.41 2.71
CA ILE A 111 -2.39 -6.16 1.47
C ILE A 111 -0.92 -6.39 1.14
N ARG A 112 -0.54 -7.66 1.05
CA ARG A 112 0.83 -8.03 0.72
C ARG A 112 1.01 -8.07 -0.79
N LEU A 113 2.17 -7.65 -1.26
CA LEU A 113 2.45 -7.63 -2.68
C LEU A 113 3.81 -8.26 -3.00
N PRO A 114 3.82 -9.27 -3.89
CA PRO A 114 5.05 -9.96 -4.28
C PRO A 114 6.02 -9.05 -5.02
N LYS A 115 7.31 -9.40 -4.99
CA LYS A 115 8.32 -8.60 -5.66
C LYS A 115 8.75 -9.25 -6.97
N GLU A 116 9.30 -8.44 -7.88
CA GLU A 116 9.76 -8.93 -9.17
C GLU A 116 11.19 -9.49 -9.05
N THR A 117 11.74 -9.43 -7.85
CA THR A 117 13.09 -9.93 -7.61
C THR A 117 13.32 -10.20 -6.14
N PRO A 118 13.23 -11.47 -5.72
CA PRO A 118 13.42 -11.87 -4.32
C PRO A 118 14.73 -11.36 -3.75
N GLY A 119 14.78 -11.17 -2.43
CA GLY A 119 15.99 -10.69 -1.79
C GLY A 119 16.06 -9.18 -1.73
N GLN A 120 15.20 -8.51 -2.49
CA GLN A 120 15.19 -7.05 -2.52
C GLN A 120 14.42 -6.48 -1.33
N HIS A 121 14.92 -5.36 -0.80
CA HIS A 121 14.29 -4.72 0.34
C HIS A 121 14.09 -3.23 0.09
N PHE A 122 12.85 -2.77 0.20
CA PHE A 122 12.52 -1.37 -0.01
C PHE A 122 12.92 -0.54 1.21
N GLU A 123 14.12 0.01 1.17
CA GLU A 123 14.63 0.81 2.28
C GLU A 123 13.91 2.15 2.38
N GLY A 124 14.20 2.87 3.45
CA GLY A 124 13.59 4.18 3.67
C GLY A 124 12.15 4.27 3.20
N LEU A 125 11.39 3.19 3.39
CA LEU A 125 10.00 3.17 2.98
C LEU A 125 9.23 4.28 3.68
N ASN A 126 9.18 4.23 5.02
CA ASN A 126 8.48 5.24 5.81
C ASN A 126 9.31 6.51 5.95
N MET A 127 10.33 6.65 5.12
CA MET A 127 11.18 7.84 5.13
C MET A 127 11.02 8.57 3.80
N LEU A 128 10.81 7.79 2.75
CA LEU A 128 10.63 8.33 1.41
C LEU A 128 9.63 9.49 1.43
N THR A 129 9.53 10.20 0.31
CA THR A 129 8.61 11.32 0.20
C THR A 129 7.88 11.31 -1.13
N ALA A 130 6.73 11.98 -1.19
CA ALA A 130 5.94 12.04 -2.41
C ALA A 130 6.25 13.32 -3.18
N LEU A 131 6.29 13.22 -4.51
CA LEU A 131 6.59 14.36 -5.35
C LEU A 131 5.34 14.80 -6.13
N LEU A 132 5.14 16.12 -6.22
CA LEU A 132 4.00 16.66 -6.94
C LEU A 132 4.34 16.89 -8.41
N ALA A 133 3.48 16.40 -9.29
CA ALA A 133 3.69 16.54 -10.73
C ALA A 133 2.76 15.63 -11.52
N MET A 38 -11.27 15.72 6.35
CA MET A 38 -10.04 15.18 5.70
C MET A 38 -8.87 15.15 6.68
N LEU A 39 -8.62 13.99 7.28
CA LEU A 39 -7.53 13.84 8.23
C LEU A 39 -6.53 12.80 7.74
N THR A 40 -5.25 13.06 7.97
CA THR A 40 -4.20 12.14 7.54
C THR A 40 -4.15 10.89 8.41
N PRO A 41 -4.58 9.75 7.84
CA PRO A 41 -4.57 8.47 8.56
C PRO A 41 -3.16 8.00 8.90
N ALA A 42 -2.99 7.49 10.11
CA ALA A 42 -1.68 7.03 10.55
C ALA A 42 -1.34 5.67 9.92
N PHE A 43 -1.31 5.64 8.59
CA PHE A 43 -1.00 4.42 7.87
C PHE A 43 0.41 3.92 8.21
N ASP A 44 0.68 2.66 7.90
CA ASP A 44 1.98 2.07 8.16
C ASP A 44 2.38 1.10 7.05
N LEU A 45 3.65 1.11 6.68
CA LEU A 45 4.14 0.22 5.63
C LEU A 45 5.16 -0.77 6.16
N SER A 46 5.06 -2.00 5.68
CA SER A 46 5.96 -3.06 6.06
C SER A 46 6.24 -3.95 4.87
N GLN A 47 7.52 -4.26 4.64
CA GLN A 47 7.89 -5.08 3.51
C GLN A 47 8.83 -6.21 3.93
N ASP A 48 8.63 -7.37 3.32
CA ASP A 48 9.43 -8.55 3.59
C ASP A 48 10.40 -8.80 2.44
N PRO A 49 11.46 -9.59 2.69
CA PRO A 49 12.47 -9.90 1.67
C PRO A 49 11.89 -10.61 0.44
N ASP A 50 10.60 -10.90 0.44
CA ASP A 50 9.97 -11.55 -0.70
C ASP A 50 8.62 -10.89 -1.02
N PHE A 51 8.36 -9.74 -0.41
CA PHE A 51 7.11 -9.01 -0.63
C PHE A 51 7.14 -7.61 -0.01
N LEU A 52 6.09 -6.85 -0.32
CA LEU A 52 5.91 -5.51 0.21
C LEU A 52 4.46 -5.32 0.60
N THR A 53 4.19 -5.23 1.90
CA THR A 53 2.82 -5.07 2.37
C THR A 53 2.56 -3.64 2.84
N ILE A 54 1.31 -3.23 2.71
CA ILE A 54 0.89 -1.90 3.12
C ILE A 54 -0.27 -1.99 4.12
N ALA A 55 -0.41 -0.97 4.95
CA ALA A 55 -1.47 -0.97 5.95
C ALA A 55 -2.11 0.41 6.09
N ILE A 56 -3.41 0.49 5.81
CA ILE A 56 -4.14 1.75 5.91
C ILE A 56 -5.36 1.59 6.81
N ARG A 57 -5.49 2.49 7.78
CA ARG A 57 -6.62 2.47 8.70
C ARG A 57 -7.65 3.51 8.29
N VAL A 58 -8.88 3.06 8.03
CA VAL A 58 -9.95 3.97 7.64
C VAL A 58 -11.31 3.48 8.10
N SER A 59 -12.10 4.39 8.64
CA SER A 59 -13.44 4.06 9.13
C SER A 59 -14.49 4.80 8.30
N TYR A 60 -14.14 6.00 7.85
CA TYR A 60 -15.04 6.82 7.05
C TYR A 60 -15.29 6.19 5.69
N ALA A 61 -14.51 5.15 5.37
CA ALA A 61 -14.63 4.45 4.09
C ALA A 61 -16.03 4.60 3.50
N ARG A 62 -16.13 5.34 2.40
CA ARG A 62 -17.40 5.58 1.74
C ARG A 62 -17.80 4.40 0.85
N VAL A 63 -17.11 4.26 -0.28
CA VAL A 63 -17.40 3.19 -1.22
C VAL A 63 -17.26 1.82 -0.56
N SER A 64 -18.15 0.90 -0.91
CA SER A 64 -18.12 -0.46 -0.36
C SER A 64 -16.75 -1.09 -0.59
N GLU A 65 -16.20 -0.86 -1.78
CA GLU A 65 -14.90 -1.40 -2.14
C GLU A 65 -13.94 -0.27 -2.50
N PHE A 66 -12.70 -0.40 -2.06
CA PHE A 66 -11.68 0.61 -2.34
C PHE A 66 -10.97 0.32 -3.66
N ASP A 67 -10.20 1.30 -4.13
CA ASP A 67 -9.46 1.15 -5.39
C ASP A 67 -7.96 1.21 -5.13
N VAL A 68 -7.28 0.10 -5.41
CA VAL A 68 -5.84 0.02 -5.23
C VAL A 68 -5.14 -0.25 -6.55
N TYR A 69 -4.24 0.65 -6.93
CA TYR A 69 -3.51 0.50 -8.18
C TYR A 69 -2.01 0.42 -7.95
N PHE A 70 -1.43 -0.72 -8.31
CA PHE A 70 0.00 -0.94 -8.15
C PHE A 70 0.63 -1.37 -9.48
N GLU A 71 1.51 -0.53 -10.00
CA GLU A 71 2.17 -0.82 -11.27
C GLU A 71 3.66 -0.50 -11.18
N GLY A 72 4.50 -1.53 -11.27
CA GLY A 72 5.94 -1.31 -11.19
C GLY A 72 6.39 -0.82 -9.83
N SER A 73 6.07 0.43 -9.53
CA SER A 73 6.44 1.03 -8.24
C SER A 73 5.52 2.18 -7.91
N ASP A 74 4.29 2.11 -8.43
CA ASP A 74 3.30 3.15 -8.19
C ASP A 74 2.09 2.58 -7.46
N PHE A 75 2.00 2.86 -6.16
CA PHE A 75 0.88 2.38 -5.34
C PHE A 75 -0.10 3.51 -5.06
N LYS A 76 -1.37 3.28 -5.40
CA LYS A 76 -2.41 4.28 -5.18
C LYS A 76 -3.61 3.67 -4.46
N PHE A 77 -4.11 4.38 -3.46
CA PHE A 77 -5.26 3.92 -2.69
C PHE A 77 -6.36 4.96 -2.69
N TYR A 78 -7.46 4.66 -3.38
CA TYR A 78 -8.58 5.59 -3.45
C TYR A 78 -9.81 5.01 -2.75
N ALA A 79 -10.28 5.71 -1.73
CA ALA A 79 -11.46 5.27 -0.99
C ALA A 79 -12.45 6.41 -0.86
N LYS A 80 -12.52 7.23 -1.91
CA LYS A 80 -13.42 8.38 -1.99
C LYS A 80 -12.73 9.66 -1.48
N PRO A 81 -12.81 10.03 -0.18
CA PRO A 81 -12.15 11.25 0.32
C PRO A 81 -10.70 10.98 0.68
N TYR A 82 -10.33 9.72 0.79
CA TYR A 82 -8.98 9.35 1.16
C TYR A 82 -8.18 8.90 -0.05
N PHE A 83 -7.11 9.63 -0.36
CA PHE A 83 -6.24 9.32 -1.49
C PHE A 83 -4.80 9.17 -1.02
N LEU A 84 -4.22 7.99 -1.20
CA LEU A 84 -2.85 7.75 -0.79
C LEU A 84 -1.99 7.27 -1.95
N ARG A 85 -0.98 8.06 -2.28
CA ARG A 85 -0.05 7.72 -3.36
C ARG A 85 1.34 7.48 -2.79
N LEU A 86 1.80 6.24 -2.86
CA LEU A 86 3.11 5.89 -2.34
C LEU A 86 4.01 5.31 -3.43
N THR A 87 5.19 5.90 -3.58
CA THR A 87 6.15 5.43 -4.57
C THR A 87 7.06 4.36 -3.97
N LEU A 88 6.86 3.12 -4.39
CA LEU A 88 7.64 2.00 -3.88
C LEU A 88 9.06 2.01 -4.44
N PRO A 89 10.08 1.92 -3.55
CA PRO A 89 11.48 1.90 -3.95
C PRO A 89 11.87 0.58 -4.60
N GLY A 90 11.74 0.52 -5.93
CA GLY A 90 12.07 -0.70 -6.64
C GLY A 90 10.99 -1.12 -7.61
N ARG A 91 10.70 -2.41 -7.65
CA ARG A 91 9.67 -2.93 -8.54
C ARG A 91 8.91 -4.10 -7.91
N ILE A 92 7.58 -4.08 -8.08
CA ILE A 92 6.73 -5.13 -7.56
C ILE A 92 6.04 -5.84 -8.70
N VAL A 93 6.16 -7.16 -8.75
CA VAL A 93 5.56 -7.94 -9.83
C VAL A 93 4.05 -7.79 -9.89
N GLU A 94 3.50 -8.04 -11.08
CA GLU A 94 2.06 -7.95 -11.31
C GLU A 94 1.53 -9.27 -11.86
N ASN A 95 0.45 -9.75 -11.25
CA ASN A 95 -0.17 -11.00 -11.67
C ASN A 95 -1.58 -11.14 -11.11
N GLY A 96 -1.74 -10.76 -9.85
CA GLY A 96 -3.02 -10.84 -9.20
C GLY A 96 -3.07 -11.87 -8.10
N SER A 97 -1.96 -12.59 -7.92
CA SER A 97 -1.87 -13.62 -6.89
C SER A 97 -1.37 -13.03 -5.58
N GLU A 98 -1.65 -11.74 -5.37
CA GLU A 98 -1.23 -11.05 -4.16
C GLU A 98 -2.11 -11.45 -2.98
N GLN A 99 -1.98 -10.73 -1.88
CA GLN A 99 -2.77 -11.01 -0.69
C GLN A 99 -3.35 -9.71 -0.11
N GLY A 100 -4.60 -9.76 0.32
CA GLY A 100 -5.24 -8.57 0.87
C GLY A 100 -6.27 -8.92 1.93
N SER A 101 -6.51 -7.98 2.84
CA SER A 101 -7.49 -8.20 3.91
C SER A 101 -7.87 -6.88 4.57
N TYR A 102 -9.15 -6.53 4.48
CA TYR A 102 -9.66 -5.30 5.08
C TYR A 102 -10.60 -5.61 6.23
N ASP A 103 -10.47 -4.87 7.33
CA ASP A 103 -11.33 -5.08 8.49
C ASP A 103 -12.05 -3.79 8.87
N ALA A 104 -13.38 -3.87 8.96
CA ALA A 104 -14.19 -2.72 9.32
C ALA A 104 -14.24 -2.56 10.84
N ASP A 105 -14.21 -3.68 11.55
CA ASP A 105 -14.26 -3.67 13.01
C ASP A 105 -13.20 -2.75 13.60
N LYS A 106 -11.95 -2.90 13.16
CA LYS A 106 -10.86 -2.08 13.67
C LYS A 106 -10.41 -1.07 12.63
N GLY A 107 -10.96 -1.17 11.42
CA GLY A 107 -10.59 -0.24 10.36
C GLY A 107 -9.14 -0.36 9.96
N ILE A 108 -8.76 -1.53 9.45
CA ILE A 108 -7.38 -1.77 9.04
C ILE A 108 -7.31 -2.66 7.81
N PHE A 109 -6.71 -2.15 6.75
CA PHE A 109 -6.59 -2.88 5.50
C PHE A 109 -5.12 -3.19 5.18
N THR A 110 -4.79 -4.47 5.18
CA THR A 110 -3.43 -4.90 4.89
C THR A 110 -3.36 -5.71 3.60
N ILE A 111 -2.45 -5.33 2.70
CA ILE A 111 -2.31 -6.03 1.42
C ILE A 111 -0.85 -6.26 1.06
N ARG A 112 -0.48 -7.54 0.96
CA ARG A 112 0.90 -7.91 0.61
C ARG A 112 1.07 -8.00 -0.90
N LEU A 113 2.26 -7.65 -1.37
CA LEU A 113 2.56 -7.67 -2.80
C LEU A 113 3.88 -8.37 -3.08
N PRO A 114 3.92 -9.19 -4.14
CA PRO A 114 5.13 -9.92 -4.54
C PRO A 114 6.15 -9.02 -5.22
N LYS A 115 7.43 -9.36 -5.07
CA LYS A 115 8.49 -8.57 -5.68
C LYS A 115 8.91 -9.19 -7.00
N GLU A 116 9.49 -8.37 -7.88
CA GLU A 116 9.94 -8.84 -9.17
C GLU A 116 11.34 -9.45 -9.06
N THR A 117 11.95 -9.32 -7.88
CA THR A 117 13.27 -9.87 -7.63
C THR A 117 13.47 -10.15 -6.14
N PRO A 118 13.12 -11.37 -5.71
CA PRO A 118 13.25 -11.79 -4.31
C PRO A 118 14.56 -11.34 -3.67
N GLY A 119 14.58 -11.31 -2.35
CA GLY A 119 15.77 -10.90 -1.63
C GLY A 119 15.94 -9.39 -1.58
N GLN A 120 15.07 -8.69 -2.30
CA GLN A 120 15.12 -7.22 -2.34
C GLN A 120 14.40 -6.62 -1.14
N HIS A 121 14.96 -5.52 -0.63
CA HIS A 121 14.37 -4.84 0.53
C HIS A 121 14.16 -3.36 0.24
N PHE A 122 12.90 -2.92 0.35
CA PHE A 122 12.57 -1.52 0.11
C PHE A 122 12.84 -0.70 1.37
N GLU A 123 14.03 -0.11 1.44
CA GLU A 123 14.42 0.68 2.59
C GLU A 123 13.69 2.02 2.66
N GLY A 124 13.92 2.73 3.76
CA GLY A 124 13.31 4.02 3.98
C GLY A 124 11.89 4.12 3.42
N LEU A 125 11.10 3.06 3.60
CA LEU A 125 9.73 3.06 3.11
C LEU A 125 8.95 4.18 3.79
N ASN A 126 8.81 4.11 5.11
CA ASN A 126 8.10 5.13 5.86
C ASN A 126 9.00 6.33 6.13
N MET A 127 10.14 6.36 5.46
CA MET A 127 11.09 7.46 5.58
C MET A 127 11.11 8.26 4.29
N LEU A 128 10.89 7.54 3.19
CA LEU A 128 10.86 8.14 1.86
C LEU A 128 9.96 9.37 1.86
N THR A 129 9.90 10.06 0.72
CA THR A 129 9.08 11.25 0.59
C THR A 129 8.31 11.24 -0.73
N ALA A 130 7.44 12.22 -0.90
CA ALA A 130 6.64 12.32 -2.12
C ALA A 130 7.21 13.37 -3.07
N LEU A 131 7.27 13.03 -4.35
CA LEU A 131 7.79 13.95 -5.36
C LEU A 131 6.66 14.75 -6.00
N LEU A 132 6.70 16.06 -5.83
CA LEU A 132 5.68 16.94 -6.39
C LEU A 132 6.17 17.56 -7.70
N ALA A 133 5.51 17.20 -8.80
CA ALA A 133 5.88 17.72 -10.11
C ALA A 133 7.34 17.42 -10.42
N MET A 38 -10.84 16.08 7.70
CA MET A 38 -9.87 15.88 6.59
C MET A 38 -8.44 15.77 7.11
N LEU A 39 -8.16 14.70 7.86
CA LEU A 39 -6.84 14.48 8.42
C LEU A 39 -6.17 13.28 7.76
N THR A 40 -4.84 13.28 7.76
CA THR A 40 -4.08 12.18 7.17
C THR A 40 -3.94 11.00 8.14
N PRO A 41 -4.51 9.84 7.78
CA PRO A 41 -4.45 8.65 8.63
C PRO A 41 -3.03 8.30 9.05
N ALA A 42 -2.93 7.36 9.99
CA ALA A 42 -1.62 6.92 10.47
C ALA A 42 -1.25 5.59 9.84
N PHE A 43 -1.20 5.57 8.51
CA PHE A 43 -0.86 4.37 7.76
C PHE A 43 0.54 3.88 8.11
N ASP A 44 0.86 2.68 7.64
CA ASP A 44 2.17 2.09 7.91
C ASP A 44 2.54 1.10 6.81
N LEU A 45 3.83 0.98 6.52
CA LEU A 45 4.29 0.06 5.50
C LEU A 45 5.17 -1.03 6.09
N SER A 46 4.96 -2.25 5.63
CA SER A 46 5.73 -3.40 6.08
C SER A 46 6.07 -4.29 4.90
N GLN A 47 7.33 -4.69 4.79
CA GLN A 47 7.76 -5.50 3.66
C GLN A 47 8.54 -6.73 4.08
N ASP A 48 8.30 -7.83 3.38
CA ASP A 48 8.98 -9.09 3.63
C ASP A 48 10.06 -9.32 2.58
N PRO A 49 11.02 -10.21 2.87
CA PRO A 49 12.12 -10.52 1.95
C PRO A 49 11.66 -11.12 0.64
N ASP A 50 10.36 -11.38 0.51
CA ASP A 50 9.80 -11.94 -0.71
C ASP A 50 8.51 -11.24 -1.10
N PHE A 51 8.24 -10.11 -0.45
CA PHE A 51 7.03 -9.34 -0.71
C PHE A 51 7.05 -7.97 -0.03
N LEU A 52 6.06 -7.15 -0.37
CA LEU A 52 5.91 -5.82 0.21
C LEU A 52 4.45 -5.59 0.53
N THR A 53 4.11 -5.51 1.81
CA THR A 53 2.73 -5.30 2.20
C THR A 53 2.52 -3.88 2.70
N ILE A 54 1.34 -3.35 2.45
CA ILE A 54 0.99 -2.00 2.86
C ILE A 54 -0.18 -2.03 3.82
N ALA A 55 -0.31 -1.01 4.66
CA ALA A 55 -1.38 -0.95 5.63
C ALA A 55 -1.92 0.47 5.82
N ILE A 56 -3.21 0.64 5.60
CA ILE A 56 -3.84 1.95 5.74
C ILE A 56 -5.03 1.87 6.69
N ARG A 57 -5.09 2.82 7.62
CA ARG A 57 -6.19 2.86 8.58
C ARG A 57 -7.18 3.96 8.21
N VAL A 58 -8.41 3.55 7.93
CA VAL A 58 -9.45 4.50 7.55
C VAL A 58 -10.82 4.04 8.02
N SER A 59 -11.53 4.94 8.72
CA SER A 59 -12.85 4.65 9.23
C SER A 59 -13.93 5.24 8.33
N TYR A 60 -13.78 6.53 8.04
CA TYR A 60 -14.74 7.23 7.17
C TYR A 60 -14.81 6.57 5.80
N ALA A 61 -13.81 5.74 5.51
CA ALA A 61 -13.76 5.04 4.22
C ALA A 61 -15.03 4.25 3.98
N ARG A 62 -16.07 4.92 3.51
CA ARG A 62 -17.35 4.29 3.24
C ARG A 62 -17.50 3.98 1.75
N VAL A 63 -16.99 2.81 1.33
CA VAL A 63 -17.06 2.42 -0.07
C VAL A 63 -17.26 0.91 -0.21
N SER A 64 -18.01 0.53 -1.25
CA SER A 64 -18.28 -0.89 -1.51
C SER A 64 -17.31 -1.43 -2.56
N GLU A 65 -16.26 -0.67 -2.84
CA GLU A 65 -15.24 -1.07 -3.80
C GLU A 65 -14.06 -0.13 -3.77
N PHE A 66 -12.94 -0.60 -3.24
CA PHE A 66 -11.74 0.22 -3.15
C PHE A 66 -10.94 0.13 -4.44
N ASP A 67 -10.24 1.21 -4.78
CA ASP A 67 -9.43 1.25 -5.99
C ASP A 67 -7.95 1.14 -5.64
N VAL A 68 -7.35 0.01 -5.98
CA VAL A 68 -5.93 -0.21 -5.72
C VAL A 68 -5.17 -0.47 -7.00
N TYR A 69 -4.28 0.44 -7.34
CA TYR A 69 -3.47 0.31 -8.55
C TYR A 69 -1.99 0.33 -8.21
N PHE A 70 -1.31 -0.76 -8.52
CA PHE A 70 0.12 -0.87 -8.27
C PHE A 70 0.88 -1.07 -9.57
N GLU A 71 1.67 -0.07 -9.95
CA GLU A 71 2.43 -0.12 -11.20
C GLU A 71 3.84 0.43 -11.03
N GLY A 72 4.83 -0.38 -11.39
CA GLY A 72 6.22 0.03 -11.30
C GLY A 72 6.52 0.87 -10.07
N SER A 73 6.35 0.28 -8.88
CA SER A 73 6.63 0.97 -7.64
C SER A 73 5.66 2.12 -7.39
N ASP A 74 4.49 2.06 -8.02
CA ASP A 74 3.48 3.10 -7.84
C ASP A 74 2.23 2.51 -7.23
N PHE A 75 2.04 2.76 -5.93
CA PHE A 75 0.88 2.25 -5.21
C PHE A 75 -0.17 3.33 -4.99
N LYS A 76 -1.38 3.09 -5.47
CA LYS A 76 -2.47 4.05 -5.33
C LYS A 76 -3.68 3.40 -4.66
N PHE A 77 -4.19 4.05 -3.62
CA PHE A 77 -5.35 3.54 -2.90
C PHE A 77 -6.44 4.60 -2.80
N TYR A 78 -7.62 4.28 -3.30
CA TYR A 78 -8.73 5.24 -3.26
C TYR A 78 -10.00 4.56 -2.75
N ALA A 79 -10.61 5.19 -1.74
CA ALA A 79 -11.85 4.68 -1.17
C ALA A 79 -13.00 5.61 -1.54
N LYS A 80 -13.11 6.69 -0.79
CA LYS A 80 -14.13 7.71 -1.03
C LYS A 80 -13.55 9.08 -0.66
N PRO A 81 -13.24 9.30 0.64
CA PRO A 81 -12.66 10.54 1.11
C PRO A 81 -11.16 10.42 1.30
N TYR A 82 -10.65 9.21 1.14
CA TYR A 82 -9.23 8.97 1.34
C TYR A 82 -8.50 8.59 0.06
N PHE A 83 -7.46 9.36 -0.28
CA PHE A 83 -6.66 9.10 -1.47
C PHE A 83 -5.21 8.86 -1.06
N LEU A 84 -4.67 7.69 -1.39
CA LEU A 84 -3.29 7.37 -1.02
C LEU A 84 -2.43 7.06 -2.25
N ARG A 85 -1.50 7.96 -2.54
CA ARG A 85 -0.58 7.77 -3.65
C ARG A 85 0.85 7.69 -3.13
N LEU A 86 1.49 6.53 -3.29
CA LEU A 86 2.85 6.35 -2.80
C LEU A 86 3.70 5.59 -3.80
N THR A 87 4.98 5.97 -3.87
CA THR A 87 5.92 5.32 -4.77
C THR A 87 6.98 4.56 -3.97
N LEU A 88 7.06 3.25 -4.18
CA LEU A 88 8.01 2.41 -3.47
C LEU A 88 9.43 2.58 -4.01
N PRO A 89 10.44 2.28 -3.18
CA PRO A 89 11.84 2.41 -3.56
C PRO A 89 12.28 1.36 -4.59
N GLY A 90 11.46 0.32 -4.74
CA GLY A 90 11.78 -0.73 -5.69
C GLY A 90 10.69 -0.93 -6.72
N ARG A 91 10.25 -2.18 -6.86
CA ARG A 91 9.21 -2.52 -7.83
C ARG A 91 8.46 -3.78 -7.39
N ILE A 92 7.17 -3.85 -7.74
CA ILE A 92 6.35 -5.00 -7.39
C ILE A 92 5.84 -5.72 -8.63
N VAL A 93 6.10 -7.01 -8.71
CA VAL A 93 5.68 -7.80 -9.86
C VAL A 93 4.16 -7.76 -10.06
N GLU A 94 3.73 -8.02 -11.29
CA GLU A 94 2.31 -8.02 -11.62
C GLU A 94 1.86 -9.42 -12.04
N ASN A 95 0.85 -9.94 -11.35
CA ASN A 95 0.33 -11.28 -11.66
C ASN A 95 -1.11 -11.42 -11.17
N GLY A 96 -1.35 -10.95 -9.96
CA GLY A 96 -2.69 -11.02 -9.38
C GLY A 96 -2.76 -12.02 -8.25
N SER A 97 -1.64 -12.65 -7.94
CA SER A 97 -1.57 -13.63 -6.86
C SER A 97 -1.22 -12.96 -5.54
N GLU A 98 -1.68 -11.72 -5.38
CA GLU A 98 -1.41 -10.96 -4.17
C GLU A 98 -2.34 -11.40 -3.04
N GLN A 99 -2.27 -10.68 -1.92
CA GLN A 99 -3.10 -10.99 -0.77
C GLN A 99 -3.69 -9.71 -0.17
N GLY A 100 -5.00 -9.72 0.07
CA GLY A 100 -5.66 -8.55 0.62
C GLY A 100 -6.53 -8.88 1.82
N SER A 101 -6.44 -8.05 2.84
CA SER A 101 -7.23 -8.23 4.06
C SER A 101 -7.76 -6.91 4.58
N TYR A 102 -9.04 -6.66 4.37
CA TYR A 102 -9.67 -5.42 4.82
C TYR A 102 -10.37 -5.60 6.16
N ASP A 103 -9.86 -4.92 7.18
CA ASP A 103 -10.44 -5.00 8.52
C ASP A 103 -11.22 -3.73 8.85
N ALA A 104 -12.55 -3.85 8.87
CA ALA A 104 -13.40 -2.72 9.17
C ALA A 104 -13.45 -2.46 10.67
N ASP A 105 -13.53 -3.53 11.45
CA ASP A 105 -13.59 -3.43 12.90
C ASP A 105 -12.40 -2.63 13.42
N LYS A 106 -11.21 -3.00 13.00
CA LYS A 106 -9.99 -2.33 13.42
C LYS A 106 -9.66 -1.15 12.52
N GLY A 107 -10.29 -1.12 11.34
CA GLY A 107 -10.05 -0.04 10.40
C GLY A 107 -8.63 -0.04 9.87
N ILE A 108 -8.27 -1.10 9.15
CA ILE A 108 -6.93 -1.23 8.60
C ILE A 108 -6.90 -2.21 7.43
N PHE A 109 -6.50 -1.72 6.26
CA PHE A 109 -6.42 -2.57 5.07
C PHE A 109 -4.97 -3.00 4.83
N THR A 110 -4.73 -4.30 4.91
CA THR A 110 -3.39 -4.84 4.69
C THR A 110 -3.34 -5.72 3.45
N ILE A 111 -2.52 -5.32 2.48
CA ILE A 111 -2.40 -6.07 1.24
C ILE A 111 -0.94 -6.39 0.91
N ARG A 112 -0.62 -7.68 0.82
CA ARG A 112 0.73 -8.11 0.50
C ARG A 112 0.94 -8.16 -1.01
N LEU A 113 2.14 -7.78 -1.44
CA LEU A 113 2.46 -7.77 -2.87
C LEU A 113 3.80 -8.46 -3.14
N PRO A 114 3.88 -9.22 -4.25
CA PRO A 114 5.11 -9.93 -4.63
C PRO A 114 6.13 -9.00 -5.25
N LYS A 115 7.41 -9.32 -5.04
CA LYS A 115 8.49 -8.50 -5.58
C LYS A 115 8.95 -9.01 -6.94
N GLU A 116 9.53 -8.11 -7.73
CA GLU A 116 10.04 -8.46 -9.04
C GLU A 116 11.44 -9.06 -8.93
N THR A 117 12.05 -8.87 -7.75
CA THR A 117 13.39 -9.40 -7.49
C THR A 117 13.47 -9.97 -6.08
N PRO A 118 13.42 -11.31 -5.97
CA PRO A 118 13.49 -11.99 -4.67
C PRO A 118 14.59 -11.41 -3.79
N GLY A 119 14.38 -11.44 -2.48
CA GLY A 119 15.37 -10.92 -1.55
C GLY A 119 15.40 -9.40 -1.53
N GLN A 120 14.55 -8.77 -2.34
CA GLN A 120 14.49 -7.32 -2.39
C GLN A 120 13.79 -6.76 -1.17
N HIS A 121 14.38 -5.74 -0.56
CA HIS A 121 13.82 -5.12 0.63
C HIS A 121 13.71 -3.62 0.47
N PHE A 122 12.50 -3.09 0.65
CA PHE A 122 12.25 -1.66 0.53
C PHE A 122 12.61 -0.94 1.82
N GLU A 123 13.86 -0.50 1.91
CA GLU A 123 14.36 0.18 3.10
C GLU A 123 13.83 1.61 3.19
N GLY A 124 14.14 2.26 4.31
CA GLY A 124 13.72 3.63 4.54
C GLY A 124 12.34 3.95 4.02
N LEU A 125 11.42 2.99 4.11
CA LEU A 125 10.05 3.22 3.64
C LEU A 125 9.43 4.40 4.37
N ASN A 126 9.31 4.29 5.70
CA ASN A 126 8.75 5.38 6.50
C ASN A 126 9.81 6.45 6.75
N MET A 127 10.96 6.28 6.13
CA MET A 127 12.06 7.23 6.24
C MET A 127 12.37 7.83 4.89
N LEU A 128 11.38 7.75 3.99
CA LEU A 128 11.52 8.27 2.64
C LEU A 128 10.86 9.66 2.56
N THR A 129 10.94 10.27 1.39
CA THR A 129 10.36 11.59 1.18
C THR A 129 9.62 11.65 -0.15
N ALA A 130 8.83 12.70 -0.35
CA ALA A 130 8.06 12.85 -1.58
C ALA A 130 8.78 13.76 -2.58
N LEU A 131 8.90 13.28 -3.81
CA LEU A 131 9.55 14.05 -4.87
C LEU A 131 8.56 14.33 -6.00
N LEU A 132 8.49 15.58 -6.44
CA LEU A 132 7.58 15.96 -7.51
C LEU A 132 8.17 15.64 -8.88
N ALA A 133 7.47 14.79 -9.62
CA ALA A 133 7.93 14.40 -10.95
C ALA A 133 9.13 13.47 -10.87
N MET A 38 -10.78 16.41 9.74
CA MET A 38 -9.82 15.99 8.70
C MET A 38 -8.45 15.67 9.31
N LEU A 39 -8.11 14.39 9.34
CA LEU A 39 -6.83 13.95 9.89
C LEU A 39 -6.16 12.92 9.00
N THR A 40 -4.85 13.07 8.80
CA THR A 40 -4.10 12.15 7.97
C THR A 40 -4.02 10.76 8.61
N PRO A 41 -4.55 9.75 7.92
CA PRO A 41 -4.55 8.37 8.42
C PRO A 41 -3.14 7.90 8.76
N ALA A 42 -3.01 7.20 9.89
CA ALA A 42 -1.72 6.69 10.34
C ALA A 42 -1.34 5.42 9.59
N PHE A 43 -1.09 5.55 8.30
CA PHE A 43 -0.70 4.41 7.48
C PHE A 43 0.71 3.95 7.80
N ASP A 44 1.03 2.71 7.45
CA ASP A 44 2.34 2.15 7.71
C ASP A 44 2.73 1.14 6.64
N LEU A 45 4.03 1.03 6.36
CA LEU A 45 4.51 0.10 5.34
C LEU A 45 5.37 -1.00 5.95
N SER A 46 5.11 -2.23 5.52
CA SER A 46 5.85 -3.39 5.98
C SER A 46 6.05 -4.37 4.83
N GLN A 47 7.26 -4.88 4.67
CA GLN A 47 7.54 -5.80 3.58
C GLN A 47 8.30 -7.04 4.04
N ASP A 48 7.98 -8.17 3.39
CA ASP A 48 8.62 -9.43 3.69
C ASP A 48 9.68 -9.73 2.63
N PRO A 49 10.63 -10.62 2.94
CA PRO A 49 11.72 -10.98 2.02
C PRO A 49 11.22 -11.51 0.67
N ASP A 50 9.92 -11.76 0.56
CA ASP A 50 9.34 -12.25 -0.70
C ASP A 50 8.06 -11.52 -1.04
N PHE A 51 7.86 -10.36 -0.40
CA PHE A 51 6.66 -9.56 -0.65
C PHE A 51 6.77 -8.17 -0.01
N LEU A 52 5.81 -7.32 -0.36
CA LEU A 52 5.74 -5.96 0.17
C LEU A 52 4.29 -5.67 0.56
N THR A 53 4.01 -5.60 1.85
CA THR A 53 2.65 -5.34 2.30
C THR A 53 2.49 -3.88 2.72
N ILE A 54 1.33 -3.32 2.44
CA ILE A 54 1.05 -1.94 2.79
C ILE A 54 -0.09 -1.87 3.79
N ALA A 55 -0.13 -0.79 4.57
CA ALA A 55 -1.18 -0.61 5.57
C ALA A 55 -1.88 0.73 5.39
N ILE A 56 -3.20 0.66 5.18
CA ILE A 56 -4.02 1.84 5.01
C ILE A 56 -5.16 1.86 6.01
N ARG A 57 -5.19 2.87 6.87
CA ARG A 57 -6.23 2.97 7.89
C ARG A 57 -7.47 3.70 7.38
N VAL A 58 -8.59 2.98 7.37
CA VAL A 58 -9.86 3.54 6.92
C VAL A 58 -11.00 3.04 7.81
N SER A 59 -11.60 3.96 8.55
CA SER A 59 -12.70 3.61 9.45
C SER A 59 -14.06 3.90 8.85
N TYR A 60 -14.29 5.16 8.49
CA TYR A 60 -15.57 5.56 7.92
C TYR A 60 -15.76 4.96 6.53
N ALA A 61 -14.78 5.19 5.65
CA ALA A 61 -14.85 4.68 4.29
C ALA A 61 -16.20 4.93 3.65
N ARG A 62 -16.24 5.89 2.72
CA ARG A 62 -17.49 6.22 2.03
C ARG A 62 -17.76 5.25 0.89
N VAL A 63 -16.96 4.20 0.80
CA VAL A 63 -17.11 3.19 -0.25
C VAL A 63 -17.02 1.79 0.34
N SER A 64 -17.93 0.92 -0.08
CA SER A 64 -17.93 -0.46 0.41
C SER A 64 -16.61 -1.13 0.11
N GLU A 65 -16.08 -0.90 -1.09
CA GLU A 65 -14.81 -1.46 -1.50
C GLU A 65 -13.87 -0.36 -1.95
N PHE A 66 -12.58 -0.52 -1.63
CA PHE A 66 -11.59 0.49 -1.99
C PHE A 66 -10.96 0.19 -3.35
N ASP A 67 -10.22 1.17 -3.86
CA ASP A 67 -9.56 1.04 -5.15
C ASP A 67 -8.05 0.93 -4.95
N VAL A 68 -7.49 -0.21 -5.31
CA VAL A 68 -6.05 -0.44 -5.15
C VAL A 68 -5.38 -0.68 -6.49
N TYR A 69 -4.49 0.23 -6.86
CA TYR A 69 -3.76 0.12 -8.12
C TYR A 69 -2.25 0.21 -7.88
N PHE A 70 -1.53 -0.83 -8.26
CA PHE A 70 -0.08 -0.87 -8.06
C PHE A 70 0.62 -1.25 -9.36
N GLU A 71 1.54 -0.39 -9.81
CA GLU A 71 2.29 -0.65 -11.04
C GLU A 71 3.76 -0.28 -10.90
N GLY A 72 4.62 -1.30 -10.96
CA GLY A 72 6.06 -1.08 -10.85
C GLY A 72 6.46 -0.58 -9.47
N SER A 73 6.12 0.66 -9.16
CA SER A 73 6.46 1.26 -7.88
C SER A 73 5.51 2.40 -7.57
N ASP A 74 4.32 2.35 -8.15
CA ASP A 74 3.31 3.37 -7.95
C ASP A 74 2.10 2.80 -7.22
N PHE A 75 1.96 3.16 -5.95
CA PHE A 75 0.84 2.68 -5.14
C PHE A 75 -0.22 3.76 -4.99
N LYS A 76 -1.38 3.54 -5.61
CA LYS A 76 -2.48 4.48 -5.54
C LYS A 76 -3.68 3.86 -4.83
N PHE A 77 -4.11 4.50 -3.75
CA PHE A 77 -5.25 4.00 -2.98
C PHE A 77 -6.32 5.09 -2.84
N TYR A 78 -7.51 4.81 -3.38
CA TYR A 78 -8.61 5.75 -3.32
C TYR A 78 -9.85 5.11 -2.69
N ALA A 79 -10.36 5.74 -1.63
CA ALA A 79 -11.55 5.23 -0.95
C ALA A 79 -12.58 6.33 -0.78
N LYS A 80 -12.62 7.25 -1.74
CA LYS A 80 -13.54 8.39 -1.75
C LYS A 80 -12.91 9.63 -1.09
N PRO A 81 -13.04 9.84 0.24
CA PRO A 81 -12.43 11.00 0.89
C PRO A 81 -10.98 10.74 1.26
N TYR A 82 -10.62 9.47 1.26
CA TYR A 82 -9.27 9.07 1.61
C TYR A 82 -8.45 8.69 0.38
N PHE A 83 -7.41 9.46 0.10
CA PHE A 83 -6.54 9.19 -1.04
C PHE A 83 -5.09 9.05 -0.58
N LEU A 84 -4.51 7.88 -0.84
CA LEU A 84 -3.13 7.62 -0.44
C LEU A 84 -2.26 7.27 -1.63
N ARG A 85 -1.28 8.11 -1.91
CA ARG A 85 -0.35 7.90 -3.01
C ARG A 85 1.07 7.72 -2.48
N LEU A 86 1.60 6.51 -2.61
CA LEU A 86 2.94 6.22 -2.11
C LEU A 86 3.82 5.63 -3.21
N THR A 87 5.02 6.19 -3.35
CA THR A 87 5.97 5.73 -4.36
C THR A 87 7.01 4.78 -3.74
N LEU A 88 6.96 3.52 -4.14
CA LEU A 88 7.89 2.52 -3.62
C LEU A 88 9.30 2.72 -4.16
N PRO A 89 10.30 2.59 -3.29
CA PRO A 89 11.71 2.75 -3.65
C PRO A 89 12.22 1.64 -4.57
N GLY A 90 11.50 0.53 -4.60
CA GLY A 90 11.91 -0.59 -5.43
C GLY A 90 10.88 -0.93 -6.50
N ARG A 91 10.62 -2.22 -6.67
CA ARG A 91 9.66 -2.67 -7.68
C ARG A 91 8.88 -3.88 -7.18
N ILE A 92 7.58 -3.88 -7.44
CA ILE A 92 6.71 -4.99 -7.04
C ILE A 92 6.14 -5.67 -8.28
N VAL A 93 6.37 -6.97 -8.40
CA VAL A 93 5.88 -7.72 -9.57
C VAL A 93 4.37 -7.76 -9.65
N GLU A 94 3.88 -8.03 -10.86
CA GLU A 94 2.45 -8.12 -11.12
C GLU A 94 2.11 -9.47 -11.73
N ASN A 95 1.10 -10.14 -11.17
CA ASN A 95 0.68 -11.45 -11.68
C ASN A 95 -0.70 -11.84 -11.19
N GLY A 96 -1.48 -10.86 -10.71
CA GLY A 96 -2.82 -11.15 -10.23
C GLY A 96 -2.81 -11.98 -8.96
N SER A 97 -1.63 -12.27 -8.44
CA SER A 97 -1.49 -13.07 -7.22
C SER A 97 -1.29 -12.18 -6.01
N GLU A 98 -2.07 -11.11 -5.91
CA GLU A 98 -1.97 -10.19 -4.79
C GLU A 98 -2.63 -10.77 -3.55
N GLN A 99 -2.34 -10.18 -2.40
CA GLN A 99 -2.91 -10.64 -1.14
C GLN A 99 -3.55 -9.48 -0.39
N GLY A 100 -4.80 -9.67 0.04
CA GLY A 100 -5.49 -8.61 0.75
C GLY A 100 -6.09 -9.10 2.06
N SER A 101 -6.15 -8.21 3.04
CA SER A 101 -6.71 -8.55 4.34
C SER A 101 -7.25 -7.30 5.04
N TYR A 102 -8.58 -7.15 5.04
CA TYR A 102 -9.22 -6.01 5.68
C TYR A 102 -9.67 -6.37 7.08
N ASP A 103 -8.93 -5.90 8.08
CA ASP A 103 -9.26 -6.18 9.47
C ASP A 103 -10.19 -5.11 10.03
N ALA A 104 -11.48 -5.43 10.08
CA ALA A 104 -12.48 -4.51 10.62
C ALA A 104 -12.20 -4.20 12.08
N ASP A 105 -12.03 -5.26 12.86
CA ASP A 105 -11.76 -5.12 14.29
C ASP A 105 -10.58 -4.17 14.52
N LYS A 106 -9.47 -4.44 13.82
CA LYS A 106 -8.29 -3.60 13.95
C LYS A 106 -8.49 -2.30 13.18
N GLY A 107 -9.39 -2.33 12.21
CA GLY A 107 -9.67 -1.15 11.41
C GLY A 107 -8.49 -0.70 10.57
N ILE A 108 -7.86 -1.65 9.88
CA ILE A 108 -6.72 -1.34 9.03
C ILE A 108 -6.73 -2.20 7.77
N PHE A 109 -6.23 -1.66 6.67
CA PHE A 109 -6.18 -2.39 5.42
C PHE A 109 -4.76 -2.81 5.09
N THR A 110 -4.53 -4.13 5.05
CA THR A 110 -3.21 -4.66 4.76
C THR A 110 -3.24 -5.55 3.52
N ILE A 111 -2.48 -5.14 2.49
CA ILE A 111 -2.42 -5.91 1.25
C ILE A 111 -0.97 -6.22 0.88
N ARG A 112 -0.65 -7.51 0.80
CA ARG A 112 0.69 -7.94 0.44
C ARG A 112 0.85 -8.04 -1.06
N LEU A 113 2.06 -7.77 -1.53
CA LEU A 113 2.35 -7.82 -2.95
C LEU A 113 3.66 -8.57 -3.21
N PRO A 114 3.78 -9.24 -4.36
CA PRO A 114 4.97 -9.99 -4.72
C PRO A 114 6.08 -9.08 -5.24
N LYS A 115 7.32 -9.48 -5.03
CA LYS A 115 8.47 -8.69 -5.48
C LYS A 115 8.98 -9.18 -6.82
N GLU A 116 9.60 -8.28 -7.57
CA GLU A 116 10.16 -8.62 -8.87
C GLU A 116 11.55 -9.21 -8.74
N THR A 117 12.11 -9.11 -7.53
CA THR A 117 13.43 -9.64 -7.25
C THR A 117 13.55 -10.05 -5.80
N PRO A 118 13.38 -11.35 -5.50
CA PRO A 118 13.46 -11.86 -4.13
C PRO A 118 14.64 -11.28 -3.36
N GLY A 119 14.51 -11.22 -2.04
CA GLY A 119 15.57 -10.69 -1.21
C GLY A 119 15.68 -9.18 -1.27
N GLN A 120 14.84 -8.55 -2.09
CA GLN A 120 14.87 -7.09 -2.22
C GLN A 120 14.20 -6.42 -1.02
N HIS A 121 14.81 -5.35 -0.54
CA HIS A 121 14.27 -4.62 0.60
C HIS A 121 14.11 -3.13 0.29
N PHE A 122 12.87 -2.66 0.33
CA PHE A 122 12.58 -1.26 0.07
C PHE A 122 13.01 -0.39 1.24
N GLU A 123 14.24 0.10 1.19
CA GLU A 123 14.81 0.92 2.25
C GLU A 123 14.03 2.22 2.44
N GLY A 124 14.19 2.83 3.60
CA GLY A 124 13.52 4.08 3.90
C GLY A 124 12.10 4.15 3.37
N LEU A 125 11.33 3.08 3.59
CA LEU A 125 9.96 3.03 3.10
C LEU A 125 9.10 4.10 3.76
N ASN A 126 8.93 4.02 5.09
CA ASN A 126 8.12 5.00 5.81
C ASN A 126 8.92 6.26 6.12
N MET A 127 10.04 6.43 5.43
CA MET A 127 10.88 7.60 5.59
C MET A 127 10.88 8.40 4.29
N LEU A 128 10.71 7.67 3.19
CA LEU A 128 10.67 8.28 1.87
C LEU A 128 9.65 9.40 1.83
N THR A 129 9.56 10.09 0.70
CA THR A 129 8.62 11.20 0.55
C THR A 129 8.05 11.28 -0.85
N ALA A 130 7.08 12.19 -1.04
CA ALA A 130 6.46 12.39 -2.33
C ALA A 130 6.97 13.65 -3.01
N LEU A 131 7.24 13.56 -4.30
CA LEU A 131 7.74 14.71 -5.06
C LEU A 131 6.65 15.28 -5.97
N LEU A 132 6.66 16.59 -6.15
CA LEU A 132 5.68 17.26 -7.01
C LEU A 132 6.27 17.56 -8.38
N ALA A 133 5.63 17.02 -9.42
CA ALA A 133 6.09 17.24 -10.79
C ALA A 133 5.18 18.22 -11.52
N MET A 38 -9.49 17.70 8.86
CA MET A 38 -8.51 16.95 8.04
C MET A 38 -7.49 16.23 8.90
N LEU A 39 -7.66 14.92 9.03
CA LEU A 39 -6.75 14.11 9.84
C LEU A 39 -6.26 12.88 9.07
N THR A 40 -4.95 12.75 8.94
CA THR A 40 -4.37 11.63 8.22
C THR A 40 -4.25 10.40 9.12
N PRO A 41 -4.74 9.24 8.64
CA PRO A 41 -4.69 7.99 9.41
C PRO A 41 -3.25 7.60 9.74
N ALA A 42 -3.09 6.73 10.74
CA ALA A 42 -1.77 6.28 11.15
C ALA A 42 -1.34 5.04 10.36
N PHE A 43 -1.22 5.21 9.04
CA PHE A 43 -0.82 4.12 8.17
C PHE A 43 0.68 3.87 8.27
N ASP A 44 1.11 2.72 7.77
CA ASP A 44 2.53 2.35 7.80
C ASP A 44 2.83 1.32 6.72
N LEU A 45 4.12 1.07 6.48
CA LEU A 45 4.51 0.11 5.46
C LEU A 45 5.44 -0.96 6.04
N SER A 46 5.18 -2.21 5.64
CA SER A 46 5.98 -3.34 6.07
C SER A 46 6.21 -4.28 4.89
N GLN A 47 7.46 -4.67 4.67
CA GLN A 47 7.77 -5.52 3.53
C GLN A 47 8.71 -6.66 3.89
N ASP A 48 8.50 -7.80 3.25
CA ASP A 48 9.32 -8.98 3.44
C ASP A 48 10.24 -9.18 2.24
N PRO A 49 11.32 -9.96 2.41
CA PRO A 49 12.29 -10.21 1.33
C PRO A 49 11.66 -10.83 0.07
N ASP A 50 10.37 -11.14 0.11
CA ASP A 50 9.68 -11.71 -1.05
C ASP A 50 8.33 -11.03 -1.27
N PHE A 51 8.09 -9.92 -0.57
CA PHE A 51 6.83 -9.20 -0.70
C PHE A 51 6.89 -7.81 -0.08
N LEU A 52 5.86 -7.01 -0.39
CA LEU A 52 5.73 -5.66 0.14
C LEU A 52 4.29 -5.45 0.59
N THR A 53 4.08 -5.37 1.90
CA THR A 53 2.74 -5.19 2.45
C THR A 53 2.53 -3.78 2.99
N ILE A 54 1.46 -3.14 2.51
CA ILE A 54 1.12 -1.79 2.94
C ILE A 54 -0.01 -1.85 3.96
N ALA A 55 -0.11 -0.83 4.81
CA ALA A 55 -1.15 -0.80 5.83
C ALA A 55 -1.73 0.60 6.01
N ILE A 56 -2.99 0.76 5.63
CA ILE A 56 -3.67 2.05 5.75
C ILE A 56 -4.97 1.89 6.55
N ARG A 57 -5.15 2.72 7.57
CA ARG A 57 -6.34 2.66 8.40
C ARG A 57 -7.43 3.60 7.88
N VAL A 58 -8.58 3.03 7.54
CA VAL A 58 -9.70 3.81 7.02
C VAL A 58 -11.03 3.29 7.56
N SER A 59 -11.82 4.19 8.14
CA SER A 59 -13.13 3.83 8.70
C SER A 59 -14.23 4.66 8.03
N TYR A 60 -13.89 5.87 7.63
CA TYR A 60 -14.83 6.78 6.98
C TYR A 60 -15.20 6.28 5.58
N ALA A 61 -14.47 5.26 5.12
CA ALA A 61 -14.70 4.68 3.79
C ALA A 61 -16.11 4.95 3.29
N ARG A 62 -16.22 5.82 2.29
CA ARG A 62 -17.52 6.19 1.72
C ARG A 62 -17.94 5.24 0.61
N VAL A 63 -17.25 4.11 0.49
CA VAL A 63 -17.57 3.14 -0.55
C VAL A 63 -17.53 1.71 -0.02
N SER A 64 -18.52 0.91 -0.43
CA SER A 64 -18.60 -0.47 0.00
C SER A 64 -17.32 -1.21 -0.36
N GLU A 65 -16.75 -0.85 -1.51
CA GLU A 65 -15.51 -1.44 -1.99
C GLU A 65 -14.50 -0.36 -2.33
N PHE A 66 -13.22 -0.65 -2.07
CA PHE A 66 -12.16 0.30 -2.36
C PHE A 66 -11.51 0.01 -3.71
N ASP A 67 -10.70 0.95 -4.17
CA ASP A 67 -10.01 0.80 -5.45
C ASP A 67 -8.50 0.93 -5.25
N VAL A 68 -7.75 -0.08 -5.68
CA VAL A 68 -6.30 -0.06 -5.52
C VAL A 68 -5.60 -0.40 -6.83
N TYR A 69 -4.59 0.41 -7.17
CA TYR A 69 -3.81 0.20 -8.37
C TYR A 69 -2.34 0.03 -8.02
N PHE A 70 -1.80 -1.15 -8.30
CA PHE A 70 -0.41 -1.43 -7.99
C PHE A 70 0.41 -1.70 -9.26
N GLU A 71 1.34 -0.79 -9.55
CA GLU A 71 2.21 -0.92 -10.71
C GLU A 71 3.64 -0.54 -10.34
N GLY A 72 4.48 -1.55 -10.15
CA GLY A 72 5.86 -1.30 -9.79
C GLY A 72 5.95 -0.42 -8.55
N SER A 73 7.01 0.37 -8.46
CA SER A 73 7.19 1.26 -7.33
C SER A 73 6.03 2.23 -7.19
N ASP A 74 5.19 2.30 -8.21
CA ASP A 74 4.03 3.18 -8.19
C ASP A 74 2.85 2.51 -7.51
N PHE A 75 2.48 3.02 -6.33
CA PHE A 75 1.36 2.48 -5.57
C PHE A 75 0.30 3.54 -5.36
N LYS A 76 -0.86 3.37 -5.99
CA LYS A 76 -1.93 4.33 -5.86
C LYS A 76 -3.18 3.70 -5.26
N PHE A 77 -3.69 4.32 -4.20
CA PHE A 77 -4.88 3.84 -3.52
C PHE A 77 -6.03 4.82 -3.75
N TYR A 78 -7.25 4.29 -3.79
CA TYR A 78 -8.43 5.12 -4.01
C TYR A 78 -9.56 4.75 -3.06
N ALA A 79 -9.85 5.64 -2.12
CA ALA A 79 -10.92 5.44 -1.17
C ALA A 79 -11.80 6.68 -1.10
N LYS A 80 -12.53 6.93 -2.19
CA LYS A 80 -13.41 8.09 -2.30
C LYS A 80 -12.85 9.30 -1.53
N PRO A 81 -13.14 9.47 -0.23
CA PRO A 81 -12.63 10.62 0.53
C PRO A 81 -11.12 10.54 0.76
N TYR A 82 -10.61 9.32 0.76
CA TYR A 82 -9.19 9.10 0.99
C TYR A 82 -8.46 8.75 -0.30
N PHE A 83 -7.41 9.52 -0.60
CA PHE A 83 -6.61 9.30 -1.79
C PHE A 83 -5.13 9.15 -1.41
N LEU A 84 -4.54 8.00 -1.74
CA LEU A 84 -3.13 7.76 -1.39
C LEU A 84 -2.26 7.50 -2.62
N ARG A 85 -1.28 8.37 -2.82
CA ARG A 85 -0.34 8.23 -3.92
C ARG A 85 1.08 8.22 -3.38
N LEU A 86 1.78 7.11 -3.56
CA LEU A 86 3.15 6.99 -3.05
C LEU A 86 4.05 6.21 -3.99
N THR A 87 5.34 6.53 -3.95
CA THR A 87 6.33 5.86 -4.77
C THR A 87 7.25 5.00 -3.89
N LEU A 88 7.04 3.69 -3.96
CA LEU A 88 7.83 2.74 -3.16
C LEU A 88 9.25 2.63 -3.69
N PRO A 89 10.19 2.22 -2.81
CA PRO A 89 11.59 2.06 -3.16
C PRO A 89 11.86 0.70 -3.81
N GLY A 90 11.46 0.56 -5.07
CA GLY A 90 11.66 -0.68 -5.79
C GLY A 90 10.55 -0.97 -6.77
N ARG A 91 10.24 -2.25 -6.96
CA ARG A 91 9.17 -2.65 -7.88
C ARG A 91 8.47 -3.90 -7.39
N ILE A 92 7.15 -3.95 -7.57
CA ILE A 92 6.36 -5.10 -7.16
C ILE A 92 5.76 -5.81 -8.38
N VAL A 93 6.05 -7.10 -8.53
CA VAL A 93 5.57 -7.86 -9.67
C VAL A 93 4.05 -7.94 -9.71
N GLU A 94 3.52 -8.13 -10.92
CA GLU A 94 2.08 -8.25 -11.13
C GLU A 94 1.74 -9.56 -11.84
N ASN A 95 0.78 -10.29 -11.30
CA ASN A 95 0.36 -11.56 -11.90
C ASN A 95 -0.79 -12.19 -11.12
N GLY A 96 -1.62 -11.35 -10.51
CA GLY A 96 -2.76 -11.85 -9.77
C GLY A 96 -2.43 -12.21 -8.33
N SER A 97 -1.21 -12.67 -8.08
CA SER A 97 -0.79 -13.05 -6.74
C SER A 97 -0.72 -11.84 -5.81
N GLU A 98 -1.53 -11.87 -4.77
CA GLU A 98 -1.58 -10.79 -3.78
C GLU A 98 -2.43 -11.18 -2.57
N GLN A 99 -2.27 -10.44 -1.48
CA GLN A 99 -3.02 -10.70 -0.25
C GLN A 99 -3.63 -9.42 0.29
N GLY A 100 -4.87 -9.50 0.75
CA GLY A 100 -5.54 -8.33 1.29
C GLY A 100 -6.45 -8.65 2.46
N SER A 101 -6.39 -7.80 3.48
CA SER A 101 -7.22 -7.99 4.68
C SER A 101 -7.63 -6.63 5.25
N TYR A 102 -8.90 -6.27 5.04
CA TYR A 102 -9.41 -4.99 5.54
C TYR A 102 -10.25 -5.19 6.79
N ASP A 103 -9.98 -4.39 7.81
CA ASP A 103 -10.72 -4.46 9.06
C ASP A 103 -11.50 -3.17 9.30
N ALA A 104 -12.82 -3.26 9.23
CA ALA A 104 -13.67 -2.09 9.44
C ALA A 104 -13.75 -1.73 10.92
N ASP A 105 -14.02 -2.72 11.75
CA ASP A 105 -14.11 -2.48 13.19
C ASP A 105 -12.86 -1.80 13.72
N LYS A 106 -11.70 -2.23 13.24
CA LYS A 106 -10.43 -1.65 13.66
C LYS A 106 -9.95 -0.61 12.65
N GLY A 107 -10.49 -0.67 11.44
CA GLY A 107 -10.10 0.27 10.40
C GLY A 107 -8.65 0.09 9.99
N ILE A 108 -8.31 -1.12 9.57
CA ILE A 108 -6.94 -1.42 9.16
C ILE A 108 -6.92 -2.28 7.89
N PHE A 109 -6.36 -1.70 6.82
CA PHE A 109 -6.27 -2.40 5.54
C PHE A 109 -4.81 -2.74 5.21
N THR A 110 -4.52 -4.04 5.17
CA THR A 110 -3.17 -4.50 4.87
C THR A 110 -3.15 -5.40 3.64
N ILE A 111 -2.42 -4.98 2.61
CA ILE A 111 -2.34 -5.76 1.38
C ILE A 111 -0.89 -6.08 1.02
N ARG A 112 -0.56 -7.37 0.94
CA ARG A 112 0.78 -7.81 0.61
C ARG A 112 0.95 -7.92 -0.90
N LEU A 113 2.16 -7.67 -1.39
CA LEU A 113 2.44 -7.72 -2.81
C LEU A 113 3.74 -8.48 -3.09
N PRO A 114 3.84 -9.13 -4.25
CA PRO A 114 5.02 -9.90 -4.64
C PRO A 114 6.12 -9.01 -5.21
N LYS A 115 7.36 -9.50 -5.17
CA LYS A 115 8.48 -8.73 -5.69
C LYS A 115 8.85 -9.18 -7.10
N GLU A 116 9.35 -8.23 -7.89
CA GLU A 116 9.75 -8.53 -9.26
C GLU A 116 11.18 -9.06 -9.30
N THR A 117 11.87 -8.96 -8.17
CA THR A 117 13.24 -9.43 -8.06
C THR A 117 13.55 -9.91 -6.65
N PRO A 118 13.86 -11.21 -6.48
CA PRO A 118 14.16 -11.80 -5.17
C PRO A 118 15.24 -11.02 -4.43
N GLY A 119 15.10 -10.92 -3.11
CA GLY A 119 16.07 -10.20 -2.31
C GLY A 119 15.83 -8.71 -2.31
N GLN A 120 14.79 -8.28 -3.02
CA GLN A 120 14.46 -6.85 -3.10
C GLN A 120 13.91 -6.38 -1.75
N HIS A 121 14.60 -5.41 -1.15
CA HIS A 121 14.18 -4.87 0.14
C HIS A 121 13.91 -3.38 0.04
N PHE A 122 12.63 -3.00 0.18
CA PHE A 122 12.24 -1.61 0.12
C PHE A 122 12.66 -0.87 1.39
N GLU A 123 13.86 -0.32 1.37
CA GLU A 123 14.40 0.39 2.52
C GLU A 123 13.68 1.72 2.73
N GLY A 124 14.00 2.40 3.83
CA GLY A 124 13.38 3.67 4.13
C GLY A 124 11.92 3.73 3.72
N LEU A 125 11.20 2.63 3.89
CA LEU A 125 9.79 2.58 3.54
C LEU A 125 9.01 3.66 4.27
N ASN A 126 9.01 3.58 5.60
CA ASN A 126 8.29 4.56 6.43
C ASN A 126 9.14 5.81 6.65
N MET A 127 10.19 5.97 5.84
CA MET A 127 11.05 7.13 5.92
C MET A 127 10.96 7.91 4.61
N LEU A 128 10.74 7.18 3.53
CA LEU A 128 10.62 7.77 2.21
C LEU A 128 9.70 8.99 2.25
N THR A 129 9.54 9.66 1.12
CA THR A 129 8.68 10.84 1.04
C THR A 129 8.03 10.96 -0.33
N ALA A 130 6.83 11.53 -0.36
CA ALA A 130 6.11 11.73 -1.62
C ALA A 130 6.57 13.02 -2.29
N LEU A 131 6.77 12.96 -3.61
CA LEU A 131 7.23 14.13 -4.35
C LEU A 131 6.07 14.82 -5.07
N LEU A 132 6.07 16.14 -5.03
CA LEU A 132 5.03 16.93 -5.69
C LEU A 132 5.52 17.35 -7.08
N ALA A 133 4.87 16.84 -8.12
CA ALA A 133 5.25 17.18 -9.48
C ALA A 133 6.63 16.62 -9.81
N MET A 38 -10.67 16.49 9.98
CA MET A 38 -9.57 16.55 8.98
C MET A 38 -8.30 15.92 9.52
N LEU A 39 -8.19 14.60 9.38
CA LEU A 39 -7.02 13.88 9.86
C LEU A 39 -6.53 12.88 8.83
N THR A 40 -5.27 12.99 8.44
CA THR A 40 -4.68 12.10 7.46
C THR A 40 -4.60 10.67 8.00
N PRO A 41 -4.95 9.68 7.16
CA PRO A 41 -4.91 8.27 7.55
C PRO A 41 -3.55 7.87 8.10
N ALA A 42 -3.56 7.11 9.20
CA ALA A 42 -2.32 6.65 9.82
C ALA A 42 -1.83 5.37 9.17
N PHE A 43 -1.46 5.44 7.90
CA PHE A 43 -0.97 4.30 7.16
C PHE A 43 0.50 4.03 7.48
N ASP A 44 0.94 2.80 7.22
CA ASP A 44 2.32 2.41 7.46
C ASP A 44 2.78 1.41 6.40
N LEU A 45 4.07 1.41 6.10
CA LEU A 45 4.62 0.52 5.09
C LEU A 45 5.59 -0.49 5.71
N SER A 46 5.42 -1.75 5.32
CA SER A 46 6.27 -2.83 5.79
C SER A 46 6.58 -3.79 4.64
N GLN A 47 7.86 -4.13 4.48
CA GLN A 47 8.27 -5.00 3.38
C GLN A 47 9.16 -6.13 3.87
N ASP A 48 8.93 -7.30 3.28
CA ASP A 48 9.71 -8.51 3.60
C ASP A 48 10.55 -8.91 2.39
N PRO A 49 11.59 -9.73 2.61
CA PRO A 49 12.50 -10.19 1.55
C PRO A 49 11.81 -11.00 0.45
N ASP A 50 10.51 -11.23 0.58
CA ASP A 50 9.77 -12.00 -0.43
C ASP A 50 8.44 -11.34 -0.78
N PHE A 51 8.17 -10.18 -0.17
CA PHE A 51 6.94 -9.45 -0.42
C PHE A 51 6.97 -8.07 0.22
N LEU A 52 5.95 -7.28 -0.08
CA LEU A 52 5.81 -5.94 0.48
C LEU A 52 4.36 -5.73 0.90
N THR A 53 4.12 -5.53 2.19
CA THR A 53 2.77 -5.35 2.68
C THR A 53 2.52 -3.92 3.15
N ILE A 54 1.37 -3.39 2.78
CA ILE A 54 1.01 -2.03 3.16
C ILE A 54 -0.18 -2.05 4.12
N ALA A 55 -0.26 -1.05 4.99
CA ALA A 55 -1.35 -0.99 5.96
C ALA A 55 -2.01 0.39 5.97
N ILE A 56 -3.21 0.48 5.41
CA ILE A 56 -3.95 1.73 5.37
C ILE A 56 -5.12 1.72 6.33
N ARG A 57 -5.15 2.67 7.25
CA ARG A 57 -6.24 2.76 8.22
C ARG A 57 -7.37 3.63 7.68
N VAL A 58 -8.55 3.05 7.56
CA VAL A 58 -9.71 3.77 7.05
C VAL A 58 -10.98 3.33 7.77
N SER A 59 -11.77 4.30 8.21
CA SER A 59 -13.01 4.01 8.93
C SER A 59 -14.24 4.38 8.09
N TYR A 60 -14.59 5.66 8.13
CA TYR A 60 -15.75 6.16 7.39
C TYR A 60 -15.85 5.51 6.02
N ALA A 61 -14.77 5.56 5.24
CA ALA A 61 -14.77 4.98 3.91
C ALA A 61 -16.07 5.29 3.17
N ARG A 62 -16.05 6.33 2.34
CA ARG A 62 -17.23 6.72 1.59
C ARG A 62 -17.71 5.61 0.68
N VAL A 63 -16.99 5.36 -0.41
CA VAL A 63 -17.35 4.31 -1.36
C VAL A 63 -17.30 2.95 -0.69
N SER A 64 -18.24 2.08 -1.05
CA SER A 64 -18.31 0.74 -0.47
C SER A 64 -17.02 -0.04 -0.74
N GLU A 65 -16.46 0.15 -1.92
CA GLU A 65 -15.23 -0.53 -2.30
C GLU A 65 -14.11 0.48 -2.57
N PHE A 66 -12.90 0.12 -2.14
CA PHE A 66 -11.74 1.00 -2.34
C PHE A 66 -11.07 0.70 -3.68
N ASP A 67 -10.19 1.59 -4.11
CA ASP A 67 -9.48 1.42 -5.36
C ASP A 67 -7.98 1.30 -5.12
N VAL A 68 -7.41 0.16 -5.49
CA VAL A 68 -5.98 -0.07 -5.31
C VAL A 68 -5.31 -0.37 -6.65
N TYR A 69 -4.35 0.47 -7.03
CA TYR A 69 -3.63 0.30 -8.28
C TYR A 69 -2.15 0.06 -8.03
N PHE A 70 -1.67 -1.10 -8.48
CA PHE A 70 -0.26 -1.46 -8.31
C PHE A 70 0.37 -1.74 -9.67
N GLU A 71 1.30 -0.89 -10.07
CA GLU A 71 1.98 -1.04 -11.35
C GLU A 71 3.48 -0.82 -11.20
N GLY A 72 4.26 -1.86 -11.48
CA GLY A 72 5.70 -1.76 -11.37
C GLY A 72 6.14 -1.40 -9.96
N SER A 73 5.96 -0.13 -9.59
CA SER A 73 6.34 0.35 -8.27
C SER A 73 5.42 1.49 -7.85
N ASP A 74 4.22 1.49 -8.41
CA ASP A 74 3.24 2.54 -8.11
C ASP A 74 2.04 1.98 -7.34
N PHE A 75 1.95 2.30 -6.07
CA PHE A 75 0.84 1.85 -5.25
C PHE A 75 -0.12 3.00 -4.99
N LYS A 76 -1.31 2.90 -5.56
CA LYS A 76 -2.32 3.94 -5.41
C LYS A 76 -3.57 3.41 -4.71
N PHE A 77 -4.03 4.14 -3.71
CA PHE A 77 -5.21 3.75 -2.95
C PHE A 77 -6.20 4.89 -2.89
N TYR A 78 -7.33 4.75 -3.58
CA TYR A 78 -8.35 5.80 -3.60
C TYR A 78 -9.72 5.24 -3.24
N ALA A 79 -10.39 5.90 -2.31
CA ALA A 79 -11.73 5.51 -1.90
C ALA A 79 -12.73 6.56 -2.37
N LYS A 80 -12.65 7.74 -1.77
CA LYS A 80 -13.49 8.86 -2.12
C LYS A 80 -12.83 10.15 -1.63
N PRO A 81 -12.82 10.40 -0.31
CA PRO A 81 -12.17 11.57 0.27
C PRO A 81 -10.70 11.30 0.55
N TYR A 82 -10.38 10.01 0.65
CA TYR A 82 -9.02 9.58 0.97
C TYR A 82 -8.23 9.20 -0.29
N PHE A 83 -7.13 9.90 -0.52
CA PHE A 83 -6.27 9.63 -1.67
C PHE A 83 -4.86 9.25 -1.20
N LEU A 84 -4.45 8.02 -1.48
CA LEU A 84 -3.13 7.55 -1.06
C LEU A 84 -2.24 7.18 -2.25
N ARG A 85 -1.19 7.96 -2.46
CA ARG A 85 -0.25 7.71 -3.54
C ARG A 85 1.15 7.46 -2.97
N LEU A 86 1.63 6.24 -3.10
CA LEU A 86 2.95 5.87 -2.57
C LEU A 86 3.83 5.23 -3.64
N THR A 87 5.08 5.68 -3.71
CA THR A 87 6.04 5.16 -4.67
C THR A 87 7.08 4.29 -3.98
N LEU A 88 7.08 3.01 -4.28
CA LEU A 88 8.03 2.08 -3.66
C LEU A 88 9.41 2.17 -4.32
N PRO A 89 10.47 1.95 -3.53
CA PRO A 89 11.85 1.99 -4.03
C PRO A 89 12.19 0.80 -4.91
N GLY A 90 11.33 -0.21 -4.89
CA GLY A 90 11.55 -1.40 -5.69
C GLY A 90 10.26 -1.89 -6.32
N ARG A 91 10.33 -2.32 -7.58
CA ARG A 91 9.15 -2.79 -8.29
C ARG A 91 8.55 -4.02 -7.63
N ILE A 92 7.25 -4.23 -7.86
CA ILE A 92 6.53 -5.37 -7.31
C ILE A 92 5.96 -6.22 -8.44
N VAL A 93 6.27 -7.52 -8.41
CA VAL A 93 5.81 -8.42 -9.46
C VAL A 93 4.29 -8.56 -9.48
N GLU A 94 3.78 -9.03 -10.61
CA GLU A 94 2.35 -9.22 -10.79
C GLU A 94 2.05 -10.66 -11.20
N ASN A 95 1.16 -11.32 -10.46
CA ASN A 95 0.79 -12.69 -10.77
C ASN A 95 -0.64 -13.00 -10.34
N GLY A 96 -1.38 -11.98 -9.93
CA GLY A 96 -2.75 -12.18 -9.52
C GLY A 96 -2.87 -12.91 -8.19
N SER A 97 -1.73 -13.28 -7.61
CA SER A 97 -1.72 -14.00 -6.34
C SER A 97 -1.43 -13.04 -5.18
N GLU A 98 -2.17 -11.93 -5.15
CA GLU A 98 -2.00 -10.93 -4.09
C GLU A 98 -2.78 -11.32 -2.84
N GLN A 99 -2.44 -10.69 -1.72
CA GLN A 99 -3.11 -10.96 -0.45
C GLN A 99 -3.71 -9.68 0.13
N GLY A 100 -5.01 -9.72 0.42
CA GLY A 100 -5.68 -8.57 0.98
C GLY A 100 -6.59 -8.94 2.15
N SER A 101 -6.56 -8.13 3.20
CA SER A 101 -7.39 -8.40 4.37
C SER A 101 -7.90 -7.11 5.00
N TYR A 102 -9.19 -6.86 4.85
CA TYR A 102 -9.82 -5.66 5.41
C TYR A 102 -10.72 -6.04 6.59
N ASP A 103 -10.37 -5.52 7.76
CA ASP A 103 -11.15 -5.82 8.97
C ASP A 103 -11.92 -4.58 9.44
N ALA A 104 -13.20 -4.77 9.77
CA ALA A 104 -14.04 -3.68 10.23
C ALA A 104 -13.81 -3.44 11.72
N ASP A 105 -13.81 -4.52 12.49
CA ASP A 105 -13.60 -4.42 13.92
C ASP A 105 -12.31 -3.64 14.21
N LYS A 106 -11.24 -4.03 13.53
CA LYS A 106 -9.97 -3.36 13.69
C LYS A 106 -9.91 -2.13 12.78
N GLY A 107 -10.79 -2.13 11.78
CA GLY A 107 -10.85 -1.02 10.84
C GLY A 107 -9.51 -0.71 10.20
N ILE A 108 -8.92 -1.70 9.56
CA ILE A 108 -7.63 -1.52 8.91
C ILE A 108 -7.53 -2.37 7.65
N PHE A 109 -6.79 -1.88 6.66
CA PHE A 109 -6.63 -2.60 5.40
C PHE A 109 -5.17 -3.02 5.19
N THR A 110 -4.95 -4.32 5.07
CA THR A 110 -3.61 -4.86 4.86
C THR A 110 -3.54 -5.62 3.54
N ILE A 111 -2.50 -5.36 2.76
CA ILE A 111 -2.34 -6.03 1.48
C ILE A 111 -0.89 -6.39 1.19
N ARG A 112 -0.61 -7.68 1.05
CA ARG A 112 0.74 -8.16 0.76
C ARG A 112 0.94 -8.29 -0.74
N LEU A 113 2.14 -7.93 -1.19
CA LEU A 113 2.45 -8.00 -2.61
C LEU A 113 3.80 -8.69 -2.84
N PRO A 114 3.93 -9.40 -3.97
CA PRO A 114 5.17 -10.12 -4.31
C PRO A 114 6.21 -9.19 -4.92
N LYS A 115 7.48 -9.48 -4.68
CA LYS A 115 8.56 -8.66 -5.21
C LYS A 115 8.93 -9.09 -6.63
N GLU A 116 9.53 -8.15 -7.37
CA GLU A 116 9.94 -8.41 -8.75
C GLU A 116 11.36 -8.93 -8.77
N THR A 117 12.10 -8.65 -7.70
CA THR A 117 13.48 -9.10 -7.58
C THR A 117 13.71 -9.79 -6.23
N PRO A 118 14.28 -11.00 -6.25
CA PRO A 118 14.54 -11.77 -5.04
C PRO A 118 15.65 -11.17 -4.19
N GLY A 119 15.40 -11.06 -2.89
CA GLY A 119 16.40 -10.51 -1.98
C GLY A 119 16.38 -9.00 -1.94
N GLN A 120 15.43 -8.38 -2.63
CA GLN A 120 15.32 -6.93 -2.65
C GLN A 120 14.58 -6.43 -1.42
N HIS A 121 15.18 -5.47 -0.72
CA HIS A 121 14.57 -4.91 0.49
C HIS A 121 14.41 -3.39 0.37
N PHE A 122 13.17 -2.92 0.42
CA PHE A 122 12.89 -1.50 0.33
C PHE A 122 13.18 -0.82 1.66
N GLU A 123 14.42 -0.35 1.82
CA GLU A 123 14.83 0.30 3.05
C GLU A 123 14.19 1.67 3.24
N GLY A 124 14.38 2.24 4.43
CA GLY A 124 13.84 3.55 4.74
C GLY A 124 12.51 3.84 4.07
N LEU A 125 11.60 2.86 4.07
CA LEU A 125 10.30 3.05 3.45
C LEU A 125 9.52 4.16 4.15
N ASN A 126 9.23 3.98 5.43
CA ASN A 126 8.49 4.99 6.19
C ASN A 126 9.43 6.07 6.72
N MET A 127 10.66 6.08 6.20
CA MET A 127 11.65 7.06 6.59
C MET A 127 11.99 7.95 5.39
N LEU A 128 11.85 7.38 4.19
CA LEU A 128 12.12 8.09 2.96
C LEU A 128 11.54 9.49 3.00
N THR A 129 11.77 10.27 1.94
CA THR A 129 11.25 11.63 1.87
C THR A 129 10.91 12.01 0.44
N ALA A 130 10.04 13.00 0.28
CA ALA A 130 9.63 13.46 -1.04
C ALA A 130 10.31 14.77 -1.38
N LEU A 131 10.91 14.83 -2.56
CA LEU A 131 11.60 16.03 -3.00
C LEU A 131 10.63 17.04 -3.57
N LEU A 132 10.86 18.31 -3.25
CA LEU A 132 9.99 19.38 -3.72
C LEU A 132 10.57 20.04 -4.96
N ALA A 133 9.88 19.84 -6.09
CA ALA A 133 10.32 20.41 -7.36
C ALA A 133 9.39 19.99 -8.50
N MET A 38 -11.83 15.29 9.07
CA MET A 38 -10.92 14.88 7.97
C MET A 38 -9.48 14.80 8.44
N LEU A 39 -9.23 13.96 9.45
CA LEU A 39 -7.90 13.79 10.00
C LEU A 39 -7.11 12.74 9.22
N THR A 40 -5.81 12.97 9.06
CA THR A 40 -4.96 12.05 8.33
C THR A 40 -4.67 10.79 9.13
N PRO A 41 -4.94 9.62 8.54
CA PRO A 41 -4.70 8.32 9.19
C PRO A 41 -3.22 8.08 9.49
N ALA A 42 -2.95 7.01 10.22
CA ALA A 42 -1.58 6.66 10.57
C ALA A 42 -0.92 5.87 9.45
N PHE A 43 -1.46 4.69 9.20
CA PHE A 43 -0.95 3.81 8.14
C PHE A 43 0.55 3.57 8.28
N ASP A 44 1.00 2.41 7.82
CA ASP A 44 2.41 2.06 7.90
C ASP A 44 2.76 1.06 6.80
N LEU A 45 4.04 0.98 6.46
CA LEU A 45 4.49 0.06 5.43
C LEU A 45 5.48 -0.96 5.99
N SER A 46 5.30 -2.21 5.60
CA SER A 46 6.17 -3.30 6.02
C SER A 46 6.43 -4.21 4.83
N GLN A 47 7.68 -4.58 4.61
CA GLN A 47 8.02 -5.41 3.47
C GLN A 47 8.86 -6.62 3.83
N ASP A 48 8.58 -7.72 3.15
CA ASP A 48 9.29 -8.98 3.35
C ASP A 48 10.30 -9.17 2.21
N PRO A 49 11.30 -10.03 2.40
CA PRO A 49 12.32 -10.29 1.37
C PRO A 49 11.75 -10.96 0.13
N ASP A 50 10.46 -11.27 0.14
CA ASP A 50 9.81 -11.90 -1.00
C ASP A 50 8.46 -11.24 -1.29
N PHE A 51 8.21 -10.10 -0.65
CA PHE A 51 6.96 -9.36 -0.83
C PHE A 51 7.01 -7.98 -0.18
N LEU A 52 5.98 -7.18 -0.45
CA LEU A 52 5.87 -5.86 0.13
C LEU A 52 4.44 -5.66 0.61
N THR A 53 4.25 -5.49 1.92
CA THR A 53 2.92 -5.32 2.47
C THR A 53 2.68 -3.88 2.92
N ILE A 54 1.55 -3.34 2.51
CA ILE A 54 1.17 -1.97 2.86
C ILE A 54 0.05 -1.98 3.90
N ALA A 55 -0.05 -0.91 4.67
CA ALA A 55 -1.09 -0.83 5.70
C ALA A 55 -1.75 0.53 5.75
N ILE A 56 -3.06 0.55 5.50
CA ILE A 56 -3.84 1.79 5.52
C ILE A 56 -4.96 1.68 6.55
N ARG A 57 -5.04 2.67 7.44
CA ARG A 57 -6.06 2.67 8.48
C ARG A 57 -7.15 3.71 8.21
N VAL A 58 -8.39 3.25 8.07
CA VAL A 58 -9.51 4.14 7.82
C VAL A 58 -10.81 3.57 8.39
N SER A 59 -11.64 4.46 8.92
CA SER A 59 -12.92 4.06 9.50
C SER A 59 -14.08 4.73 8.77
N TYR A 60 -13.85 5.97 8.33
CA TYR A 60 -14.85 6.75 7.61
C TYR A 60 -15.17 6.13 6.25
N ALA A 61 -14.38 5.13 5.86
CA ALA A 61 -14.55 4.44 4.58
C ALA A 61 -15.98 4.56 4.05
N ARG A 62 -16.24 5.66 3.35
CA ARG A 62 -17.54 5.93 2.79
C ARG A 62 -17.84 4.98 1.62
N VAL A 63 -17.14 5.21 0.51
CA VAL A 63 -17.32 4.39 -0.69
C VAL A 63 -17.38 2.90 -0.32
N SER A 64 -18.32 2.20 -0.93
CA SER A 64 -18.50 0.78 -0.68
C SER A 64 -17.23 -0.01 -1.00
N GLU A 65 -16.56 0.36 -2.09
CA GLU A 65 -15.33 -0.31 -2.51
C GLU A 65 -14.21 0.68 -2.78
N PHE A 66 -12.98 0.26 -2.52
CA PHE A 66 -11.82 1.11 -2.74
C PHE A 66 -11.07 0.69 -4.00
N ASP A 67 -10.15 1.54 -4.45
CA ASP A 67 -9.38 1.27 -5.66
C ASP A 67 -7.88 1.13 -5.35
N VAL A 68 -7.31 -0.02 -5.67
CA VAL A 68 -5.90 -0.26 -5.45
C VAL A 68 -5.20 -0.65 -6.75
N TYR A 69 -4.23 0.16 -7.14
CA TYR A 69 -3.48 -0.09 -8.37
C TYR A 69 -1.97 -0.12 -8.10
N PHE A 70 -1.35 -1.26 -8.39
CA PHE A 70 0.08 -1.42 -8.18
C PHE A 70 0.78 -1.76 -9.49
N GLU A 71 1.62 -0.84 -9.97
CA GLU A 71 2.36 -1.07 -11.21
C GLU A 71 3.79 -0.54 -11.12
N GLY A 72 4.75 -1.45 -11.25
CA GLY A 72 6.15 -1.06 -11.19
C GLY A 72 6.44 -0.07 -10.08
N SER A 73 6.30 -0.51 -8.84
CA SER A 73 6.57 0.34 -7.69
C SER A 73 5.57 1.49 -7.61
N ASP A 74 4.54 1.44 -8.43
CA ASP A 74 3.52 2.49 -8.44
C ASP A 74 2.26 2.02 -7.72
N PHE A 75 2.07 2.50 -6.49
CA PHE A 75 0.91 2.13 -5.70
C PHE A 75 -0.05 3.31 -5.53
N LYS A 76 -1.29 3.11 -5.99
CA LYS A 76 -2.31 4.15 -5.89
C LYS A 76 -3.54 3.62 -5.16
N PHE A 77 -3.95 4.35 -4.12
CA PHE A 77 -5.11 3.96 -3.34
C PHE A 77 -6.17 5.07 -3.34
N TYR A 78 -7.30 4.80 -3.96
CA TYR A 78 -8.38 5.78 -4.02
C TYR A 78 -9.60 5.30 -3.25
N ALA A 79 -9.78 5.83 -2.05
CA ALA A 79 -10.92 5.49 -1.22
C ALA A 79 -11.58 6.77 -0.73
N LYS A 80 -12.84 6.96 -1.11
CA LYS A 80 -13.57 8.16 -0.73
C LYS A 80 -12.63 9.38 -0.85
N PRO A 81 -12.98 10.55 -0.30
CA PRO A 81 -12.13 11.74 -0.41
C PRO A 81 -10.66 11.44 -0.14
N TYR A 82 -10.39 10.34 0.55
CA TYR A 82 -9.02 9.94 0.86
C TYR A 82 -8.31 9.34 -0.34
N PHE A 83 -7.18 9.92 -0.70
CA PHE A 83 -6.38 9.43 -1.83
C PHE A 83 -4.94 9.22 -1.38
N LEU A 84 -4.43 8.01 -1.58
CA LEU A 84 -3.06 7.70 -1.18
C LEU A 84 -2.20 7.25 -2.36
N ARG A 85 -1.20 8.06 -2.68
CA ARG A 85 -0.27 7.76 -3.76
C ARG A 85 1.11 7.48 -3.18
N LEU A 86 1.54 6.22 -3.22
CA LEU A 86 2.83 5.84 -2.67
C LEU A 86 3.72 5.14 -3.70
N THR A 87 4.95 5.62 -3.82
CA THR A 87 5.91 5.05 -4.74
C THR A 87 6.88 4.13 -4.00
N LEU A 88 6.74 2.83 -4.23
CA LEU A 88 7.60 1.84 -3.58
C LEU A 88 9.06 2.03 -3.99
N PRO A 89 9.97 2.13 -3.00
CA PRO A 89 11.40 2.31 -3.24
C PRO A 89 11.98 1.33 -4.25
N GLY A 90 11.35 0.16 -4.37
CA GLY A 90 11.83 -0.84 -5.30
C GLY A 90 10.82 -1.15 -6.40
N ARG A 91 10.60 -2.44 -6.65
CA ARG A 91 9.66 -2.85 -7.69
C ARG A 91 8.90 -4.10 -7.24
N ILE A 92 7.59 -4.10 -7.49
CA ILE A 92 6.74 -5.23 -7.11
C ILE A 92 6.12 -5.87 -8.35
N VAL A 93 6.33 -7.18 -8.50
CA VAL A 93 5.81 -7.90 -9.66
C VAL A 93 4.28 -7.87 -9.71
N GLU A 94 3.76 -8.05 -10.92
CA GLU A 94 2.32 -8.05 -11.14
C GLU A 94 1.87 -9.35 -11.79
N ASN A 95 0.82 -9.96 -11.24
CA ASN A 95 0.32 -11.22 -11.80
C ASN A 95 -1.00 -11.64 -11.16
N GLY A 96 -1.73 -10.68 -10.57
CA GLY A 96 -3.00 -11.00 -9.96
C GLY A 96 -2.87 -11.88 -8.73
N SER A 97 -1.64 -12.12 -8.30
CA SER A 97 -1.39 -12.96 -7.12
C SER A 97 -1.18 -12.11 -5.87
N GLU A 98 -2.03 -11.11 -5.69
CA GLU A 98 -1.93 -10.22 -4.53
C GLU A 98 -2.75 -10.76 -3.36
N GLN A 99 -2.62 -10.11 -2.20
CA GLN A 99 -3.34 -10.53 -1.01
C GLN A 99 -3.81 -9.31 -0.22
N GLY A 100 -5.02 -9.39 0.31
CA GLY A 100 -5.56 -8.28 1.08
C GLY A 100 -6.50 -8.74 2.19
N SER A 101 -6.68 -7.87 3.18
CA SER A 101 -7.55 -8.17 4.32
C SER A 101 -8.02 -6.88 4.98
N TYR A 102 -9.32 -6.64 4.99
CA TYR A 102 -9.89 -5.45 5.59
C TYR A 102 -10.81 -5.77 6.76
N ASP A 103 -10.69 -5.00 7.84
CA ASP A 103 -11.50 -5.20 9.02
C ASP A 103 -12.34 -3.95 9.30
N ALA A 104 -13.65 -4.10 9.28
CA ALA A 104 -14.57 -2.99 9.52
C ALA A 104 -14.54 -2.54 10.97
N ASP A 105 -14.75 -3.49 11.89
CA ASP A 105 -14.75 -3.18 13.31
C ASP A 105 -13.46 -2.50 13.72
N LYS A 106 -12.34 -3.05 13.26
CA LYS A 106 -11.03 -2.49 13.59
C LYS A 106 -10.66 -1.36 12.63
N GLY A 107 -11.21 -1.39 11.43
CA GLY A 107 -10.93 -0.36 10.45
C GLY A 107 -9.48 -0.37 10.00
N ILE A 108 -9.07 -1.47 9.37
CA ILE A 108 -7.71 -1.60 8.88
C ILE A 108 -7.64 -2.46 7.63
N PHE A 109 -7.13 -1.88 6.55
CA PHE A 109 -6.99 -2.58 5.28
C PHE A 109 -5.52 -2.86 4.98
N THR A 110 -5.14 -4.14 5.04
CA THR A 110 -3.76 -4.53 4.76
C THR A 110 -3.65 -5.24 3.42
N ILE A 111 -2.51 -5.06 2.76
CA ILE A 111 -2.26 -5.68 1.46
C ILE A 111 -0.83 -6.22 1.37
N ARG A 112 -0.65 -7.23 0.53
CA ARG A 112 0.66 -7.84 0.32
C ARG A 112 0.89 -8.04 -1.16
N LEU A 113 2.13 -7.82 -1.61
CA LEU A 113 2.45 -7.95 -3.02
C LEU A 113 3.77 -8.69 -3.23
N PRO A 114 3.89 -9.41 -4.36
CA PRO A 114 5.10 -10.16 -4.70
C PRO A 114 6.21 -9.27 -5.24
N LYS A 115 7.45 -9.71 -5.08
CA LYS A 115 8.59 -8.93 -5.55
C LYS A 115 9.09 -9.45 -6.89
N GLU A 116 9.68 -8.55 -7.69
CA GLU A 116 10.21 -8.91 -8.99
C GLU A 116 11.65 -9.41 -8.88
N THR A 117 12.19 -9.36 -7.67
CA THR A 117 13.56 -9.80 -7.42
C THR A 117 13.78 -10.16 -5.96
N PRO A 118 14.17 -11.41 -5.68
CA PRO A 118 14.42 -11.89 -4.31
C PRO A 118 15.55 -11.11 -3.64
N GLY A 119 15.43 -10.92 -2.33
CA GLY A 119 16.45 -10.19 -1.60
C GLY A 119 16.25 -8.68 -1.67
N GLN A 120 15.19 -8.26 -2.34
CA GLN A 120 14.88 -6.85 -2.48
C GLN A 120 14.24 -6.29 -1.21
N HIS A 121 14.82 -5.22 -0.68
CA HIS A 121 14.31 -4.59 0.53
C HIS A 121 14.04 -3.11 0.30
N PHE A 122 12.77 -2.72 0.44
CA PHE A 122 12.38 -1.33 0.24
C PHE A 122 12.82 -0.46 1.42
N GLU A 123 14.02 0.08 1.32
CA GLU A 123 14.57 0.93 2.37
C GLU A 123 13.82 2.24 2.50
N GLY A 124 14.10 2.97 3.59
CA GLY A 124 13.46 4.25 3.83
C GLY A 124 11.99 4.29 3.42
N LEU A 125 11.27 3.21 3.73
CA LEU A 125 9.85 3.15 3.38
C LEU A 125 9.07 4.27 4.07
N ASN A 126 9.07 4.27 5.40
CA ASN A 126 8.36 5.29 6.16
C ASN A 126 9.17 6.57 6.28
N MET A 127 10.20 6.68 5.45
CA MET A 127 11.05 7.86 5.43
C MET A 127 10.95 8.54 4.07
N LEU A 128 10.77 7.70 3.03
CA LEU A 128 10.64 8.20 1.66
C LEU A 128 9.76 9.45 1.64
N THR A 129 9.70 10.13 0.51
CA THR A 129 8.89 11.33 0.39
C THR A 129 7.95 11.26 -0.80
N ALA A 130 7.02 12.20 -0.86
CA ALA A 130 6.05 12.23 -1.96
C ALA A 130 6.51 13.20 -3.05
N LEU A 131 6.44 12.75 -4.29
CA LEU A 131 6.85 13.59 -5.42
C LEU A 131 5.68 13.82 -6.38
N LEU A 132 5.48 15.07 -6.76
CA LEU A 132 4.40 15.43 -7.67
C LEU A 132 4.90 15.45 -9.11
N ALA A 133 4.23 14.70 -9.98
CA ALA A 133 4.60 14.63 -11.39
C ALA A 133 4.06 13.35 -12.03
N MET A 38 -10.28 16.43 5.75
CA MET A 38 -9.55 15.16 5.47
C MET A 38 -8.20 15.12 6.19
N LEU A 39 -8.02 14.12 7.04
CA LEU A 39 -6.77 13.97 7.78
C LEU A 39 -6.06 12.68 7.40
N THR A 40 -4.96 12.81 6.67
CA THR A 40 -4.17 11.66 6.24
C THR A 40 -4.03 10.64 7.37
N PRO A 41 -4.59 9.43 7.18
CA PRO A 41 -4.53 8.37 8.19
C PRO A 41 -3.10 8.03 8.57
N ALA A 42 -2.93 7.50 9.79
CA ALA A 42 -1.62 7.12 10.28
C ALA A 42 -1.19 5.77 9.70
N PHE A 43 -1.17 5.68 8.38
CA PHE A 43 -0.79 4.46 7.69
C PHE A 43 0.67 4.11 7.95
N ASP A 44 1.05 2.89 7.61
CA ASP A 44 2.43 2.44 7.80
C ASP A 44 2.80 1.42 6.74
N LEU A 45 4.07 1.35 6.39
CA LEU A 45 4.54 0.42 5.37
C LEU A 45 5.45 -0.65 5.97
N SER A 46 5.19 -1.89 5.60
CA SER A 46 5.99 -3.02 6.06
C SER A 46 6.20 -3.98 4.89
N GLN A 47 7.43 -4.43 4.71
CA GLN A 47 7.72 -5.32 3.59
C GLN A 47 8.48 -6.56 4.02
N ASP A 48 8.14 -7.67 3.40
CA ASP A 48 8.78 -8.95 3.66
C ASP A 48 9.77 -9.25 2.54
N PRO A 49 10.74 -10.15 2.78
CA PRO A 49 11.74 -10.51 1.78
C PRO A 49 11.15 -11.14 0.52
N ASP A 50 9.84 -11.35 0.51
CA ASP A 50 9.16 -11.92 -0.66
C ASP A 50 7.89 -11.15 -0.96
N PHE A 51 7.74 -9.97 -0.34
CA PHE A 51 6.55 -9.14 -0.55
C PHE A 51 6.73 -7.75 0.03
N LEU A 52 5.81 -6.87 -0.35
CA LEU A 52 5.80 -5.49 0.13
C LEU A 52 4.37 -5.15 0.52
N THR A 53 4.10 -5.08 1.82
CA THR A 53 2.75 -4.81 2.29
C THR A 53 2.59 -3.41 2.86
N ILE A 54 1.49 -2.77 2.49
CA ILE A 54 1.17 -1.44 2.96
C ILE A 54 -0.23 -1.45 3.56
N ALA A 55 -0.41 -0.77 4.69
CA ALA A 55 -1.71 -0.73 5.35
C ALA A 55 -2.17 0.70 5.60
N ILE A 56 -3.45 0.95 5.38
CA ILE A 56 -4.02 2.27 5.58
C ILE A 56 -5.18 2.22 6.57
N ARG A 57 -5.20 3.15 7.51
CA ARG A 57 -6.26 3.20 8.51
C ARG A 57 -7.53 3.78 7.92
N VAL A 58 -8.60 2.99 7.94
CA VAL A 58 -9.89 3.42 7.39
C VAL A 58 -11.05 2.83 8.20
N SER A 59 -12.06 3.64 8.43
CA SER A 59 -13.22 3.21 9.19
C SER A 59 -14.53 3.48 8.43
N TYR A 60 -14.70 4.71 7.97
CA TYR A 60 -15.91 5.09 7.25
C TYR A 60 -16.00 4.38 5.90
N ALA A 61 -14.93 4.50 5.09
CA ALA A 61 -14.91 3.87 3.77
C ALA A 61 -16.24 4.08 3.06
N ARG A 62 -16.32 5.11 2.22
CA ARG A 62 -17.53 5.42 1.49
C ARG A 62 -17.75 4.46 0.32
N VAL A 63 -16.86 3.48 0.17
CA VAL A 63 -16.97 2.52 -0.93
C VAL A 63 -16.91 1.08 -0.41
N SER A 64 -17.83 0.25 -0.89
CA SER A 64 -17.86 -1.15 -0.49
C SER A 64 -16.52 -1.82 -0.73
N GLU A 65 -15.92 -1.52 -1.88
CA GLU A 65 -14.62 -2.09 -2.23
C GLU A 65 -13.62 -0.97 -2.51
N PHE A 66 -12.40 -1.15 -2.03
CA PHE A 66 -11.35 -0.16 -2.23
C PHE A 66 -10.66 -0.37 -3.58
N ASP A 67 -9.94 0.65 -4.02
CA ASP A 67 -9.24 0.58 -5.30
C ASP A 67 -7.72 0.52 -5.08
N VAL A 68 -7.13 -0.62 -5.40
CA VAL A 68 -5.70 -0.81 -5.23
C VAL A 68 -5.00 -1.07 -6.56
N TYR A 69 -4.13 -0.15 -6.95
CA TYR A 69 -3.39 -0.28 -8.21
C TYR A 69 -1.89 -0.23 -7.96
N PHE A 70 -1.19 -1.30 -8.29
CA PHE A 70 0.25 -1.36 -8.11
C PHE A 70 0.95 -1.76 -9.40
N GLU A 71 1.86 -0.91 -9.87
CA GLU A 71 2.59 -1.18 -11.10
C GLU A 71 4.06 -0.78 -10.97
N GLY A 72 4.94 -1.75 -11.13
CA GLY A 72 6.37 -1.51 -11.05
C GLY A 72 6.82 -1.02 -9.69
N SER A 73 6.55 0.24 -9.38
CA SER A 73 6.93 0.82 -8.10
C SER A 73 5.96 1.93 -7.70
N ASP A 74 4.72 1.83 -8.19
CA ASP A 74 3.69 2.81 -7.89
C ASP A 74 2.54 2.15 -7.15
N PHE A 75 2.13 2.74 -6.02
CA PHE A 75 1.03 2.20 -5.24
C PHE A 75 -0.06 3.24 -5.05
N LYS A 76 -1.21 3.00 -5.67
CA LYS A 76 -2.33 3.92 -5.56
C LYS A 76 -3.53 3.24 -4.89
N PHE A 77 -4.06 3.90 -3.86
CA PHE A 77 -5.20 3.35 -3.12
C PHE A 77 -6.32 4.38 -3.01
N TYR A 78 -7.46 4.09 -3.63
CA TYR A 78 -8.60 4.99 -3.60
C TYR A 78 -9.82 4.33 -2.98
N ALA A 79 -10.42 4.98 -1.99
CA ALA A 79 -11.60 4.46 -1.32
C ALA A 79 -12.64 5.57 -1.15
N LYS A 80 -12.68 6.46 -2.14
CA LYS A 80 -13.60 7.61 -2.17
C LYS A 80 -12.94 8.86 -1.57
N PRO A 81 -13.01 9.12 -0.25
CA PRO A 81 -12.37 10.30 0.33
C PRO A 81 -10.92 10.05 0.69
N TYR A 82 -10.56 8.78 0.74
CA TYR A 82 -9.21 8.39 1.09
C TYR A 82 -8.39 7.97 -0.12
N PHE A 83 -7.33 8.70 -0.41
CA PHE A 83 -6.46 8.40 -1.53
C PHE A 83 -5.00 8.30 -1.07
N LEU A 84 -4.41 7.12 -1.26
CA LEU A 84 -3.03 6.90 -0.85
C LEU A 84 -2.12 6.64 -2.04
N ARG A 85 -1.21 7.56 -2.29
CA ARG A 85 -0.27 7.43 -3.38
C ARG A 85 1.16 7.40 -2.83
N LEU A 86 1.80 6.24 -2.91
CA LEU A 86 3.15 6.08 -2.41
C LEU A 86 4.09 5.52 -3.47
N THR A 87 5.26 6.13 -3.59
CA THR A 87 6.26 5.69 -4.56
C THR A 87 7.20 4.66 -3.95
N LEU A 88 7.02 3.41 -4.34
CA LEU A 88 7.84 2.32 -3.84
C LEU A 88 9.30 2.49 -4.26
N PRO A 89 10.24 2.32 -3.32
CA PRO A 89 11.68 2.46 -3.59
C PRO A 89 12.22 1.34 -4.48
N GLY A 90 11.53 0.21 -4.49
CA GLY A 90 11.96 -0.92 -5.29
C GLY A 90 11.01 -1.23 -6.42
N ARG A 91 10.76 -2.52 -6.64
CA ARG A 91 9.86 -2.94 -7.71
C ARG A 91 8.92 -4.05 -7.24
N ILE A 92 7.63 -3.84 -7.45
CA ILE A 92 6.62 -4.82 -7.07
C ILE A 92 5.93 -5.34 -8.33
N VAL A 93 5.91 -6.65 -8.50
CA VAL A 93 5.29 -7.26 -9.68
C VAL A 93 3.81 -6.91 -9.78
N GLU A 94 3.28 -6.99 -10.99
CA GLU A 94 1.88 -6.70 -11.24
C GLU A 94 1.17 -7.89 -11.88
N ASN A 95 -0.01 -8.22 -11.37
CA ASN A 95 -0.80 -9.33 -11.90
C ASN A 95 -2.22 -9.29 -11.35
N GLY A 96 -2.35 -8.89 -10.09
CA GLY A 96 -3.65 -8.81 -9.47
C GLY A 96 -3.84 -9.83 -8.36
N SER A 97 -2.91 -10.78 -8.28
CA SER A 97 -2.97 -11.82 -7.26
C SER A 97 -2.73 -11.24 -5.87
N GLU A 98 -1.48 -10.84 -5.61
CA GLU A 98 -1.10 -10.26 -4.33
C GLU A 98 -1.91 -10.86 -3.19
N GLN A 99 -2.03 -10.12 -2.10
CA GLN A 99 -2.78 -10.57 -0.93
C GLN A 99 -3.52 -9.40 -0.27
N GLY A 100 -4.82 -9.57 -0.08
CA GLY A 100 -5.62 -8.52 0.54
C GLY A 100 -6.39 -9.02 1.73
N SER A 101 -6.38 -8.23 2.80
CA SER A 101 -7.10 -8.60 4.02
C SER A 101 -7.51 -7.34 4.80
N TYR A 102 -8.80 -7.08 4.85
CA TYR A 102 -9.32 -5.93 5.57
C TYR A 102 -9.78 -6.33 6.97
N ASP A 103 -9.03 -5.91 7.97
CA ASP A 103 -9.36 -6.24 9.36
C ASP A 103 -10.29 -5.19 9.96
N ALA A 104 -11.59 -5.51 9.98
CA ALA A 104 -12.57 -4.60 10.54
C ALA A 104 -12.34 -4.40 12.03
N ASP A 105 -12.13 -5.50 12.73
CA ASP A 105 -11.91 -5.45 14.17
C ASP A 105 -10.79 -4.47 14.50
N LYS A 106 -9.64 -4.64 13.84
CA LYS A 106 -8.50 -3.76 14.06
C LYS A 106 -8.76 -2.39 13.43
N GLY A 107 -9.74 -2.33 12.54
CA GLY A 107 -10.06 -1.08 11.87
C GLY A 107 -8.94 -0.61 10.97
N ILE A 108 -8.29 -1.55 10.29
CA ILE A 108 -7.19 -1.23 9.40
C ILE A 108 -7.18 -2.15 8.18
N PHE A 109 -6.66 -1.64 7.06
CA PHE A 109 -6.58 -2.42 5.83
C PHE A 109 -5.13 -2.75 5.48
N THR A 110 -4.85 -4.05 5.34
CA THR A 110 -3.49 -4.50 5.01
C THR A 110 -3.47 -5.25 3.68
N ILE A 111 -2.52 -4.90 2.82
CA ILE A 111 -2.41 -5.56 1.51
C ILE A 111 -0.95 -5.83 1.12
N ARG A 112 -0.61 -7.10 0.96
CA ARG A 112 0.74 -7.50 0.57
C ARG A 112 0.90 -7.47 -0.94
N LEU A 113 2.11 -7.17 -1.40
CA LEU A 113 2.38 -7.09 -2.83
C LEU A 113 3.67 -7.82 -3.20
N PRO A 114 3.55 -8.89 -4.01
CA PRO A 114 4.71 -9.68 -4.46
C PRO A 114 5.80 -8.83 -5.11
N LYS A 115 7.05 -9.27 -4.98
CA LYS A 115 8.18 -8.56 -5.56
C LYS A 115 8.57 -9.15 -6.91
N GLU A 116 9.16 -8.31 -7.75
CA GLU A 116 9.60 -8.73 -9.08
C GLU A 116 10.94 -9.46 -9.00
N THR A 117 11.62 -9.31 -7.85
CA THR A 117 12.91 -9.96 -7.63
C THR A 117 13.05 -10.39 -6.17
N PRO A 118 13.42 -11.65 -5.94
CA PRO A 118 13.59 -12.20 -4.58
C PRO A 118 14.79 -11.61 -3.87
N GLY A 119 14.68 -11.53 -2.53
CA GLY A 119 15.77 -10.99 -1.72
C GLY A 119 15.83 -9.48 -1.75
N GLN A 120 14.91 -8.86 -2.48
CA GLN A 120 14.86 -7.41 -2.58
C GLN A 120 14.27 -6.81 -1.31
N HIS A 121 14.96 -5.82 -0.74
CA HIS A 121 14.50 -5.16 0.47
C HIS A 121 14.33 -3.66 0.24
N PHE A 122 13.10 -3.19 0.34
CA PHE A 122 12.81 -1.77 0.15
C PHE A 122 13.27 -0.98 1.37
N GLU A 123 14.51 -0.53 1.34
CA GLU A 123 15.10 0.23 2.44
C GLU A 123 14.37 1.56 2.66
N GLY A 124 14.58 2.14 3.84
CA GLY A 124 13.96 3.41 4.16
C GLY A 124 12.57 3.58 3.60
N LEU A 125 11.73 2.55 3.75
CA LEU A 125 10.37 2.60 3.24
C LEU A 125 9.61 3.75 3.90
N ASN A 126 9.45 3.70 5.22
CA ASN A 126 8.74 4.76 5.94
C ASN A 126 9.72 5.87 6.30
N MET A 127 10.89 5.83 5.70
CA MET A 127 11.92 6.86 5.92
C MET A 127 12.02 7.70 4.66
N LEU A 128 11.77 7.05 3.53
CA LEU A 128 11.80 7.70 2.23
C LEU A 128 11.10 9.06 2.28
N THR A 129 11.20 9.82 1.19
CA THR A 129 10.57 11.14 1.13
C THR A 129 9.55 11.21 0.00
N ALA A 130 8.95 12.38 -0.18
CA ALA A 130 7.95 12.58 -1.22
C ALA A 130 8.59 13.20 -2.46
N LEU A 131 8.64 12.42 -3.54
CA LEU A 131 9.22 12.90 -4.79
C LEU A 131 8.21 12.83 -5.93
N LEU A 132 8.00 13.96 -6.59
CA LEU A 132 7.05 14.03 -7.71
C LEU A 132 7.79 13.92 -9.04
N ALA A 133 7.26 13.08 -9.93
CA ALA A 133 7.86 12.89 -11.24
C ALA A 133 6.81 12.54 -12.29
N MET A 38 -7.93 17.86 4.20
CA MET A 38 -7.94 17.14 5.50
C MET A 38 -6.55 16.60 5.84
N LEU A 39 -6.49 15.72 6.83
CA LEU A 39 -5.22 15.13 7.25
C LEU A 39 -5.11 13.67 6.82
N THR A 40 -4.01 13.33 6.15
CA THR A 40 -3.79 11.97 5.67
C THR A 40 -3.78 10.97 6.83
N PRO A 41 -4.42 9.81 6.63
CA PRO A 41 -4.47 8.76 7.65
C PRO A 41 -3.10 8.36 8.15
N ALA A 42 -3.05 7.66 9.28
CA ALA A 42 -1.79 7.22 9.85
C ALA A 42 -1.35 5.90 9.21
N PHE A 43 -1.24 5.91 7.88
CA PHE A 43 -0.84 4.73 7.15
C PHE A 43 0.56 4.27 7.54
N ASP A 44 0.90 3.03 7.20
CA ASP A 44 2.21 2.48 7.51
C ASP A 44 2.64 1.50 6.43
N LEU A 45 3.95 1.46 6.16
CA LEU A 45 4.49 0.58 5.15
C LEU A 45 5.39 -0.49 5.77
N SER A 46 5.19 -1.73 5.35
CA SER A 46 5.96 -2.85 5.85
C SER A 46 6.31 -3.78 4.70
N GLN A 47 7.58 -4.14 4.58
CA GLN A 47 8.03 -5.00 3.50
C GLN A 47 8.88 -6.15 4.00
N ASP A 48 8.67 -7.32 3.40
CA ASP A 48 9.41 -8.51 3.74
C ASP A 48 10.30 -8.91 2.56
N PRO A 49 11.32 -9.74 2.81
CA PRO A 49 12.26 -10.19 1.77
C PRO A 49 11.59 -10.94 0.61
N ASP A 50 10.28 -11.14 0.67
CA ASP A 50 9.57 -11.84 -0.41
C ASP A 50 8.26 -11.14 -0.78
N PHE A 51 7.98 -10.00 -0.15
CA PHE A 51 6.75 -9.25 -0.42
C PHE A 51 6.78 -7.86 0.22
N LEU A 52 5.80 -7.05 -0.16
CA LEU A 52 5.66 -5.69 0.38
C LEU A 52 4.21 -5.44 0.71
N THR A 53 3.87 -5.41 2.00
CA THR A 53 2.49 -5.18 2.40
C THR A 53 2.28 -3.75 2.85
N ILE A 54 1.13 -3.20 2.53
CA ILE A 54 0.81 -1.84 2.90
C ILE A 54 -0.37 -1.80 3.87
N ALA A 55 -0.45 -0.76 4.67
CA ALA A 55 -1.51 -0.62 5.65
C ALA A 55 -2.16 0.76 5.56
N ILE A 56 -3.47 0.76 5.33
CA ILE A 56 -4.23 2.01 5.23
C ILE A 56 -5.40 1.99 6.20
N ARG A 57 -5.46 2.98 7.08
CA ARG A 57 -6.54 3.06 8.07
C ARG A 57 -7.79 3.71 7.48
N VAL A 58 -8.88 2.93 7.46
CA VAL A 58 -10.15 3.41 6.94
C VAL A 58 -11.31 2.81 7.71
N SER A 59 -12.26 3.66 8.09
CA SER A 59 -13.44 3.21 8.83
C SER A 59 -14.71 3.52 8.07
N TYR A 60 -14.71 4.63 7.34
CA TYR A 60 -15.88 5.05 6.57
C TYR A 60 -15.88 4.41 5.19
N ALA A 61 -14.76 4.58 4.46
CA ALA A 61 -14.60 4.02 3.12
C ALA A 61 -15.94 3.65 2.49
N ARG A 62 -16.67 4.66 2.03
CA ARG A 62 -17.98 4.43 1.42
C ARG A 62 -17.90 3.48 0.24
N VAL A 63 -17.13 3.84 -0.77
CA VAL A 63 -16.98 3.00 -1.95
C VAL A 63 -17.05 1.53 -1.59
N SER A 64 -17.95 0.80 -2.23
CA SER A 64 -18.13 -0.62 -1.96
C SER A 64 -16.81 -1.36 -2.15
N GLU A 65 -16.06 -0.95 -3.18
CA GLU A 65 -14.77 -1.56 -3.47
C GLU A 65 -13.69 -0.49 -3.54
N PHE A 66 -12.52 -0.79 -2.99
CA PHE A 66 -11.42 0.15 -3.02
C PHE A 66 -10.64 0.00 -4.32
N ASP A 67 -9.87 1.02 -4.67
CA ASP A 67 -9.09 0.98 -5.90
C ASP A 67 -7.59 0.95 -5.60
N VAL A 68 -6.95 -0.17 -5.92
CA VAL A 68 -5.52 -0.32 -5.69
C VAL A 68 -4.76 -0.49 -7.00
N TYR A 69 -3.90 0.46 -7.30
CA TYR A 69 -3.11 0.41 -8.53
C TYR A 69 -1.63 0.32 -8.21
N PHE A 70 -1.03 -0.81 -8.57
CA PHE A 70 0.40 -1.03 -8.32
C PHE A 70 1.12 -1.36 -9.62
N GLU A 71 2.03 -0.49 -10.02
CA GLU A 71 2.79 -0.68 -11.25
C GLU A 71 4.26 -0.31 -11.05
N GLY A 72 5.14 -1.31 -11.15
CA GLY A 72 6.56 -1.06 -10.98
C GLY A 72 6.88 -0.58 -9.58
N SER A 73 6.44 0.63 -9.27
CA SER A 73 6.67 1.22 -7.95
C SER A 73 5.64 2.31 -7.66
N ASP A 74 4.51 2.24 -8.35
CA ASP A 74 3.44 3.23 -8.19
C ASP A 74 2.21 2.61 -7.51
N PHE A 75 2.03 2.92 -6.24
CA PHE A 75 0.90 2.39 -5.48
C PHE A 75 -0.16 3.47 -5.24
N LYS A 76 -1.35 3.25 -5.80
CA LYS A 76 -2.46 4.19 -5.64
C LYS A 76 -3.65 3.53 -4.97
N PHE A 77 -4.20 4.19 -3.94
CA PHE A 77 -5.34 3.64 -3.22
C PHE A 77 -6.46 4.66 -3.05
N TYR A 78 -7.61 4.37 -3.64
CA TYR A 78 -8.77 5.26 -3.53
C TYR A 78 -9.90 4.57 -2.78
N ALA A 79 -10.18 5.05 -1.58
CA ALA A 79 -11.24 4.47 -0.75
C ALA A 79 -12.43 5.41 -0.67
N LYS A 80 -12.55 6.28 -1.68
CA LYS A 80 -13.64 7.27 -1.78
C LYS A 80 -13.17 8.63 -1.23
N PRO A 81 -13.30 8.92 0.10
CA PRO A 81 -12.85 10.18 0.64
C PRO A 81 -11.36 10.18 0.95
N TYR A 82 -10.79 8.98 0.99
CA TYR A 82 -9.38 8.83 1.29
C TYR A 82 -8.59 8.37 0.06
N PHE A 83 -7.48 9.05 -0.19
CA PHE A 83 -6.62 8.72 -1.33
C PHE A 83 -5.17 8.52 -0.86
N LEU A 84 -4.59 7.38 -1.22
CA LEU A 84 -3.22 7.07 -0.82
C LEU A 84 -2.30 6.83 -2.02
N ARG A 85 -1.37 7.74 -2.23
CA ARG A 85 -0.41 7.61 -3.32
C ARG A 85 1.01 7.56 -2.76
N LEU A 86 1.68 6.43 -2.95
CA LEU A 86 3.05 6.28 -2.45
C LEU A 86 3.94 5.58 -3.46
N THR A 87 5.21 6.01 -3.51
CA THR A 87 6.18 5.43 -4.43
C THR A 87 7.11 4.48 -3.67
N LEU A 88 7.01 3.19 -4.00
CA LEU A 88 7.82 2.17 -3.34
C LEU A 88 9.27 2.22 -3.81
N PRO A 89 10.22 2.13 -2.87
CA PRO A 89 11.66 2.17 -3.17
C PRO A 89 12.10 1.02 -4.07
N GLY A 90 11.34 -0.06 -4.09
CA GLY A 90 11.69 -1.20 -4.91
C GLY A 90 10.73 -1.44 -6.05
N ARG A 91 10.46 -2.72 -6.34
CA ARG A 91 9.55 -3.09 -7.41
C ARG A 91 8.73 -4.31 -7.01
N ILE A 92 7.44 -4.29 -7.35
CA ILE A 92 6.54 -5.39 -7.04
C ILE A 92 6.00 -6.03 -8.32
N VAL A 93 6.19 -7.34 -8.46
CA VAL A 93 5.73 -8.06 -9.64
C VAL A 93 4.23 -7.85 -9.86
N GLU A 94 3.82 -7.95 -11.12
CA GLU A 94 2.41 -7.77 -11.47
C GLU A 94 1.79 -9.10 -11.91
N ASN A 95 0.72 -9.51 -11.23
CA ASN A 95 0.03 -10.75 -11.55
C ASN A 95 -1.44 -10.68 -11.13
N GLY A 96 -1.68 -10.07 -9.97
CA GLY A 96 -3.04 -9.95 -9.48
C GLY A 96 -3.30 -10.87 -8.29
N SER A 97 -2.46 -11.88 -8.14
CA SER A 97 -2.59 -12.84 -7.05
C SER A 97 -2.48 -12.13 -5.71
N GLU A 98 -1.30 -11.58 -5.44
CA GLU A 98 -1.04 -10.85 -4.19
C GLU A 98 -1.88 -11.40 -3.03
N GLN A 99 -2.16 -10.55 -2.06
CA GLN A 99 -2.95 -10.94 -0.90
C GLN A 99 -3.59 -9.72 -0.26
N GLY A 100 -4.89 -9.81 0.01
CA GLY A 100 -5.59 -8.69 0.62
C GLY A 100 -6.50 -9.11 1.75
N SER A 101 -6.56 -8.28 2.80
CA SER A 101 -7.38 -8.55 3.96
C SER A 101 -7.65 -7.27 4.75
N TYR A 102 -8.87 -6.75 4.62
CA TYR A 102 -9.24 -5.52 5.32
C TYR A 102 -10.19 -5.81 6.48
N ASP A 103 -9.96 -5.15 7.60
CA ASP A 103 -10.80 -5.33 8.78
C ASP A 103 -11.55 -4.05 9.09
N ALA A 104 -12.87 -4.10 8.99
CA ALA A 104 -13.71 -2.95 9.27
C ALA A 104 -13.79 -2.68 10.77
N ASP A 105 -14.04 -3.74 11.54
CA ASP A 105 -14.12 -3.62 12.99
C ASP A 105 -12.87 -2.97 13.57
N LYS A 106 -11.71 -3.49 13.18
CA LYS A 106 -10.44 -2.96 13.65
C LYS A 106 -10.05 -1.71 12.87
N GLY A 107 -10.60 -1.57 11.67
CA GLY A 107 -10.30 -0.42 10.84
C GLY A 107 -8.87 -0.41 10.34
N ILE A 108 -8.53 -1.41 9.53
CA ILE A 108 -7.18 -1.51 8.97
C ILE A 108 -7.14 -2.40 7.74
N PHE A 109 -6.60 -1.86 6.65
CA PHE A 109 -6.49 -2.60 5.39
C PHE A 109 -5.04 -3.00 5.12
N THR A 110 -4.78 -4.30 5.05
CA THR A 110 -3.44 -4.79 4.81
C THR A 110 -3.39 -5.68 3.56
N ILE A 111 -2.55 -5.30 2.60
CA ILE A 111 -2.42 -6.06 1.36
C ILE A 111 -0.96 -6.35 1.03
N ARG A 112 -0.62 -7.62 0.90
CA ARG A 112 0.74 -8.03 0.57
C ARG A 112 0.94 -8.12 -0.93
N LEU A 113 2.10 -7.68 -1.39
CA LEU A 113 2.41 -7.70 -2.81
C LEU A 113 3.77 -8.36 -3.09
N PRO A 114 3.80 -9.31 -4.03
CA PRO A 114 5.02 -10.03 -4.40
C PRO A 114 6.05 -9.12 -5.07
N LYS A 115 7.33 -9.44 -4.91
CA LYS A 115 8.39 -8.63 -5.51
C LYS A 115 8.79 -9.17 -6.88
N GLU A 116 9.34 -8.28 -7.71
CA GLU A 116 9.78 -8.66 -9.04
C GLU A 116 11.03 -9.53 -8.94
N THR A 117 11.70 -9.45 -7.79
CA THR A 117 12.91 -10.23 -7.53
C THR A 117 13.00 -10.60 -6.06
N PRO A 118 13.05 -11.91 -5.77
CA PRO A 118 13.12 -12.41 -4.38
C PRO A 118 14.34 -11.88 -3.64
N GLY A 119 14.21 -11.78 -2.32
CA GLY A 119 15.31 -11.29 -1.50
C GLY A 119 15.43 -9.78 -1.54
N GLN A 120 14.60 -9.14 -2.35
CA GLN A 120 14.63 -7.69 -2.47
C GLN A 120 13.94 -7.02 -1.29
N HIS A 121 14.58 -5.97 -0.76
CA HIS A 121 14.04 -5.23 0.37
C HIS A 121 13.93 -3.75 0.06
N PHE A 122 12.71 -3.24 0.03
CA PHE A 122 12.49 -1.82 -0.27
C PHE A 122 13.03 -0.94 0.84
N GLU A 123 14.29 -0.57 0.71
CA GLU A 123 14.96 0.27 1.71
C GLU A 123 14.49 1.72 1.65
N GLY A 124 14.94 2.50 2.63
CA GLY A 124 14.60 3.91 2.69
C GLY A 124 13.14 4.22 2.43
N LEU A 125 12.24 3.33 2.82
CA LEU A 125 10.81 3.57 2.62
C LEU A 125 10.47 5.02 2.98
N ASN A 126 10.85 5.42 4.19
CA ASN A 126 10.60 6.77 4.67
C ASN A 126 11.84 7.64 4.49
N MET A 127 13.00 7.06 4.76
CA MET A 127 14.26 7.78 4.64
C MET A 127 14.70 7.88 3.18
N LEU A 128 13.84 7.44 2.27
CA LEU A 128 14.12 7.49 0.86
C LEU A 128 14.56 8.90 0.46
N THR A 129 14.89 9.10 -0.81
CA THR A 129 15.33 10.41 -1.28
C THR A 129 14.46 10.90 -2.42
N ALA A 130 14.49 12.22 -2.66
CA ALA A 130 13.70 12.81 -3.73
C ALA A 130 14.59 13.15 -4.92
N LEU A 131 14.36 12.46 -6.04
CA LEU A 131 15.14 12.68 -7.25
C LEU A 131 14.24 13.03 -8.42
N LEU A 132 14.33 14.26 -8.89
CA LEU A 132 13.52 14.71 -10.01
C LEU A 132 14.28 14.58 -11.32
N ALA A 133 13.77 13.72 -12.21
CA ALA A 133 14.41 13.51 -13.50
C ALA A 133 13.46 13.83 -14.65
N MET A 38 -10.19 15.99 3.55
CA MET A 38 -9.44 14.70 3.64
C MET A 38 -8.67 14.59 4.95
N LEU A 39 -8.86 13.48 5.65
CA LEU A 39 -8.20 13.25 6.93
C LEU A 39 -6.88 12.51 6.71
N THR A 40 -5.93 12.73 7.63
CA THR A 40 -4.63 12.10 7.55
C THR A 40 -4.53 10.92 8.53
N PRO A 41 -4.59 9.68 8.00
CA PRO A 41 -4.50 8.48 8.82
C PRO A 41 -3.07 8.09 9.17
N ALA A 42 -2.92 7.09 10.04
CA ALA A 42 -1.61 6.64 10.46
C ALA A 42 -1.22 5.35 9.72
N PHE A 43 -1.13 5.44 8.40
CA PHE A 43 -0.77 4.29 7.59
C PHE A 43 0.69 3.91 7.81
N ASP A 44 1.04 2.68 7.43
CA ASP A 44 2.41 2.20 7.60
C ASP A 44 2.77 1.21 6.49
N LEU A 45 4.05 1.20 6.13
CA LEU A 45 4.53 0.30 5.08
C LEU A 45 5.51 -0.73 5.64
N SER A 46 5.32 -1.97 5.25
CA SER A 46 6.18 -3.07 5.68
C SER A 46 6.39 -4.04 4.53
N GLN A 47 7.62 -4.47 4.34
CA GLN A 47 7.92 -5.38 3.24
C GLN A 47 8.74 -6.58 3.68
N ASP A 48 8.41 -7.74 3.11
CA ASP A 48 9.12 -8.97 3.40
C ASP A 48 10.11 -9.27 2.29
N PRO A 49 11.14 -10.08 2.57
CA PRO A 49 12.16 -10.45 1.58
C PRO A 49 11.59 -11.05 0.29
N ASP A 50 10.29 -11.34 0.27
CA ASP A 50 9.65 -11.90 -0.91
C ASP A 50 8.32 -11.21 -1.21
N PHE A 51 8.09 -10.05 -0.60
CA PHE A 51 6.86 -9.30 -0.81
C PHE A 51 6.92 -7.89 -0.22
N LEU A 52 5.90 -7.10 -0.55
CA LEU A 52 5.77 -5.74 -0.05
C LEU A 52 4.34 -5.55 0.44
N THR A 53 4.16 -5.37 1.74
CA THR A 53 2.83 -5.19 2.29
C THR A 53 2.57 -3.75 2.67
N ILE A 54 1.36 -3.28 2.36
CA ILE A 54 0.97 -1.91 2.67
C ILE A 54 -0.15 -1.91 3.71
N ALA A 55 -0.20 -0.87 4.52
CA ALA A 55 -1.23 -0.76 5.56
C ALA A 55 -1.91 0.60 5.50
N ILE A 56 -3.22 0.59 5.29
CA ILE A 56 -4.00 1.81 5.23
C ILE A 56 -5.17 1.74 6.20
N ARG A 57 -5.19 2.66 7.17
CA ARG A 57 -6.26 2.68 8.17
C ARG A 57 -7.44 3.54 7.73
N VAL A 58 -8.61 2.92 7.64
CA VAL A 58 -9.82 3.62 7.24
C VAL A 58 -11.03 3.12 8.02
N SER A 59 -11.78 4.05 8.61
CA SER A 59 -12.96 3.72 9.38
C SER A 59 -14.24 4.13 8.66
N TYR A 60 -14.50 5.44 8.62
CA TYR A 60 -15.68 5.97 7.96
C TYR A 60 -15.84 5.37 6.57
N ALA A 61 -14.78 5.47 5.77
CA ALA A 61 -14.80 4.94 4.42
C ALA A 61 -16.16 5.22 3.76
N ARG A 62 -16.24 6.31 3.01
CA ARG A 62 -17.48 6.70 2.35
C ARG A 62 -17.78 5.82 1.14
N VAL A 63 -16.95 4.80 0.92
CA VAL A 63 -17.14 3.89 -0.20
C VAL A 63 -17.17 2.44 0.27
N SER A 64 -18.15 1.68 -0.22
CA SER A 64 -18.28 0.28 0.15
C SER A 64 -17.01 -0.50 -0.20
N GLU A 65 -16.45 -0.20 -1.37
CA GLU A 65 -15.24 -0.86 -1.82
C GLU A 65 -14.19 0.17 -2.24
N PHE A 66 -12.92 -0.18 -2.05
CA PHE A 66 -11.82 0.71 -2.39
C PHE A 66 -11.21 0.34 -3.74
N ASP A 67 -10.37 1.22 -4.25
CA ASP A 67 -9.71 0.99 -5.53
C ASP A 67 -8.22 0.76 -5.32
N VAL A 68 -7.74 -0.43 -5.71
CA VAL A 68 -6.34 -0.77 -5.53
C VAL A 68 -5.65 -1.05 -6.86
N TYR A 69 -4.70 -0.21 -7.20
CA TYR A 69 -3.93 -0.37 -8.44
C TYR A 69 -2.44 -0.40 -8.11
N PHE A 70 -1.80 -1.52 -8.42
CA PHE A 70 -0.38 -1.67 -8.13
C PHE A 70 0.43 -1.93 -9.41
N GLU A 71 1.35 -1.02 -9.69
CA GLU A 71 2.21 -1.14 -10.86
C GLU A 71 3.64 -0.77 -10.48
N GLY A 72 4.45 -1.78 -10.20
CA GLY A 72 5.83 -1.52 -9.81
C GLY A 72 5.91 -0.55 -8.65
N SER A 73 6.96 0.26 -8.63
CA SER A 73 7.15 1.25 -7.58
C SER A 73 5.93 2.16 -7.42
N ASP A 74 5.04 2.14 -8.41
CA ASP A 74 3.84 2.96 -8.36
C ASP A 74 2.69 2.25 -7.64
N PHE A 75 2.26 2.82 -6.53
CA PHE A 75 1.16 2.25 -5.75
C PHE A 75 0.08 3.30 -5.50
N LYS A 76 -1.10 3.09 -6.09
CA LYS A 76 -2.20 4.03 -5.93
C LYS A 76 -3.42 3.37 -5.27
N PHE A 77 -3.95 4.04 -4.25
CA PHE A 77 -5.12 3.53 -3.54
C PHE A 77 -6.22 4.59 -3.49
N TYR A 78 -7.31 4.37 -4.23
CA TYR A 78 -8.41 5.33 -4.26
C TYR A 78 -9.62 4.79 -3.50
N ALA A 79 -9.87 5.38 -2.34
CA ALA A 79 -11.00 4.99 -1.52
C ALA A 79 -11.65 6.21 -0.90
N LYS A 80 -12.92 6.43 -1.20
CA LYS A 80 -13.64 7.58 -0.65
C LYS A 80 -12.70 8.80 -0.59
N PRO A 81 -12.98 9.85 0.20
CA PRO A 81 -12.10 11.02 0.26
C PRO A 81 -10.64 10.64 0.52
N TYR A 82 -10.44 9.42 1.00
CA TYR A 82 -9.09 8.92 1.30
C TYR A 82 -8.33 8.58 0.02
N PHE A 83 -7.28 9.36 -0.26
CA PHE A 83 -6.46 9.14 -1.45
C PHE A 83 -5.01 8.88 -1.06
N LEU A 84 -4.51 7.68 -1.36
CA LEU A 84 -3.14 7.33 -1.00
C LEU A 84 -2.30 6.99 -2.23
N ARG A 85 -1.29 7.82 -2.48
CA ARG A 85 -0.37 7.62 -3.60
C ARG A 85 1.05 7.54 -3.06
N LEU A 86 1.69 6.40 -3.22
CA LEU A 86 3.06 6.22 -2.71
C LEU A 86 3.97 5.55 -3.75
N THR A 87 5.22 6.00 -3.77
CA THR A 87 6.21 5.45 -4.68
C THR A 87 7.19 4.55 -3.92
N LEU A 88 7.03 3.24 -4.10
CA LEU A 88 7.88 2.27 -3.43
C LEU A 88 9.34 2.44 -3.85
N PRO A 89 10.27 2.20 -2.92
CA PRO A 89 11.71 2.32 -3.19
C PRO A 89 12.17 1.36 -4.29
N GLY A 90 11.40 0.30 -4.49
CA GLY A 90 11.73 -0.67 -5.51
C GLY A 90 10.59 -0.91 -6.48
N ARG A 91 10.19 -2.17 -6.63
CA ARG A 91 9.10 -2.52 -7.53
C ARG A 91 8.42 -3.81 -7.09
N ILE A 92 7.12 -3.92 -7.37
CA ILE A 92 6.37 -5.10 -7.01
C ILE A 92 5.82 -5.80 -8.25
N VAL A 93 6.16 -7.07 -8.41
CA VAL A 93 5.74 -7.84 -9.58
C VAL A 93 4.23 -7.88 -9.74
N GLU A 94 3.79 -8.01 -10.99
CA GLU A 94 2.37 -8.08 -11.32
C GLU A 94 2.07 -9.41 -12.00
N ASN A 95 1.11 -10.15 -11.44
CA ASN A 95 0.74 -11.45 -12.00
C ASN A 95 -0.49 -12.02 -11.29
N GLY A 96 -1.33 -11.15 -10.76
CA GLY A 96 -2.53 -11.60 -10.07
C GLY A 96 -2.27 -12.02 -8.64
N SER A 97 -1.09 -12.58 -8.38
CA SER A 97 -0.75 -13.02 -7.03
C SER A 97 -0.77 -11.84 -6.06
N GLU A 98 -1.62 -11.93 -5.05
CA GLU A 98 -1.73 -10.88 -4.05
C GLU A 98 -2.62 -11.33 -2.90
N GLN A 99 -2.55 -10.62 -1.79
CA GLN A 99 -3.36 -10.94 -0.62
C GLN A 99 -3.82 -9.68 0.10
N GLY A 100 -5.10 -9.65 0.46
CA GLY A 100 -5.64 -8.49 1.15
C GLY A 100 -6.61 -8.87 2.25
N SER A 101 -6.62 -8.09 3.32
CA SER A 101 -7.51 -8.34 4.45
C SER A 101 -8.09 -7.03 4.97
N TYR A 102 -9.40 -6.85 4.80
CA TYR A 102 -10.08 -5.64 5.25
C TYR A 102 -10.88 -5.89 6.52
N ASP A 103 -10.55 -5.18 7.59
CA ASP A 103 -11.24 -5.33 8.85
C ASP A 103 -12.00 -4.04 9.20
N ALA A 104 -13.33 -4.11 9.15
CA ALA A 104 -14.16 -2.96 9.45
C ALA A 104 -14.09 -2.59 10.93
N ASP A 105 -14.33 -3.57 11.79
CA ASP A 105 -14.29 -3.35 13.23
C ASP A 105 -12.93 -2.82 13.66
N LYS A 106 -11.87 -3.49 13.22
CA LYS A 106 -10.51 -3.08 13.56
C LYS A 106 -10.10 -1.83 12.77
N GLY A 107 -10.78 -1.61 11.65
CA GLY A 107 -10.47 -0.46 10.82
C GLY A 107 -9.04 -0.50 10.30
N ILE A 108 -8.74 -1.51 9.48
CA ILE A 108 -7.39 -1.65 8.93
C ILE A 108 -7.39 -2.47 7.65
N PHE A 109 -6.74 -1.95 6.62
CA PHE A 109 -6.65 -2.63 5.34
C PHE A 109 -5.19 -2.98 5.03
N THR A 110 -4.89 -4.27 5.00
CA THR A 110 -3.53 -4.73 4.71
C THR A 110 -3.49 -5.56 3.44
N ILE A 111 -2.51 -5.28 2.58
CA ILE A 111 -2.38 -6.00 1.32
C ILE A 111 -0.92 -6.34 1.00
N ARG A 112 -0.62 -7.63 0.91
CA ARG A 112 0.72 -8.09 0.58
C ARG A 112 0.86 -8.27 -0.92
N LEU A 113 2.03 -7.93 -1.44
CA LEU A 113 2.28 -8.03 -2.88
C LEU A 113 3.63 -8.68 -3.17
N PRO A 114 3.72 -9.45 -4.27
CA PRO A 114 4.95 -10.12 -4.66
C PRO A 114 5.99 -9.16 -5.24
N LYS A 115 7.26 -9.51 -5.09
CA LYS A 115 8.34 -8.66 -5.57
C LYS A 115 8.82 -9.10 -6.95
N GLU A 116 9.42 -8.17 -7.69
CA GLU A 116 9.95 -8.45 -9.02
C GLU A 116 11.39 -8.96 -8.92
N THR A 117 11.93 -8.94 -7.70
CA THR A 117 13.29 -9.39 -7.46
C THR A 117 13.48 -9.73 -5.98
N PRO A 118 13.34 -11.01 -5.62
CA PRO A 118 13.49 -11.46 -4.23
C PRO A 118 14.82 -11.02 -3.61
N GLY A 119 14.85 -10.96 -2.28
CA GLY A 119 16.06 -10.56 -1.59
C GLY A 119 16.21 -9.05 -1.51
N GLN A 120 15.30 -8.34 -2.19
CA GLN A 120 15.32 -6.88 -2.19
C GLN A 120 14.60 -6.32 -0.98
N HIS A 121 15.14 -5.25 -0.40
CA HIS A 121 14.54 -4.62 0.77
C HIS A 121 14.26 -3.15 0.53
N PHE A 122 12.98 -2.78 0.57
CA PHE A 122 12.57 -1.40 0.37
C PHE A 122 12.94 -0.55 1.59
N GLU A 123 14.13 0.06 1.54
CA GLU A 123 14.62 0.89 2.64
C GLU A 123 13.85 2.21 2.73
N GLY A 124 14.15 2.96 3.80
CA GLY A 124 13.52 4.25 4.02
C GLY A 124 12.06 4.30 3.60
N LEU A 125 11.32 3.23 3.85
CA LEU A 125 9.92 3.18 3.49
C LEU A 125 9.13 4.29 4.19
N ASN A 126 9.09 4.24 5.52
CA ASN A 126 8.37 5.25 6.29
C ASN A 126 9.28 6.45 6.59
N MET A 127 10.38 6.53 5.86
CA MET A 127 11.33 7.62 6.00
C MET A 127 11.35 8.43 4.71
N LEU A 128 11.14 7.74 3.60
CA LEU A 128 11.12 8.37 2.28
C LEU A 128 10.28 9.64 2.32
N THR A 129 10.22 10.35 1.19
CA THR A 129 9.45 11.59 1.12
C THR A 129 8.63 11.67 -0.16
N ALA A 130 7.83 12.72 -0.29
CA ALA A 130 7.00 12.92 -1.47
C ALA A 130 7.57 13.99 -2.38
N LEU A 131 7.66 13.69 -3.68
CA LEU A 131 8.19 14.63 -4.66
C LEU A 131 7.05 15.25 -5.48
N LEU A 132 7.05 16.57 -5.57
CA LEU A 132 6.02 17.28 -6.31
C LEU A 132 6.53 17.68 -7.70
N ALA A 133 5.87 17.21 -8.74
CA ALA A 133 6.26 17.52 -10.11
C ALA A 133 5.03 17.67 -11.00
#